data_9JER
#
_entry.id   9JER
#
_cell.length_a   134.692
_cell.length_b   196.484
_cell.length_c   196.783
_cell.angle_alpha   90.000
_cell.angle_beta   90.000
_cell.angle_gamma   90.000
#
_symmetry.space_group_name_H-M   'C 2 2 21'
#
loop_
_entity.id
_entity.type
_entity.pdbx_description
1 polymer 'L-tryptophan decarboxylase PsiD-like domain-containing protein'
2 polymer 'L-tryptophan decarboxylase PsiD-like domain-containing protein'
3 non-polymer DI(HYDROXYETHYL)ETHER
4 non-polymer 1,2-ETHANEDIOL
5 water water
#
loop_
_entity_poly.entity_id
_entity_poly.type
_entity_poly.pdbx_seq_one_letter_code
_entity_poly.pdbx_strand_id
1 'polypeptide(L)'
;MGSSHHHHHHSSGLVPRGSHMQSVRIIPTYIERAPGAPATGSSLHSHGHWMPENVELRRAWLSSLLDKTKAEIPRKLRDN
VENPVETFRKLIENDSTLYMLAHSMFDEVPEKAPYDRDPTTLKKQVRNYKTMLYLFNTLLTEVPEYFLRDNPNVPSGLIG
FPFNIIVDWPMGTPSGRQFFLDTRVNKCLKDILNKWNEFLKDPTAQGNGNKGGNQALIDAGWSSDAAVEQLVNKANESTT
DKKKTFSEIFQHPANGTQENFFNYACWDNFFTRRFKDGVRPVADAAVVNACESFPLSFDTDVSRRNTFWLKGTPYSLHDM
LGATQDERVASYVDGFVGGSVYQAFLSADSYHCWNAPVTGKVVYRSLIDGTYFAETAAAGFGGSNGPDPAGPDVSQRYIT
HIAARGVLIVDTNVTGGAKIGLVGFVPVGMSEVSTCDWFDNTEEGKTISKGDVIGAFHSGGS
;
A,B,C,D
2 'polypeptide(L)' (PYR)THCLIFQRDAVKKLQFIPKAQYPEIATTNLAVNSELAKLTS E,F,G,H
#
loop_
_chem_comp.id
_chem_comp.type
_chem_comp.name
_chem_comp.formula
EDO non-polymer 1,2-ETHANEDIOL 'C2 H6 O2'
PEG non-polymer DI(HYDROXYETHYL)ETHER 'C4 H10 O3'
PYR non-polymer 'PYRUVIC ACID' 'C3 H4 O3'
#
# COMPACT_ATOMS: atom_id res chain seq x y z
N VAL A 81 -33.87 -8.04 -1.57
CA VAL A 81 -34.87 -7.00 -1.79
C VAL A 81 -34.23 -5.62 -1.65
N GLU A 82 -33.11 -5.54 -0.92
CA GLU A 82 -32.44 -4.26 -0.69
C GLU A 82 -31.68 -3.82 -1.95
N ASN A 83 -31.79 -2.54 -2.26
CA ASN A 83 -30.96 -1.87 -3.26
C ASN A 83 -29.51 -2.26 -3.03
N PRO A 84 -28.84 -2.86 -4.03
CA PRO A 84 -27.44 -3.28 -3.82
C PRO A 84 -26.49 -2.11 -3.58
N VAL A 85 -26.80 -0.91 -4.04
CA VAL A 85 -25.99 0.25 -3.68
C VAL A 85 -26.13 0.53 -2.19
N GLU A 86 -27.33 0.35 -1.64
CA GLU A 86 -27.50 0.54 -0.20
C GLU A 86 -26.76 -0.53 0.58
N THR A 87 -26.76 -1.78 0.10
CA THR A 87 -25.99 -2.83 0.77
C THR A 87 -24.50 -2.47 0.80
N PHE A 88 -24.00 -1.90 -0.30
CA PHE A 88 -22.61 -1.45 -0.37
C PHE A 88 -22.33 -0.30 0.60
N ARG A 89 -23.24 0.68 0.66
CA ARG A 89 -23.10 1.76 1.64
CA ARG A 89 -23.10 1.76 1.64
C ARG A 89 -22.95 1.20 3.05
N LYS A 90 -23.81 0.26 3.42
CA LYS A 90 -23.74 -0.36 4.75
C LYS A 90 -22.42 -1.09 4.96
N LEU A 91 -21.96 -1.85 3.94
CA LEU A 91 -20.69 -2.53 4.06
C LEU A 91 -19.57 -1.54 4.40
N ILE A 92 -19.49 -0.45 3.63
CA ILE A 92 -18.46 0.56 3.84
C ILE A 92 -18.57 1.18 5.23
N GLU A 93 -19.77 1.59 5.61
CA GLU A 93 -19.94 2.35 6.84
C GLU A 93 -19.93 1.49 8.10
N ASN A 94 -20.23 0.20 7.99
CA ASN A 94 -20.28 -0.67 9.16
C ASN A 94 -19.01 -1.47 9.34
N ASP A 95 -17.95 -1.16 8.58
CA ASP A 95 -16.66 -1.81 8.77
C ASP A 95 -15.61 -0.71 8.88
N SER A 96 -14.93 -0.65 10.02
CA SER A 96 -14.00 0.45 10.27
C SER A 96 -12.88 0.48 9.25
N THR A 97 -12.36 -0.67 8.85
CA THR A 97 -11.25 -0.66 7.89
C THR A 97 -11.73 -0.22 6.50
N LEU A 98 -12.86 -0.76 6.04
CA LEU A 98 -13.38 -0.35 4.74
C LEU A 98 -13.81 1.12 4.75
N TYR A 99 -14.34 1.60 5.88
CA TYR A 99 -14.64 3.03 5.99
C TYR A 99 -13.39 3.87 5.82
N MET A 100 -12.29 3.46 6.46
CA MET A 100 -11.00 4.14 6.28
C MET A 100 -10.59 4.14 4.80
N LEU A 101 -10.58 2.96 4.19
CA LEU A 101 -10.11 2.85 2.81
C LEU A 101 -10.96 3.66 1.86
N ALA A 102 -12.28 3.71 2.11
CA ALA A 102 -13.19 4.42 1.22
C ALA A 102 -13.00 5.93 1.30
N HIS A 103 -12.35 6.45 2.35
CA HIS A 103 -11.89 7.83 2.33
C HIS A 103 -10.50 7.95 1.68
N SER A 104 -9.57 7.11 2.14
CA SER A 104 -8.18 7.25 1.70
C SER A 104 -8.01 7.03 0.21
N MET A 105 -8.82 6.17 -0.41
CA MET A 105 -8.64 5.95 -1.85
C MET A 105 -9.00 7.18 -2.66
N PHE A 106 -9.78 8.11 -2.10
CA PHE A 106 -9.96 9.40 -2.76
C PHE A 106 -8.93 10.43 -2.31
N ASP A 107 -8.60 10.47 -1.02
CA ASP A 107 -7.59 11.42 -0.52
C ASP A 107 -6.25 11.24 -1.22
N GLU A 108 -5.93 10.01 -1.61
CA GLU A 108 -4.66 9.72 -2.27
C GLU A 108 -4.65 10.10 -3.75
N VAL A 109 -5.77 10.50 -4.33
CA VAL A 109 -5.75 11.05 -5.69
C VAL A 109 -5.24 12.48 -5.61
N PRO A 110 -4.22 12.86 -6.39
CA PRO A 110 -3.72 14.25 -6.34
C PRO A 110 -4.83 15.24 -6.66
N GLU A 111 -4.76 16.41 -6.01
CA GLU A 111 -5.69 17.49 -6.33
C GLU A 111 -5.39 18.13 -7.67
N LYS A 112 -4.15 18.06 -8.13
CA LYS A 112 -3.72 18.86 -9.27
C LYS A 112 -4.10 18.22 -10.61
N ALA A 113 -4.34 19.08 -11.59
CA ALA A 113 -4.60 18.64 -12.95
C ALA A 113 -3.51 17.66 -13.42
N PRO A 114 -3.86 16.62 -14.18
CA PRO A 114 -5.19 16.33 -14.75
C PRO A 114 -6.12 15.56 -13.80
N TYR A 115 -5.72 15.30 -12.56
CA TYR A 115 -6.50 14.41 -11.71
C TYR A 115 -7.65 15.13 -11.01
N ASP A 116 -7.80 16.44 -11.21
CA ASP A 116 -9.02 17.12 -10.78
C ASP A 116 -10.22 16.72 -11.63
N ARG A 117 -10.00 16.07 -12.76
CA ARG A 117 -11.05 15.56 -13.64
C ARG A 117 -10.85 14.07 -13.85
N ASP A 118 -11.94 13.37 -14.19
CA ASP A 118 -11.86 11.95 -14.48
C ASP A 118 -11.09 11.76 -15.80
N PRO A 119 -10.74 10.53 -16.16
CA PRO A 119 -9.86 10.35 -17.34
C PRO A 119 -10.48 10.77 -18.67
N THR A 120 -11.81 10.90 -18.78
CA THR A 120 -12.37 11.43 -20.02
C THR A 120 -12.11 12.92 -20.18
N THR A 121 -11.76 13.61 -19.09
CA THR A 121 -11.59 15.06 -18.93
C THR A 121 -12.90 15.83 -19.01
N LEU A 122 -14.04 15.16 -19.10
CA LEU A 122 -15.31 15.85 -19.32
C LEU A 122 -16.00 16.26 -18.03
N LYS A 123 -15.64 15.67 -16.90
CA LYS A 123 -16.31 15.93 -15.62
C LYS A 123 -15.28 16.01 -14.51
N LYS A 124 -15.62 16.74 -13.44
CA LYS A 124 -14.77 16.76 -12.26
C LYS A 124 -14.66 15.38 -11.65
N GLN A 125 -13.48 15.08 -11.10
CA GLN A 125 -13.25 13.80 -10.45
C GLN A 125 -14.01 13.71 -9.14
N VAL A 126 -14.66 12.56 -8.91
CA VAL A 126 -15.34 12.30 -7.66
C VAL A 126 -14.32 12.15 -6.53
N ARG A 127 -14.62 12.75 -5.36
CA ARG A 127 -13.69 12.84 -4.26
CA ARG A 127 -13.66 12.78 -4.27
C ARG A 127 -14.19 12.21 -2.96
N ASN A 128 -15.36 11.57 -2.96
CA ASN A 128 -15.80 10.90 -1.74
C ASN A 128 -16.76 9.78 -2.09
N TYR A 129 -16.86 8.80 -1.19
CA TYR A 129 -17.61 7.58 -1.45
C TYR A 129 -19.11 7.80 -1.48
N LYS A 130 -19.61 8.86 -0.83
CA LYS A 130 -21.06 9.10 -0.86
C LYS A 130 -21.48 9.61 -2.23
N THR A 131 -20.71 10.53 -2.82
CA THR A 131 -20.97 10.92 -4.20
C THR A 131 -20.82 9.73 -5.13
N MET A 132 -19.81 8.89 -4.88
CA MET A 132 -19.65 7.65 -5.66
C MET A 132 -20.92 6.80 -5.60
N LEU A 133 -21.44 6.58 -4.39
CA LEU A 133 -22.64 5.75 -4.25
C LEU A 133 -23.83 6.40 -4.93
N TYR A 134 -24.00 7.71 -4.78
CA TYR A 134 -25.09 8.39 -5.46
C TYR A 134 -25.03 8.13 -6.96
N LEU A 135 -23.83 8.23 -7.54
CA LEU A 135 -23.69 8.03 -8.98
C LEU A 135 -23.90 6.56 -9.35
N PHE A 136 -23.38 5.64 -8.55
CA PHE A 136 -23.61 4.23 -8.83
C PHE A 136 -25.10 3.92 -8.88
N ASN A 137 -25.87 4.48 -7.93
CA ASN A 137 -27.31 4.23 -7.92
C ASN A 137 -27.99 4.83 -9.15
N THR A 138 -27.59 6.03 -9.53
CA THR A 138 -28.12 6.66 -10.74
CA THR A 138 -28.19 6.61 -10.73
C THR A 138 -27.83 5.79 -11.97
N LEU A 139 -26.62 5.21 -12.02
CA LEU A 139 -26.17 4.45 -13.19
C LEU A 139 -26.94 3.16 -13.39
N LEU A 140 -27.56 2.64 -12.32
CA LEU A 140 -28.36 1.43 -12.44
C LEU A 140 -29.42 1.53 -13.54
N THR A 141 -29.85 2.74 -13.89
CA THR A 141 -30.83 2.93 -14.95
C THR A 141 -30.31 3.84 -16.06
N GLU A 142 -29.05 3.64 -16.46
CA GLU A 142 -28.43 4.35 -17.56
C GLU A 142 -27.65 3.37 -18.43
N VAL A 143 -27.69 3.59 -19.74
CA VAL A 143 -26.80 2.83 -20.62
C VAL A 143 -25.52 3.67 -20.74
N PRO A 144 -24.38 3.08 -21.12
CA PRO A 144 -23.18 3.90 -21.31
C PRO A 144 -23.41 4.94 -22.39
N GLU A 145 -22.79 6.09 -22.19
CA GLU A 145 -22.92 7.22 -23.11
C GLU A 145 -21.78 7.20 -24.12
N TYR A 146 -22.12 7.42 -25.40
CA TYR A 146 -21.10 7.60 -26.43
C TYR A 146 -20.69 9.07 -26.41
N PHE A 147 -19.78 9.39 -25.49
CA PHE A 147 -19.43 10.79 -25.27
C PHE A 147 -18.54 11.35 -26.37
N LEU A 148 -18.06 10.52 -27.30
CA LEU A 148 -17.23 11.04 -28.38
C LEU A 148 -18.04 11.78 -29.44
N ARG A 149 -19.37 11.70 -29.42
CA ARG A 149 -20.16 12.42 -30.42
C ARG A 149 -19.91 13.92 -30.33
N ASP A 150 -20.12 14.50 -29.15
CA ASP A 150 -19.91 15.92 -28.95
C ASP A 150 -18.49 16.26 -28.49
N ASN A 151 -17.69 15.26 -28.13
CA ASN A 151 -16.34 15.48 -27.61
C ASN A 151 -15.37 14.54 -28.33
N PRO A 152 -15.17 14.73 -29.64
CA PRO A 152 -14.44 13.70 -30.41
C PRO A 152 -12.98 13.56 -30.03
N ASN A 153 -12.36 14.53 -29.36
CA ASN A 153 -10.91 14.52 -29.16
C ASN A 153 -10.47 14.16 -27.75
N VAL A 154 -11.38 13.81 -26.86
CA VAL A 154 -10.98 13.51 -25.49
C VAL A 154 -10.56 12.05 -25.40
N PRO A 155 -9.86 11.64 -24.35
CA PRO A 155 -9.50 10.22 -24.19
C PRO A 155 -10.73 9.32 -24.24
N SER A 156 -10.64 8.25 -25.03
CA SER A 156 -11.79 7.41 -25.33
C SER A 156 -11.67 6.02 -24.72
N GLY A 157 -10.66 5.77 -23.88
CA GLY A 157 -10.44 4.45 -23.33
C GLY A 157 -11.61 3.92 -22.52
N LEU A 158 -12.46 4.79 -21.97
CA LEU A 158 -13.51 4.34 -21.06
C LEU A 158 -14.90 4.40 -21.70
N ILE A 159 -14.98 4.50 -23.02
CA ILE A 159 -16.26 4.34 -23.70
C ILE A 159 -16.84 3.00 -23.33
N GLY A 160 -18.06 3.00 -22.77
CA GLY A 160 -18.72 1.80 -22.34
C GLY A 160 -18.67 1.54 -20.85
N PHE A 161 -17.93 2.36 -20.08
CA PHE A 161 -17.55 2.03 -18.71
C PHE A 161 -17.85 3.20 -17.77
N PRO A 162 -19.13 3.44 -17.46
CA PRO A 162 -19.44 4.60 -16.61
C PRO A 162 -19.01 4.45 -15.15
N PHE A 163 -19.07 3.23 -14.59
CA PHE A 163 -18.56 3.03 -13.24
C PHE A 163 -17.05 3.21 -13.20
N ASN A 164 -16.36 2.65 -14.19
CA ASN A 164 -14.91 2.74 -14.31
C ASN A 164 -14.44 4.20 -14.32
N ILE A 165 -15.20 5.08 -14.96
CA ILE A 165 -14.81 6.48 -15.05
C ILE A 165 -14.70 7.10 -13.67
N ILE A 166 -15.63 6.75 -12.78
CA ILE A 166 -15.67 7.32 -11.44
C ILE A 166 -14.50 6.84 -10.60
N VAL A 167 -14.14 5.56 -10.70
CA VAL A 167 -13.17 4.98 -9.78
C VAL A 167 -11.78 4.82 -10.42
N ASP A 168 -11.58 5.32 -11.64
CA ASP A 168 -10.34 5.00 -12.33
C ASP A 168 -9.11 5.55 -11.57
N TRP A 169 -9.16 6.79 -11.13
CA TRP A 169 -7.99 7.27 -10.38
C TRP A 169 -7.93 6.63 -8.99
N PRO A 170 -9.05 6.53 -8.25
CA PRO A 170 -8.99 5.79 -6.97
C PRO A 170 -8.41 4.39 -7.09
N MET A 171 -8.73 3.65 -8.17
CA MET A 171 -8.11 2.34 -8.42
C MET A 171 -6.59 2.39 -8.41
N GLY A 172 -6.02 3.54 -8.73
CA GLY A 172 -4.58 3.66 -8.85
C GLY A 172 -3.87 4.09 -7.60
N THR A 173 -4.60 4.24 -6.47
CA THR A 173 -4.00 4.58 -5.19
C THR A 173 -3.72 3.33 -4.38
N PRO A 174 -2.77 3.40 -3.44
CA PRO A 174 -2.51 2.24 -2.57
C PRO A 174 -3.73 1.78 -1.78
N SER A 175 -4.50 2.73 -1.24
CA SER A 175 -5.71 2.38 -0.50
C SER A 175 -6.79 1.86 -1.44
N GLY A 176 -6.86 2.41 -2.65
CA GLY A 176 -7.83 1.91 -3.62
C GLY A 176 -7.52 0.49 -4.06
N ARG A 177 -6.24 0.18 -4.26
CA ARG A 177 -5.87 -1.19 -4.59
CA ARG A 177 -5.89 -1.20 -4.60
C ARG A 177 -6.32 -2.16 -3.51
N GLN A 178 -6.12 -1.80 -2.25
CA GLN A 178 -6.56 -2.65 -1.15
C GLN A 178 -8.09 -2.79 -1.15
N PHE A 179 -8.78 -1.66 -1.31
CA PHE A 179 -10.25 -1.66 -1.32
C PHE A 179 -10.81 -2.59 -2.40
N PHE A 180 -10.26 -2.51 -3.61
CA PHE A 180 -10.80 -3.28 -4.73
C PHE A 180 -10.28 -4.71 -4.78
N LEU A 181 -9.45 -5.12 -3.82
CA LEU A 181 -9.12 -6.52 -3.61
C LEU A 181 -9.96 -7.17 -2.52
N ASP A 182 -10.80 -6.41 -1.81
CA ASP A 182 -11.58 -6.97 -0.71
C ASP A 182 -12.74 -7.81 -1.26
N THR A 183 -12.86 -9.05 -0.76
CA THR A 183 -13.86 -9.98 -1.30
C THR A 183 -15.28 -9.51 -1.02
N ARG A 184 -15.51 -8.86 0.12
CA ARG A 184 -16.85 -8.35 0.43
C ARG A 184 -17.21 -7.16 -0.47
N VAL A 185 -16.25 -6.26 -0.69
CA VAL A 185 -16.45 -5.19 -1.65
C VAL A 185 -16.81 -5.75 -3.01
N ASN A 186 -16.13 -6.81 -3.43
CA ASN A 186 -16.36 -7.33 -4.77
C ASN A 186 -17.69 -8.10 -4.86
N LYS A 187 -18.13 -8.73 -3.77
CA LYS A 187 -19.50 -9.27 -3.78
C LYS A 187 -20.52 -8.13 -3.95
N CYS A 188 -20.34 -7.03 -3.23
CA CYS A 188 -21.23 -5.88 -3.39
C CYS A 188 -21.18 -5.32 -4.81
N LEU A 189 -19.98 -5.18 -5.38
CA LEU A 189 -19.88 -4.71 -6.76
C LEU A 189 -20.55 -5.70 -7.71
N LYS A 190 -20.33 -7.00 -7.51
CA LYS A 190 -21.02 -7.99 -8.31
C LYS A 190 -22.52 -7.75 -8.33
N ASP A 191 -23.10 -7.56 -7.14
CA ASP A 191 -24.55 -7.37 -7.06
C ASP A 191 -25.00 -6.07 -7.71
N ILE A 192 -24.18 -5.01 -7.60
CA ILE A 192 -24.53 -3.74 -8.21
C ILE A 192 -24.48 -3.87 -9.73
N LEU A 193 -23.41 -4.46 -10.26
CA LEU A 193 -23.24 -4.55 -11.71
C LEU A 193 -24.24 -5.55 -12.32
N ASN A 194 -24.65 -6.57 -11.57
CA ASN A 194 -25.68 -7.48 -12.06
C ASN A 194 -27.06 -6.81 -12.07
N LYS A 195 -27.33 -5.97 -11.07
CA LYS A 195 -28.54 -5.14 -11.13
C LYS A 195 -28.51 -4.20 -12.33
N TRP A 196 -27.35 -3.61 -12.61
CA TRP A 196 -27.18 -2.82 -13.83
C TRP A 196 -27.50 -3.67 -15.07
N ASN A 197 -26.95 -4.88 -15.12
CA ASN A 197 -27.17 -5.74 -16.28
C ASN A 197 -28.66 -6.02 -16.49
N GLU A 198 -29.42 -6.15 -15.39
CA GLU A 198 -30.87 -6.31 -15.53
C GLU A 198 -31.47 -5.17 -16.33
N PHE A 199 -31.03 -3.94 -16.06
CA PHE A 199 -31.52 -2.79 -16.82
C PHE A 199 -31.06 -2.83 -18.27
N LEU A 200 -29.79 -3.20 -18.49
CA LEU A 200 -29.23 -3.21 -19.85
C LEU A 200 -29.88 -4.28 -20.74
N LYS A 201 -30.48 -5.30 -20.13
CA LYS A 201 -31.22 -6.36 -20.83
C LYS A 201 -32.69 -6.04 -20.98
N ASP A 202 -33.15 -4.88 -20.49
CA ASP A 202 -34.56 -4.61 -20.34
C ASP A 202 -35.05 -3.81 -21.54
N PRO A 203 -35.85 -4.39 -22.44
CA PRO A 203 -36.29 -3.63 -23.62
C PRO A 203 -37.23 -2.49 -23.30
N THR A 204 -37.71 -2.38 -22.05
CA THR A 204 -38.53 -1.24 -21.65
C THR A 204 -37.73 -0.14 -20.97
N ALA A 205 -36.45 -0.37 -20.69
CA ALA A 205 -35.64 0.59 -19.92
C ALA A 205 -36.34 0.95 -18.61
N GLN A 206 -36.74 -0.10 -17.90
CA GLN A 206 -37.46 -0.05 -16.62
C GLN A 206 -38.79 0.72 -16.75
N GLY A 207 -39.66 0.21 -17.60
CA GLY A 207 -41.03 0.68 -17.63
C GLY A 207 -41.31 1.90 -18.48
N ASN A 208 -40.48 2.18 -19.47
CA ASN A 208 -40.65 3.34 -20.34
C ASN A 208 -41.17 2.94 -21.72
N GLY A 209 -42.04 1.93 -21.77
CA GLY A 209 -42.61 1.47 -23.02
C GLY A 209 -41.76 0.44 -23.72
N ASN A 210 -42.38 -0.25 -24.69
CA ASN A 210 -41.72 -1.35 -25.38
C ASN A 210 -40.51 -0.90 -26.20
N LYS A 211 -40.35 0.39 -26.46
CA LYS A 211 -39.18 0.91 -27.16
C LYS A 211 -38.22 1.63 -26.23
N GLY A 212 -38.44 1.57 -24.93
CA GLY A 212 -37.62 2.34 -24.00
C GLY A 212 -36.15 1.97 -24.10
N GLY A 213 -35.86 0.67 -24.17
CA GLY A 213 -34.48 0.24 -24.25
C GLY A 213 -33.80 0.73 -25.52
N ASN A 214 -34.50 0.69 -26.65
CA ASN A 214 -33.97 1.22 -27.90
C ASN A 214 -33.75 2.73 -27.82
N GLN A 215 -34.72 3.46 -27.27
CA GLN A 215 -34.62 4.92 -27.22
C GLN A 215 -33.44 5.35 -26.36
N ALA A 216 -33.20 4.63 -25.24
CA ALA A 216 -32.05 4.96 -24.39
C ALA A 216 -30.75 4.91 -25.17
N LEU A 217 -30.63 3.96 -26.11
CA LEU A 217 -29.42 3.86 -26.93
C LEU A 217 -29.28 5.09 -27.83
N ILE A 218 -30.39 5.51 -28.45
CA ILE A 218 -30.35 6.67 -29.32
C ILE A 218 -30.05 7.94 -28.52
N ASP A 219 -30.69 8.10 -27.36
CA ASP A 219 -30.43 9.27 -26.52
C ASP A 219 -28.98 9.34 -26.10
N ALA A 220 -28.34 8.18 -25.90
CA ALA A 220 -26.95 8.10 -25.46
C ALA A 220 -25.96 8.29 -26.61
N GLY A 221 -26.42 8.53 -27.84
CA GLY A 221 -25.55 8.92 -28.93
C GLY A 221 -25.07 7.80 -29.82
N TRP A 222 -25.58 6.59 -29.65
CA TRP A 222 -25.04 5.43 -30.36
C TRP A 222 -25.46 5.35 -31.81
N SER A 223 -26.51 6.08 -32.21
CA SER A 223 -26.89 6.12 -33.62
C SER A 223 -26.24 7.29 -34.36
N SER A 224 -25.32 8.00 -33.72
CA SER A 224 -24.62 9.09 -34.40
C SER A 224 -23.71 8.55 -35.49
N ASP A 225 -23.43 9.38 -36.50
CA ASP A 225 -22.44 9.02 -37.51
C ASP A 225 -21.13 8.58 -36.86
N ALA A 226 -20.71 9.29 -35.80
CA ALA A 226 -19.41 9.00 -35.20
C ALA A 226 -19.37 7.59 -34.62
N ALA A 227 -20.41 7.20 -33.86
CA ALA A 227 -20.44 5.87 -33.26
C ALA A 227 -20.55 4.79 -34.33
N VAL A 228 -21.48 4.95 -35.27
CA VAL A 228 -21.72 3.91 -36.26
C VAL A 228 -20.51 3.73 -37.16
N GLU A 229 -19.90 4.84 -37.61
CA GLU A 229 -18.68 4.72 -38.39
C GLU A 229 -17.58 4.02 -37.60
N GLN A 230 -17.44 4.35 -36.32
CA GLN A 230 -16.45 3.68 -35.48
C GLN A 230 -16.70 2.17 -35.44
N LEU A 231 -17.96 1.76 -35.25
CA LEU A 231 -18.27 0.33 -35.19
C LEU A 231 -18.02 -0.36 -36.51
N VAL A 232 -18.36 0.31 -37.61
CA VAL A 232 -18.13 -0.26 -38.93
C VAL A 232 -16.64 -0.35 -39.22
N ASN A 233 -15.91 0.74 -38.95
CA ASN A 233 -14.46 0.73 -39.19
C ASN A 233 -13.78 -0.36 -38.38
N LYS A 234 -14.14 -0.50 -37.10
CA LYS A 234 -13.49 -1.51 -36.26
C LYS A 234 -13.73 -2.91 -36.80
N ALA A 235 -14.95 -3.19 -37.27
CA ALA A 235 -15.23 -4.51 -37.83
C ALA A 235 -14.42 -4.73 -39.10
N ASN A 236 -14.27 -3.69 -39.93
CA ASN A 236 -13.56 -3.81 -41.19
C ASN A 236 -12.05 -3.93 -41.04
N GLU A 237 -11.49 -3.52 -39.91
CA GLU A 237 -10.04 -3.46 -39.82
C GLU A 237 -9.40 -4.85 -39.80
N SER A 238 -10.17 -5.89 -39.48
CA SER A 238 -9.60 -7.22 -39.32
C SER A 238 -9.72 -8.10 -40.57
N THR A 239 -10.28 -7.57 -41.67
CA THR A 239 -10.58 -8.38 -42.85
CA THR A 239 -10.55 -8.39 -42.84
C THR A 239 -10.30 -7.57 -44.11
N THR A 240 -10.03 -8.30 -45.20
CA THR A 240 -9.95 -7.67 -46.51
C THR A 240 -11.32 -7.52 -47.17
N ASP A 241 -12.31 -8.31 -46.73
CA ASP A 241 -13.67 -8.25 -47.25
C ASP A 241 -14.45 -7.19 -46.47
N LYS A 242 -14.15 -5.93 -46.79
CA LYS A 242 -14.72 -4.80 -46.07
C LYS A 242 -16.12 -4.47 -46.56
N LYS A 243 -17.02 -4.17 -45.61
CA LYS A 243 -18.38 -3.80 -45.93
C LYS A 243 -18.60 -2.31 -45.69
N LYS A 244 -19.50 -1.72 -46.46
CA LYS A 244 -19.78 -0.30 -46.37
C LYS A 244 -20.72 0.05 -45.22
N THR A 245 -21.65 -0.82 -44.85
CA THR A 245 -22.70 -0.45 -43.90
C THR A 245 -22.74 -1.42 -42.73
N PHE A 246 -23.17 -0.89 -41.57
CA PHE A 246 -23.34 -1.70 -40.38
C PHE A 246 -24.22 -2.91 -40.65
N SER A 247 -25.30 -2.73 -41.43
CA SER A 247 -26.25 -3.82 -41.64
C SER A 247 -25.69 -4.95 -42.47
N GLU A 248 -24.64 -4.72 -43.27
CA GLU A 248 -24.00 -5.85 -43.94
C GLU A 248 -23.11 -6.66 -43.03
N ILE A 249 -22.77 -6.15 -41.85
CA ILE A 249 -21.78 -6.77 -40.98
C ILE A 249 -22.44 -7.52 -39.84
N PHE A 250 -23.38 -6.87 -39.16
CA PHE A 250 -23.95 -7.40 -37.92
C PHE A 250 -25.43 -7.68 -38.06
N GLN A 251 -25.87 -8.77 -37.43
CA GLN A 251 -27.30 -9.07 -37.34
C GLN A 251 -28.01 -8.11 -36.39
N HIS A 252 -29.19 -7.65 -36.80
CA HIS A 252 -30.00 -6.79 -35.96
C HIS A 252 -31.46 -6.99 -36.33
N PRO A 253 -32.40 -6.49 -35.52
CA PRO A 253 -33.82 -6.78 -35.78
C PRO A 253 -34.32 -6.15 -37.09
N ALA A 254 -35.46 -6.67 -37.52
CA ALA A 254 -36.07 -6.28 -38.79
C ALA A 254 -36.36 -4.79 -38.83
N ASN A 255 -36.29 -4.23 -40.04
CA ASN A 255 -36.52 -2.81 -40.30
C ASN A 255 -35.51 -1.91 -39.58
N GLY A 256 -34.36 -2.45 -39.20
CA GLY A 256 -33.35 -1.66 -38.55
C GLY A 256 -32.64 -0.75 -39.54
N THR A 257 -32.42 0.50 -39.13
CA THR A 257 -31.69 1.51 -39.88
C THR A 257 -30.79 2.25 -38.89
N GLN A 258 -29.88 3.09 -39.40
CA GLN A 258 -29.09 3.89 -38.48
C GLN A 258 -29.98 4.77 -37.62
N GLU A 259 -31.05 5.34 -38.21
CA GLU A 259 -31.88 6.29 -37.49
C GLU A 259 -32.57 5.67 -36.27
N ASN A 260 -32.94 4.38 -36.33
CA ASN A 260 -33.54 3.72 -35.18
C ASN A 260 -32.56 2.82 -34.44
N PHE A 261 -31.26 3.09 -34.58
CA PHE A 261 -30.16 2.27 -34.08
C PHE A 261 -30.43 0.78 -34.32
N PHE A 262 -30.79 0.48 -35.57
CA PHE A 262 -30.92 -0.87 -36.09
C PHE A 262 -31.97 -1.68 -35.34
N ASN A 263 -32.87 -0.97 -34.65
CA ASN A 263 -33.93 -1.54 -33.84
C ASN A 263 -33.40 -2.49 -32.76
N TYR A 264 -32.14 -2.34 -32.34
CA TYR A 264 -31.68 -3.11 -31.18
C TYR A 264 -32.57 -2.79 -29.98
N ALA A 265 -33.10 -3.84 -29.35
CA ALA A 265 -34.12 -3.65 -28.32
C ALA A 265 -33.55 -3.12 -27.01
N CYS A 266 -32.26 -3.33 -26.76
CA CYS A 266 -31.63 -2.93 -25.51
C CYS A 266 -30.12 -3.00 -25.70
N TRP A 267 -29.40 -2.36 -24.77
CA TRP A 267 -27.94 -2.38 -24.82
C TRP A 267 -27.39 -3.80 -24.93
N ASP A 268 -27.92 -4.73 -24.13
CA ASP A 268 -27.35 -6.08 -24.09
C ASP A 268 -27.37 -6.73 -25.47
N ASN A 269 -28.47 -6.57 -26.21
CA ASN A 269 -28.56 -7.13 -27.56
C ASN A 269 -27.58 -6.46 -28.52
N PHE A 270 -27.42 -5.14 -28.42
CA PHE A 270 -26.39 -4.48 -29.20
C PHE A 270 -25.01 -4.99 -28.83
N PHE A 271 -24.73 -5.06 -27.53
CA PHE A 271 -23.39 -5.43 -27.06
C PHE A 271 -22.99 -6.82 -27.53
N THR A 272 -23.90 -7.78 -27.46
CA THR A 272 -23.62 -9.17 -27.82
C THR A 272 -24.10 -9.51 -29.23
N ARG A 273 -24.17 -8.52 -30.11
CA ARG A 273 -24.64 -8.74 -31.48
C ARG A 273 -23.77 -9.79 -32.19
N ARG A 274 -24.39 -10.50 -33.13
CA ARG A 274 -23.73 -11.51 -33.93
C ARG A 274 -23.35 -10.95 -35.30
N PHE A 275 -22.30 -11.52 -35.88
CA PHE A 275 -21.98 -11.25 -37.26
C PHE A 275 -23.00 -11.90 -38.18
N LYS A 276 -23.28 -11.25 -39.31
CA LYS A 276 -24.07 -11.88 -40.37
C LYS A 276 -23.33 -13.09 -40.95
N ASP A 277 -24.10 -14.03 -41.48
CA ASP A 277 -23.53 -15.25 -42.07
C ASP A 277 -22.50 -14.87 -43.12
N GLY A 278 -21.39 -15.61 -43.15
CA GLY A 278 -20.34 -15.39 -44.13
C GLY A 278 -19.41 -14.22 -43.88
N VAL A 279 -19.72 -13.34 -42.92
CA VAL A 279 -18.85 -12.19 -42.66
C VAL A 279 -17.59 -12.61 -41.90
N ARG A 280 -17.65 -13.69 -41.11
CA ARG A 280 -16.49 -14.25 -40.42
C ARG A 280 -16.41 -15.74 -40.73
N PRO A 281 -15.94 -16.09 -41.93
CA PRO A 281 -15.88 -17.50 -42.31
C PRO A 281 -14.87 -18.28 -41.47
N VAL A 282 -15.20 -19.53 -41.18
CA VAL A 282 -14.33 -20.36 -40.35
C VAL A 282 -13.18 -20.88 -41.21
N ALA A 283 -11.94 -20.65 -40.74
CA ALA A 283 -10.76 -21.00 -41.49
C ALA A 283 -10.50 -22.51 -41.41
N ASP A 284 -9.75 -23.03 -42.39
CA ASP A 284 -9.44 -24.46 -42.42
C ASP A 284 -8.49 -24.89 -41.30
N ALA A 285 -7.72 -23.95 -40.75
CA ALA A 285 -6.70 -24.25 -39.76
C ALA A 285 -7.26 -24.95 -38.53
N ALA A 286 -6.41 -25.74 -37.89
CA ALA A 286 -6.82 -26.50 -36.71
C ALA A 286 -7.28 -25.59 -35.58
N VAL A 287 -6.70 -24.39 -35.46
CA VAL A 287 -7.04 -23.45 -34.39
C VAL A 287 -7.43 -22.12 -35.01
N VAL A 288 -8.59 -21.60 -34.61
CA VAL A 288 -9.05 -20.31 -35.09
C VAL A 288 -9.17 -19.38 -33.89
N ASN A 289 -9.27 -18.08 -34.19
CA ASN A 289 -9.43 -17.07 -33.17
C ASN A 289 -10.79 -17.19 -32.50
N ALA A 290 -10.78 -17.23 -31.17
CA ALA A 290 -12.01 -17.38 -30.40
C ALA A 290 -12.74 -16.06 -30.22
N CYS A 291 -12.01 -14.95 -30.21
CA CYS A 291 -12.59 -13.63 -30.08
C CYS A 291 -12.08 -12.73 -31.18
N GLU A 292 -12.93 -11.78 -31.58
CA GLU A 292 -12.54 -10.62 -32.38
C GLU A 292 -11.68 -9.74 -31.49
N SER A 293 -10.35 -9.83 -31.61
CA SER A 293 -9.52 -9.40 -30.50
C SER A 293 -8.12 -9.01 -30.96
N PHE A 294 -7.44 -8.25 -30.12
CA PHE A 294 -6.16 -7.62 -30.44
C PHE A 294 -5.05 -8.34 -29.70
N PRO A 295 -4.09 -8.97 -30.38
CA PRO A 295 -3.06 -9.74 -29.68
C PRO A 295 -2.36 -8.91 -28.60
N LEU A 296 -2.15 -9.52 -27.45
CA LEU A 296 -1.51 -8.93 -26.29
C LEU A 296 -0.21 -9.63 -25.91
N SER A 297 -0.24 -10.94 -25.70
CA SER A 297 0.90 -11.68 -25.21
C SER A 297 0.91 -13.07 -25.80
N PHE A 298 2.10 -13.63 -25.95
CA PHE A 298 2.25 -15.06 -26.26
C PHE A 298 3.44 -15.57 -25.46
N ASP A 299 3.18 -16.44 -24.49
CA ASP A 299 4.20 -16.92 -23.57
C ASP A 299 4.38 -18.42 -23.77
N THR A 300 5.63 -18.86 -23.91
CA THR A 300 5.90 -20.28 -24.01
C THR A 300 6.51 -20.81 -22.71
N ASP A 301 6.38 -22.13 -22.51
CA ASP A 301 7.02 -22.83 -21.40
C ASP A 301 6.58 -22.25 -20.05
N VAL A 302 5.26 -22.17 -19.85
CA VAL A 302 4.75 -21.52 -18.64
C VAL A 302 4.77 -22.50 -17.46
N SER A 303 4.80 -21.94 -16.26
CA SER A 303 4.99 -22.71 -15.03
C SER A 303 3.67 -23.13 -14.40
N ARG A 304 3.76 -24.15 -13.54
CA ARG A 304 2.59 -24.60 -12.80
CA ARG A 304 2.59 -24.60 -12.79
C ARG A 304 1.99 -23.47 -11.96
N ARG A 305 2.84 -22.75 -11.23
CA ARG A 305 2.44 -21.59 -10.45
C ARG A 305 3.61 -20.62 -10.50
N ASN A 306 3.32 -19.32 -10.44
CA ASN A 306 4.40 -18.37 -10.61
C ASN A 306 4.05 -17.07 -9.88
N THR A 307 5.06 -16.20 -9.78
CA THR A 307 4.95 -14.92 -9.08
C THR A 307 4.28 -13.90 -9.99
N PHE A 308 2.97 -14.08 -10.18
CA PHE A 308 2.25 -13.24 -11.14
C PHE A 308 2.22 -11.76 -10.72
N TRP A 309 2.60 -11.44 -9.48
CA TRP A 309 2.59 -10.06 -9.01
C TRP A 309 3.86 -9.29 -9.32
N LEU A 310 4.89 -9.96 -9.82
CA LEU A 310 6.15 -9.28 -10.13
C LEU A 310 6.08 -8.61 -11.50
N LYS A 311 7.01 -7.67 -11.74
CA LYS A 311 6.98 -6.89 -12.97
C LYS A 311 6.99 -7.82 -14.18
N GLY A 312 6.20 -7.47 -15.18
CA GLY A 312 6.03 -8.32 -16.33
C GLY A 312 4.97 -9.39 -16.18
N THR A 313 4.53 -9.68 -14.95
CA THR A 313 3.40 -10.57 -14.69
C THR A 313 3.58 -11.93 -15.36
N PRO A 314 4.49 -12.78 -14.91
CA PRO A 314 4.55 -14.14 -15.45
C PRO A 314 3.24 -14.85 -15.15
N TYR A 315 2.77 -15.64 -16.11
CA TYR A 315 1.51 -16.34 -15.92
C TYR A 315 1.63 -17.43 -14.87
N SER A 316 0.56 -17.60 -14.10
CA SER A 316 0.50 -18.62 -13.04
C SER A 316 -0.73 -19.48 -13.30
N LEU A 317 -0.53 -20.64 -13.94
CA LEU A 317 -1.65 -21.52 -14.30
C LEU A 317 -2.50 -21.89 -13.09
N HIS A 318 -1.85 -22.27 -12.00
CA HIS A 318 -2.60 -22.70 -10.81
C HIS A 318 -3.61 -21.65 -10.38
N ASP A 319 -3.20 -20.39 -10.39
CA ASP A 319 -4.07 -19.29 -10.00
C ASP A 319 -5.08 -18.95 -11.09
N MET A 320 -4.61 -18.86 -12.34
CA MET A 320 -5.49 -18.45 -13.44
CA MET A 320 -5.47 -18.48 -13.47
C MET A 320 -6.67 -19.42 -13.57
N LEU A 321 -6.42 -20.71 -13.53
CA LEU A 321 -7.45 -21.71 -13.78
C LEU A 321 -8.26 -22.05 -12.54
N GLY A 322 -7.92 -21.47 -11.39
CA GLY A 322 -8.72 -21.67 -10.21
C GLY A 322 -8.46 -22.95 -9.45
N ALA A 323 -7.28 -23.56 -9.61
CA ALA A 323 -6.93 -24.72 -8.81
C ALA A 323 -6.84 -24.39 -7.32
N THR A 324 -6.71 -23.10 -7.00
CA THR A 324 -6.81 -22.66 -5.62
C THR A 324 -8.09 -23.15 -4.97
N GLN A 325 -9.21 -23.12 -5.70
CA GLN A 325 -10.51 -23.40 -5.12
C GLN A 325 -11.26 -24.57 -5.73
N ASP A 326 -10.70 -25.23 -6.76
CA ASP A 326 -11.34 -26.43 -7.32
C ASP A 326 -10.24 -27.45 -7.62
N GLU A 327 -10.14 -28.50 -6.80
CA GLU A 327 -9.15 -29.52 -7.04
CA GLU A 327 -9.13 -29.52 -7.05
C GLU A 327 -9.38 -30.26 -8.36
N ARG A 328 -10.60 -30.19 -8.91
CA ARG A 328 -10.89 -30.92 -10.14
CA ARG A 328 -10.93 -30.88 -10.15
C ARG A 328 -10.12 -30.34 -11.32
N VAL A 329 -9.75 -29.05 -11.28
CA VAL A 329 -8.98 -28.48 -12.38
C VAL A 329 -7.48 -28.73 -12.21
N ALA A 330 -7.04 -29.28 -11.08
CA ALA A 330 -5.61 -29.36 -10.81
C ALA A 330 -4.89 -30.24 -11.82
N SER A 331 -5.54 -31.33 -12.27
CA SER A 331 -4.88 -32.16 -13.27
C SER A 331 -4.67 -31.41 -14.57
N TYR A 332 -5.57 -30.49 -14.92
CA TYR A 332 -5.40 -29.72 -16.15
C TYR A 332 -4.27 -28.71 -16.02
N VAL A 333 -4.11 -28.12 -14.83
CA VAL A 333 -2.93 -27.30 -14.57
C VAL A 333 -1.67 -28.09 -14.84
N ASP A 334 -1.58 -29.29 -14.27
CA ASP A 334 -0.38 -30.11 -14.46
C ASP A 334 -0.15 -30.37 -15.95
N GLY A 335 -1.21 -30.68 -16.69
CA GLY A 335 -1.09 -30.95 -18.11
C GLY A 335 -0.72 -29.75 -18.96
N PHE A 336 -0.88 -28.53 -18.44
CA PHE A 336 -0.48 -27.34 -19.17
C PHE A 336 0.92 -26.86 -18.79
N VAL A 337 1.58 -27.49 -17.82
CA VAL A 337 2.93 -27.09 -17.45
C VAL A 337 3.83 -27.26 -18.67
N GLY A 338 4.60 -26.21 -18.97
CA GLY A 338 5.42 -26.21 -20.17
C GLY A 338 4.69 -25.77 -21.41
N GLY A 339 3.38 -25.57 -21.34
CA GLY A 339 2.60 -25.14 -22.48
C GLY A 339 2.71 -23.65 -22.76
N SER A 340 1.84 -23.19 -23.65
CA SER A 340 1.86 -21.80 -24.07
C SER A 340 0.53 -21.13 -23.74
N VAL A 341 0.62 -19.85 -23.38
CA VAL A 341 -0.53 -19.00 -23.09
C VAL A 341 -0.56 -17.85 -24.09
N TYR A 342 -1.66 -17.70 -24.80
CA TYR A 342 -1.88 -16.58 -25.70
C TYR A 342 -2.99 -15.71 -25.14
N GLN A 343 -2.81 -14.39 -25.19
CA GLN A 343 -3.82 -13.47 -24.63
C GLN A 343 -4.11 -12.35 -25.60
N ALA A 344 -5.38 -11.96 -25.69
CA ALA A 344 -5.78 -10.91 -26.62
C ALA A 344 -6.97 -10.14 -26.05
N PHE A 345 -7.08 -8.87 -26.44
CA PHE A 345 -7.94 -7.87 -25.83
C PHE A 345 -9.12 -7.55 -26.74
N LEU A 346 -10.32 -7.45 -26.14
CA LEU A 346 -11.54 -7.07 -26.85
C LEU A 346 -11.92 -5.63 -26.51
N SER A 347 -11.90 -4.74 -27.49
CA SER A 347 -12.26 -3.35 -27.28
C SER A 347 -13.78 -3.19 -27.20
N ALA A 348 -14.20 -2.03 -26.68
CA ALA A 348 -15.63 -1.80 -26.50
C ALA A 348 -16.38 -1.78 -27.82
N ASP A 349 -15.72 -1.39 -28.91
CA ASP A 349 -16.37 -1.34 -30.21
C ASP A 349 -16.15 -2.61 -31.03
N SER A 350 -15.66 -3.68 -30.41
CA SER A 350 -15.51 -4.98 -31.07
C SER A 350 -16.69 -5.90 -30.73
N TYR A 351 -16.88 -6.88 -31.62
CA TYR A 351 -17.70 -8.06 -31.32
C TYR A 351 -17.29 -8.68 -29.98
N HIS A 352 -18.30 -9.01 -29.16
CA HIS A 352 -18.08 -9.48 -27.79
C HIS A 352 -18.48 -10.92 -27.55
N CYS A 353 -18.91 -11.67 -28.56
CA CYS A 353 -19.22 -13.06 -28.31
C CYS A 353 -17.97 -13.92 -28.41
N TRP A 354 -18.11 -15.19 -28.02
CA TRP A 354 -17.03 -16.16 -28.04
C TRP A 354 -17.33 -17.28 -29.02
N ASN A 355 -16.35 -17.63 -29.84
CA ASN A 355 -16.47 -18.72 -30.79
C ASN A 355 -15.46 -19.82 -30.48
N ALA A 356 -15.84 -21.06 -30.74
CA ALA A 356 -15.01 -22.20 -30.39
C ALA A 356 -13.69 -22.16 -31.17
N PRO A 357 -12.55 -22.13 -30.48
CA PRO A 357 -11.28 -22.05 -31.22
C PRO A 357 -10.88 -23.37 -31.86
N VAL A 358 -11.38 -24.50 -31.33
CA VAL A 358 -11.07 -25.83 -31.83
C VAL A 358 -12.33 -26.67 -31.74
N THR A 359 -12.33 -27.78 -32.47
CA THR A 359 -13.35 -28.82 -32.33
C THR A 359 -12.92 -29.82 -31.26
N GLY A 360 -13.84 -30.17 -30.37
CA GLY A 360 -13.53 -31.17 -29.38
C GLY A 360 -14.64 -31.31 -28.35
N LYS A 361 -14.37 -32.17 -27.38
CA LYS A 361 -15.30 -32.47 -26.30
C LYS A 361 -14.94 -31.65 -25.06
N VAL A 362 -15.93 -30.95 -24.51
CA VAL A 362 -15.71 -30.17 -23.29
C VAL A 362 -15.48 -31.12 -22.13
N VAL A 363 -14.33 -30.99 -21.47
CA VAL A 363 -14.01 -31.84 -20.32
C VAL A 363 -14.05 -31.10 -18.99
N TYR A 364 -14.09 -29.76 -19.01
CA TYR A 364 -14.13 -28.99 -17.77
C TYR A 364 -14.70 -27.62 -18.09
N ARG A 365 -15.59 -27.13 -17.22
CA ARG A 365 -16.11 -25.78 -17.39
C ARG A 365 -16.34 -25.17 -16.02
N SER A 366 -15.92 -23.91 -15.83
CA SER A 366 -16.11 -23.25 -14.54
C SER A 366 -16.36 -21.76 -14.76
N LEU A 367 -16.93 -21.16 -13.72
CA LEU A 367 -16.97 -19.72 -13.53
C LEU A 367 -16.31 -19.42 -12.20
N ILE A 368 -15.53 -18.32 -12.15
CA ILE A 368 -14.73 -17.98 -10.98
C ILE A 368 -15.06 -16.54 -10.58
N ASP A 369 -15.54 -16.35 -9.35
CA ASP A 369 -15.75 -15.00 -8.82
C ASP A 369 -14.41 -14.33 -8.57
N GLY A 370 -14.39 -13.01 -8.71
CA GLY A 370 -13.16 -12.30 -8.41
C GLY A 370 -13.32 -10.80 -8.44
N THR A 371 -12.27 -10.10 -8.85
CA THR A 371 -12.24 -8.65 -8.79
C THR A 371 -12.90 -8.03 -10.02
N TYR A 372 -13.05 -6.70 -9.97
CA TYR A 372 -13.55 -5.88 -11.08
C TYR A 372 -12.63 -4.73 -11.41
N PHE A 373 -12.16 -4.03 -10.38
CA PHE A 373 -11.38 -2.80 -10.54
C PHE A 373 -10.01 -2.95 -9.88
N ALA A 374 -9.50 -4.17 -9.81
CA ALA A 374 -8.15 -4.41 -9.30
C ALA A 374 -7.13 -4.29 -10.44
N GLU A 375 -6.12 -3.45 -10.22
CA GLU A 375 -5.04 -3.26 -11.19
C GLU A 375 -3.70 -3.30 -10.46
N THR A 376 -2.60 -3.34 -11.22
CA THR A 376 -1.27 -3.47 -10.60
C THR A 376 -0.82 -2.17 -9.96
N ALA A 377 0.16 -2.30 -9.07
CA ALA A 377 0.84 -1.13 -8.55
C ALA A 377 1.56 -0.36 -9.66
N ALA A 378 2.13 -1.07 -10.64
CA ALA A 378 2.76 -0.36 -11.76
C ALA A 378 1.77 0.49 -12.52
N ALA A 379 0.49 0.10 -12.53
CA ALA A 379 -0.57 0.83 -13.21
C ALA A 379 -1.14 1.96 -12.36
N GLY A 380 -0.65 2.19 -11.14
CA GLY A 380 -1.18 3.21 -10.26
C GLY A 380 -0.30 4.44 -10.18
N PHE A 381 -0.72 5.37 -9.32
CA PHE A 381 0.04 6.59 -9.09
C PHE A 381 1.43 6.23 -8.58
N GLY A 382 2.45 6.89 -9.15
CA GLY A 382 3.82 6.54 -8.85
C GLY A 382 4.32 5.27 -9.48
N GLY A 383 3.48 4.57 -10.26
CA GLY A 383 3.89 3.31 -10.87
C GLY A 383 4.68 3.52 -12.16
N SER A 384 5.45 2.49 -12.52
CA SER A 384 6.28 2.58 -13.72
C SER A 384 5.46 2.66 -15.00
N ASN A 385 4.15 2.38 -14.93
CA ASN A 385 3.30 2.52 -16.10
C ASN A 385 1.93 3.04 -15.68
N GLY A 386 1.91 4.00 -14.74
CA GLY A 386 0.69 4.48 -14.13
C GLY A 386 0.67 5.98 -13.91
N PRO A 387 -0.50 6.52 -13.53
CA PRO A 387 -1.77 5.80 -13.34
C PRO A 387 -2.46 5.53 -14.67
N ASP A 388 -2.98 4.31 -14.84
CA ASP A 388 -3.70 3.93 -16.06
C ASP A 388 -4.98 4.74 -16.21
N PRO A 389 -5.14 5.52 -17.29
CA PRO A 389 -6.40 6.26 -17.51
C PRO A 389 -7.59 5.35 -17.85
N ALA A 390 -7.34 4.07 -18.08
CA ALA A 390 -8.40 3.12 -18.37
C ALA A 390 -8.06 1.77 -17.72
N GLY A 391 -7.78 1.78 -16.42
CA GLY A 391 -7.54 0.55 -15.71
C GLY A 391 -8.73 -0.37 -15.83
N PRO A 392 -8.50 -1.69 -15.93
CA PRO A 392 -7.21 -2.39 -15.84
C PRO A 392 -6.53 -2.67 -17.20
N ASP A 393 -6.62 -1.75 -18.15
CA ASP A 393 -6.03 -1.93 -19.49
C ASP A 393 -4.60 -2.48 -19.43
N VAL A 394 -3.71 -1.79 -18.71
CA VAL A 394 -2.30 -2.19 -18.76
C VAL A 394 -2.04 -3.28 -17.72
N SER A 395 -3.09 -3.79 -17.08
CA SER A 395 -2.98 -4.86 -16.09
C SER A 395 -3.61 -6.17 -16.57
N GLN A 396 -3.74 -6.37 -17.88
CA GLN A 396 -4.53 -7.49 -18.38
C GLN A 396 -3.94 -8.85 -18.03
N ARG A 397 -2.60 -8.98 -18.01
CA ARG A 397 -2.02 -10.24 -17.60
C ARG A 397 -2.29 -10.51 -16.12
N TYR A 398 -2.19 -9.47 -15.31
CA TYR A 398 -2.38 -9.60 -13.87
C TYR A 398 -3.79 -10.10 -13.53
N ILE A 399 -4.80 -9.48 -14.13
CA ILE A 399 -6.18 -9.79 -13.76
C ILE A 399 -6.62 -11.18 -14.21
N THR A 400 -5.87 -11.84 -15.10
CA THR A 400 -6.23 -13.23 -15.40
C THR A 400 -6.14 -14.12 -14.18
N HIS A 401 -5.47 -13.65 -13.12
CA HIS A 401 -5.28 -14.44 -11.92
C HIS A 401 -6.29 -14.13 -10.82
N ILE A 402 -7.06 -13.05 -10.94
CA ILE A 402 -7.92 -12.61 -9.84
C ILE A 402 -9.28 -12.07 -10.27
N ALA A 403 -9.46 -11.74 -11.54
CA ALA A 403 -10.72 -11.12 -11.94
C ALA A 403 -11.82 -12.18 -12.10
N ALA A 404 -13.07 -11.73 -11.98
CA ALA A 404 -14.21 -12.56 -12.41
C ALA A 404 -13.92 -13.10 -13.80
N ARG A 405 -14.06 -14.42 -13.97
CA ARG A 405 -13.61 -15.04 -15.22
C ARG A 405 -14.26 -16.42 -15.36
N GLY A 406 -13.92 -17.12 -16.44
CA GLY A 406 -14.37 -18.48 -16.65
C GLY A 406 -13.29 -19.33 -17.28
N VAL A 407 -13.49 -20.64 -17.21
CA VAL A 407 -12.55 -21.62 -17.72
C VAL A 407 -13.29 -22.67 -18.54
N LEU A 408 -12.79 -22.95 -19.74
CA LEU A 408 -13.28 -24.04 -20.58
C LEU A 408 -12.09 -24.85 -21.06
N ILE A 409 -12.16 -26.17 -20.92
CA ILE A 409 -11.08 -27.06 -21.35
C ILE A 409 -11.67 -28.04 -22.35
N VAL A 410 -11.11 -28.08 -23.56
CA VAL A 410 -11.65 -28.86 -24.66
C VAL A 410 -10.64 -29.95 -25.02
N ASP A 411 -11.11 -31.19 -25.12
CA ASP A 411 -10.29 -32.31 -25.56
C ASP A 411 -10.43 -32.45 -27.07
N THR A 412 -9.34 -32.18 -27.80
CA THR A 412 -9.32 -32.31 -29.25
C THR A 412 -8.86 -33.68 -29.72
N ASN A 413 -8.50 -34.58 -28.80
CA ASN A 413 -8.10 -35.94 -29.15
C ASN A 413 -9.34 -36.83 -29.26
N VAL A 414 -10.23 -36.44 -30.16
CA VAL A 414 -11.49 -37.13 -30.37
C VAL A 414 -11.77 -37.16 -31.88
N THR A 415 -12.76 -37.97 -32.27
CA THR A 415 -13.15 -38.04 -33.66
C THR A 415 -13.59 -36.66 -34.15
N GLY A 416 -13.07 -36.25 -35.31
CA GLY A 416 -13.28 -34.92 -35.82
C GLY A 416 -12.38 -33.84 -35.23
N GLY A 417 -11.63 -34.13 -34.16
CA GLY A 417 -10.74 -33.15 -33.59
C GLY A 417 -9.36 -33.13 -34.25
N ALA A 418 -8.64 -32.04 -34.02
CA ALA A 418 -7.32 -31.87 -34.63
C ALA A 418 -6.23 -32.70 -33.95
N LYS A 419 -6.55 -33.38 -32.85
CA LYS A 419 -5.58 -34.21 -32.13
C LYS A 419 -4.41 -33.38 -31.60
N ILE A 420 -4.71 -32.22 -31.04
CA ILE A 420 -3.68 -31.39 -30.41
C ILE A 420 -3.88 -31.35 -28.90
N GLY A 421 -4.39 -32.45 -28.33
CA GLY A 421 -4.54 -32.54 -26.89
C GLY A 421 -5.62 -31.61 -26.34
N LEU A 422 -5.37 -31.09 -25.13
CA LEU A 422 -6.32 -30.26 -24.42
C LEU A 422 -6.05 -28.80 -24.69
N VAL A 423 -7.10 -28.04 -25.00
CA VAL A 423 -7.01 -26.61 -25.26
C VAL A 423 -7.88 -25.89 -24.24
N GLY A 424 -7.33 -24.83 -23.64
CA GLY A 424 -8.05 -24.04 -22.64
C GLY A 424 -8.45 -22.69 -23.21
N PHE A 425 -9.61 -22.21 -22.77
CA PHE A 425 -10.13 -20.90 -23.16
C PHE A 425 -10.57 -20.22 -21.87
N VAL A 426 -9.92 -19.09 -21.55
CA VAL A 426 -10.17 -18.39 -20.27
C VAL A 426 -10.61 -16.96 -20.56
N PRO A 427 -11.91 -16.71 -20.70
CA PRO A 427 -12.40 -15.32 -20.76
C PRO A 427 -12.31 -14.67 -19.39
N VAL A 428 -11.86 -13.42 -19.38
CA VAL A 428 -11.52 -12.70 -18.15
C VAL A 428 -12.20 -11.34 -18.19
N GLY A 429 -12.97 -11.02 -17.15
CA GLY A 429 -13.64 -9.74 -17.10
C GLY A 429 -12.69 -8.57 -16.92
N MET A 430 -13.16 -7.40 -17.33
CA MET A 430 -12.46 -6.14 -17.07
C MET A 430 -13.51 -5.15 -16.62
N SER A 431 -13.39 -4.65 -15.40
CA SER A 431 -14.24 -3.55 -14.90
C SER A 431 -15.70 -3.99 -15.03
N GLU A 432 -16.60 -3.15 -15.53
CA GLU A 432 -18.00 -3.56 -15.57
C GLU A 432 -18.36 -4.33 -16.85
N VAL A 433 -17.37 -4.83 -17.58
CA VAL A 433 -17.65 -5.86 -18.59
C VAL A 433 -17.10 -7.17 -18.04
N SER A 434 -17.84 -7.79 -17.13
CA SER A 434 -17.31 -8.93 -16.40
C SER A 434 -18.29 -10.09 -16.30
N THR A 435 -19.45 -10.01 -16.95
CA THR A 435 -20.39 -11.13 -17.01
C THR A 435 -19.87 -12.14 -18.03
N CYS A 436 -19.44 -13.30 -17.54
CA CYS A 436 -18.94 -14.38 -18.38
C CYS A 436 -20.09 -15.37 -18.60
N ASP A 437 -20.61 -15.42 -19.82
CA ASP A 437 -21.85 -16.14 -20.14
C ASP A 437 -21.50 -17.35 -21.03
N TRP A 438 -21.41 -18.54 -20.43
CA TRP A 438 -21.23 -19.76 -21.23
C TRP A 438 -22.57 -20.19 -21.78
N PHE A 439 -22.64 -20.41 -23.10
CA PHE A 439 -23.88 -20.95 -23.67
C PHE A 439 -24.00 -22.44 -23.33
N ASP A 440 -25.25 -22.95 -23.40
CA ASP A 440 -25.49 -24.34 -23.00
C ASP A 440 -24.76 -25.35 -23.89
N ASN A 441 -24.34 -24.96 -25.09
CA ASN A 441 -23.61 -25.92 -25.90
C ASN A 441 -22.21 -26.22 -25.38
N THR A 442 -21.77 -25.57 -24.29
CA THR A 442 -20.45 -25.83 -23.71
C THR A 442 -20.52 -26.71 -22.47
N GLU A 443 -21.69 -27.27 -22.16
CA GLU A 443 -21.80 -28.14 -21.00
C GLU A 443 -20.79 -29.27 -21.09
N GLU A 444 -20.23 -29.65 -19.94
CA GLU A 444 -19.25 -30.71 -19.91
C GLU A 444 -19.84 -31.98 -20.50
N GLY A 445 -19.12 -32.59 -21.43
CA GLY A 445 -19.59 -33.76 -22.12
C GLY A 445 -20.10 -33.50 -23.52
N LYS A 446 -20.43 -32.25 -23.84
CA LYS A 446 -20.82 -31.91 -25.20
C LYS A 446 -19.60 -31.69 -26.07
N THR A 447 -19.78 -31.90 -27.38
CA THR A 447 -18.78 -31.61 -28.38
C THR A 447 -19.11 -30.28 -29.03
N ILE A 448 -18.13 -29.39 -29.13
CA ILE A 448 -18.30 -28.14 -29.85
C ILE A 448 -17.52 -28.23 -31.14
N SER A 449 -18.00 -27.51 -32.15
CA SER A 449 -17.34 -27.42 -33.44
C SER A 449 -16.64 -26.08 -33.56
N LYS A 450 -15.42 -26.12 -34.10
CA LYS A 450 -14.65 -24.94 -34.41
C LYS A 450 -15.50 -23.88 -35.11
N GLY A 451 -15.52 -22.66 -34.56
CA GLY A 451 -16.32 -21.60 -35.11
C GLY A 451 -17.70 -21.43 -34.51
N ASP A 452 -18.22 -22.42 -33.78
CA ASP A 452 -19.51 -22.28 -33.11
C ASP A 452 -19.48 -21.14 -32.09
N VAL A 453 -20.55 -20.35 -32.05
CA VAL A 453 -20.69 -19.37 -30.98
C VAL A 453 -20.94 -20.10 -29.67
N ILE A 454 -20.10 -19.86 -28.67
CA ILE A 454 -20.13 -20.63 -27.43
C ILE A 454 -20.37 -19.80 -26.18
N GLY A 455 -20.44 -18.48 -26.29
CA GLY A 455 -20.69 -17.65 -25.14
C GLY A 455 -20.51 -16.18 -25.47
N ALA A 456 -20.48 -15.36 -24.43
CA ALA A 456 -20.28 -13.93 -24.66
C ALA A 456 -19.94 -13.22 -23.36
N PHE A 457 -19.19 -12.12 -23.47
CA PHE A 457 -19.13 -11.11 -22.44
C PHE A 457 -20.41 -10.28 -22.47
N HIS A 458 -20.88 -9.87 -21.29
CA HIS A 458 -21.91 -8.84 -21.17
C HIS A 458 -21.40 -7.75 -20.22
N SER A 459 -21.83 -6.52 -20.46
CA SER A 459 -21.74 -5.50 -19.41
C SER A 459 -22.51 -5.98 -18.19
N GLY A 460 -21.85 -6.01 -17.04
CA GLY A 460 -22.41 -6.58 -15.85
C GLY A 460 -21.33 -7.20 -14.98
N GLY A 461 -21.79 -7.87 -13.93
CA GLY A 461 -20.89 -8.43 -12.93
C GLY A 461 -20.59 -9.91 -13.07
C PYR B 1 -11.41 -8.36 -22.54
O PYR B 1 -10.83 -7.76 -23.45
CA PYR B 1 -12.81 -7.78 -22.20
O3 PYR B 1 -13.34 -7.02 -22.97
CB PYR B 1 -13.46 -8.19 -20.90
N THR B 2 -10.92 -9.51 -21.85
CA THR B 2 -9.65 -10.00 -22.33
C THR B 2 -9.77 -11.53 -22.24
N HIS B 3 -8.88 -12.29 -22.87
CA HIS B 3 -9.02 -13.74 -22.79
C HIS B 3 -7.69 -14.42 -23.09
N CYS B 4 -7.55 -15.62 -22.58
CA CYS B 4 -6.39 -16.46 -22.86
C CYS B 4 -6.82 -17.71 -23.58
N LEU B 5 -5.96 -18.20 -24.47
CA LEU B 5 -6.02 -19.57 -24.97
C LEU B 5 -4.75 -20.27 -24.53
N ILE B 6 -4.90 -21.52 -24.07
CA ILE B 6 -3.82 -22.28 -23.45
C ILE B 6 -3.61 -23.58 -24.22
N PHE B 7 -2.37 -23.88 -24.54
CA PHE B 7 -2.03 -25.05 -25.34
C PHE B 7 -0.98 -25.88 -24.62
N GLN B 8 -1.04 -27.19 -24.83
CA GLN B 8 -0.09 -28.09 -24.19
C GLN B 8 1.26 -28.09 -24.90
N ARG B 9 2.30 -28.42 -24.14
CA ARG B 9 3.67 -28.41 -24.65
C ARG B 9 3.81 -29.24 -25.92
N ASP B 10 3.31 -30.48 -25.88
CA ASP B 10 3.46 -31.36 -27.06
C ASP B 10 2.63 -30.87 -28.24
N ALA B 11 1.52 -30.19 -27.98
CA ALA B 11 0.72 -29.66 -29.08
C ALA B 11 1.39 -28.47 -29.75
N VAL B 12 2.05 -27.60 -28.97
CA VAL B 12 2.74 -26.46 -29.54
C VAL B 12 3.86 -26.90 -30.48
N LYS B 13 4.45 -28.07 -30.23
CA LYS B 13 5.45 -28.61 -31.16
C LYS B 13 4.86 -28.85 -32.54
N LYS B 14 3.55 -29.13 -32.63
CA LYS B 14 2.89 -29.49 -33.87
C LYS B 14 2.21 -28.32 -34.55
N LEU B 15 2.27 -27.11 -34.00
CA LEU B 15 1.45 -26.00 -34.43
C LEU B 15 2.31 -24.84 -34.91
N GLN B 16 1.85 -24.15 -35.96
CA GLN B 16 2.43 -22.91 -36.43
C GLN B 16 1.41 -21.80 -36.18
N PHE B 17 1.71 -20.92 -35.22
CA PHE B 17 0.85 -19.78 -34.97
C PHE B 17 1.15 -18.67 -35.96
N ILE B 18 0.12 -17.89 -36.29
CA ILE B 18 0.30 -16.73 -37.15
C ILE B 18 1.19 -15.72 -36.42
N PRO B 19 2.02 -14.98 -37.16
CA PRO B 19 2.97 -14.06 -36.49
C PRO B 19 2.31 -12.96 -35.68
N LYS B 20 1.18 -12.41 -36.16
CA LYS B 20 0.53 -11.33 -35.41
C LYS B 20 0.14 -11.77 -34.02
N ALA B 21 -0.16 -13.05 -33.83
CA ALA B 21 -0.48 -13.57 -32.51
C ALA B 21 0.76 -14.00 -31.73
N GLN B 22 1.71 -14.66 -32.39
CA GLN B 22 2.88 -15.14 -31.67
C GLN B 22 3.82 -14.00 -31.28
N TYR B 23 3.80 -12.90 -32.04
CA TYR B 23 4.66 -11.74 -31.80
C TYR B 23 3.78 -10.49 -31.70
N PRO B 24 3.05 -10.36 -30.59
CA PRO B 24 1.93 -9.39 -30.54
C PRO B 24 2.32 -7.95 -30.78
N GLU B 25 3.56 -7.55 -30.48
CA GLU B 25 3.94 -6.16 -30.71
CA GLU B 25 3.94 -6.16 -30.71
C GLU B 25 3.79 -5.76 -32.18
N ILE B 26 3.78 -6.73 -33.11
CA ILE B 26 3.65 -6.36 -34.52
C ILE B 26 2.21 -6.11 -34.93
N ALA B 27 1.23 -6.48 -34.10
CA ALA B 27 -0.16 -6.37 -34.48
C ALA B 27 -0.61 -4.92 -34.46
N THR B 28 -1.40 -4.53 -35.47
CA THR B 28 -1.96 -3.19 -35.55
C THR B 28 -3.48 -3.15 -35.54
N THR B 29 -4.15 -4.29 -35.66
CA THR B 29 -5.61 -4.37 -35.72
C THR B 29 -6.08 -5.59 -34.95
N ASN B 30 -7.40 -5.68 -34.75
CA ASN B 30 -8.01 -6.94 -34.33
C ASN B 30 -7.64 -8.06 -35.29
N LEU B 31 -7.55 -9.27 -34.76
CA LEU B 31 -7.68 -10.47 -35.56
C LEU B 31 -9.16 -10.80 -35.69
N ALA B 32 -9.56 -11.28 -36.87
CA ALA B 32 -10.96 -11.62 -37.11
C ALA B 32 -11.32 -12.93 -36.42
N VAL B 33 -12.42 -12.94 -35.66
CA VAL B 33 -12.89 -14.18 -35.09
C VAL B 33 -13.13 -15.18 -36.23
N ASN B 34 -12.88 -16.45 -35.94
CA ASN B 34 -13.04 -17.63 -36.77
C ASN B 34 -11.90 -17.76 -37.78
N SER B 35 -11.03 -16.76 -37.90
CA SER B 35 -9.93 -16.83 -38.85
C SER B 35 -8.76 -17.58 -38.24
N GLU B 36 -7.81 -17.94 -39.11
CA GLU B 36 -6.69 -18.77 -38.68
C GLU B 36 -5.93 -18.15 -37.52
N LEU B 37 -5.69 -18.97 -36.49
CA LEU B 37 -4.76 -18.65 -35.41
C LEU B 37 -3.53 -19.55 -35.42
N ALA B 38 -3.71 -20.86 -35.60
CA ALA B 38 -2.58 -21.79 -35.68
C ALA B 38 -2.95 -22.94 -36.59
N LYS B 39 -1.97 -23.46 -37.33
CA LYS B 39 -2.20 -24.61 -38.19
C LYS B 39 -1.25 -25.74 -37.85
N LEU B 40 -1.69 -26.96 -38.14
CA LEU B 40 -0.83 -28.12 -37.98
C LEU B 40 0.31 -28.08 -38.99
N THR B 41 1.49 -28.49 -38.54
CA THR B 41 2.65 -28.60 -39.42
C THR B 41 2.99 -30.05 -39.71
N VAL C 81 55.96 -22.09 -21.85
CA VAL C 81 54.59 -21.60 -21.79
C VAL C 81 54.55 -20.24 -21.11
N GLU C 82 53.70 -19.35 -21.62
CA GLU C 82 53.67 -17.98 -21.17
C GLU C 82 53.07 -17.89 -19.76
N ASN C 83 53.66 -17.01 -18.95
CA ASN C 83 53.06 -16.59 -17.68
C ASN C 83 51.59 -16.23 -17.90
N PRO C 84 50.65 -16.88 -17.20
CA PRO C 84 49.22 -16.59 -17.44
C PRO C 84 48.81 -15.18 -17.04
N VAL C 85 49.53 -14.55 -16.12
CA VAL C 85 49.26 -13.13 -15.85
C VAL C 85 49.65 -12.28 -17.04
N GLU C 86 50.73 -12.64 -17.74
CA GLU C 86 51.11 -11.92 -18.95
CA GLU C 86 51.08 -11.88 -18.93
C GLU C 86 50.12 -12.15 -20.07
N THR C 87 49.57 -13.37 -20.16
CA THR C 87 48.52 -13.62 -21.15
C THR C 87 47.31 -12.74 -20.86
N PHE C 88 46.97 -12.57 -19.59
CA PHE C 88 45.87 -11.71 -19.18
C PHE C 88 46.16 -10.25 -19.52
N ARG C 89 47.38 -9.80 -19.26
CA ARG C 89 47.77 -8.43 -19.65
CA ARG C 89 47.78 -8.44 -19.65
C ARG C 89 47.54 -8.20 -21.14
N LYS C 90 47.98 -9.13 -21.98
CA LYS C 90 47.81 -8.96 -23.42
C LYS C 90 46.34 -8.98 -23.81
N LEU C 91 45.53 -9.81 -23.17
CA LEU C 91 44.09 -9.80 -23.46
C LEU C 91 43.51 -8.41 -23.22
N ILE C 92 43.79 -7.85 -22.05
CA ILE C 92 43.24 -6.54 -21.68
C ILE C 92 43.71 -5.47 -22.66
N GLU C 93 45.03 -5.43 -22.92
CA GLU C 93 45.60 -4.34 -23.70
C GLU C 93 45.34 -4.46 -25.20
N ASN C 94 45.10 -5.66 -25.71
CA ASN C 94 44.91 -5.86 -27.15
C ASN C 94 43.45 -5.93 -27.55
N ASP C 95 42.54 -5.59 -26.64
CA ASP C 95 41.11 -5.51 -26.93
C ASP C 95 40.60 -4.16 -26.46
N SER C 96 40.15 -3.32 -27.38
CA SER C 96 39.76 -1.96 -27.02
C SER C 96 38.67 -1.94 -25.96
N THR C 97 37.68 -2.83 -26.07
CA THR C 97 36.59 -2.83 -25.10
C THR C 97 37.08 -3.30 -23.73
N LEU C 98 37.83 -4.40 -23.68
CA LEU C 98 38.34 -4.85 -22.39
C LEU C 98 39.30 -3.83 -21.80
N TYR C 99 40.07 -3.14 -22.65
CA TYR C 99 40.96 -2.07 -22.14
C TYR C 99 40.15 -0.98 -21.46
N MET C 100 39.05 -0.56 -22.09
CA MET C 100 38.11 0.40 -21.49
C MET C 100 37.56 -0.12 -20.16
N LEU C 101 37.05 -1.34 -20.13
CA LEU C 101 36.42 -1.86 -18.91
C LEU C 101 37.44 -2.01 -17.79
N ALA C 102 38.67 -2.39 -18.12
CA ALA C 102 39.70 -2.55 -17.11
C ALA C 102 40.10 -1.23 -16.49
N HIS C 103 39.76 -0.10 -17.11
CA HIS C 103 39.90 1.18 -16.44
C HIS C 103 38.64 1.55 -15.66
N SER C 104 37.48 1.46 -16.33
CA SER C 104 36.23 1.93 -15.75
C SER C 104 35.86 1.16 -14.49
N MET C 105 36.20 -0.13 -14.40
CA MET C 105 35.81 -0.89 -13.22
C MET C 105 36.54 -0.44 -11.96
N PHE C 106 37.67 0.27 -12.13
CA PHE C 106 38.31 0.95 -11.01
C PHE C 106 37.81 2.38 -10.84
N ASP C 107 37.65 3.11 -11.96
CA ASP C 107 37.13 4.47 -11.90
C ASP C 107 35.78 4.52 -11.20
N GLU C 108 34.99 3.46 -11.31
CA GLU C 108 33.64 3.47 -10.77
C GLU C 108 33.59 3.15 -9.28
N VAL C 109 34.70 2.74 -8.69
CA VAL C 109 34.77 2.58 -7.23
C VAL C 109 34.87 3.96 -6.60
N PRO C 110 34.03 4.31 -5.62
CA PRO C 110 34.12 5.64 -5.01
C PRO C 110 35.49 5.87 -4.38
N GLU C 111 35.91 7.14 -4.39
CA GLU C 111 37.18 7.49 -3.74
C GLU C 111 37.03 7.52 -2.22
N LYS C 112 35.83 7.78 -1.72
CA LYS C 112 35.63 8.07 -0.31
C LYS C 112 35.61 6.81 0.54
N ALA C 113 36.09 6.94 1.78
CA ALA C 113 36.01 5.84 2.74
C ALA C 113 34.59 5.29 2.80
N PRO C 114 34.41 3.97 2.99
CA PRO C 114 35.47 2.98 3.26
C PRO C 114 36.12 2.44 1.99
N TYR C 115 35.77 2.96 0.81
CA TYR C 115 36.20 2.37 -0.44
C TYR C 115 37.60 2.79 -0.88
N ASP C 116 38.25 3.68 -0.13
CA ASP C 116 39.67 3.92 -0.34
C ASP C 116 40.54 2.76 0.13
N ARG C 117 39.97 1.82 0.89
CA ARG C 117 40.66 0.61 1.30
C ARG C 117 39.86 -0.61 0.83
N ASP C 118 40.54 -1.75 0.72
CA ASP C 118 39.87 -2.99 0.34
C ASP C 118 38.94 -3.42 1.49
N PRO C 119 38.08 -4.41 1.28
CA PRO C 119 37.08 -4.73 2.32
C PRO C 119 37.69 -5.20 3.64
N THR C 120 38.95 -5.66 3.67
CA THR C 120 39.54 -6.01 4.96
C THR C 120 39.85 -4.78 5.81
N THR C 121 39.88 -3.60 5.18
CA THR C 121 40.29 -2.29 5.71
C THR C 121 41.79 -2.21 5.98
N LEU C 122 42.55 -3.26 5.66
CA LEU C 122 43.96 -3.31 6.04
C LEU C 122 44.88 -2.69 5.00
N LYS C 123 44.45 -2.56 3.75
CA LYS C 123 45.29 -2.03 2.69
C LYS C 123 44.49 -1.05 1.84
N LYS C 124 45.21 -0.14 1.20
CA LYS C 124 44.59 0.74 0.21
C LYS C 124 44.00 -0.07 -0.95
N GLN C 125 42.86 0.39 -1.46
CA GLN C 125 42.22 -0.24 -2.60
C GLN C 125 43.04 -0.03 -3.87
N VAL C 126 43.26 -1.12 -4.61
CA VAL C 126 43.88 -1.04 -5.93
C VAL C 126 42.97 -0.25 -6.86
N ARG C 127 43.59 0.63 -7.68
CA ARG C 127 42.87 1.57 -8.53
CA ARG C 127 42.83 1.53 -8.53
C ARG C 127 43.21 1.45 -10.01
N ASN C 128 44.05 0.50 -10.42
CA ASN C 128 44.31 0.35 -11.85
C ASN C 128 44.71 -1.09 -12.15
N TYR C 129 44.54 -1.47 -13.42
CA TYR C 129 44.69 -2.88 -13.77
C TYR C 129 46.15 -3.32 -13.77
N LYS C 130 47.09 -2.39 -13.98
CA LYS C 130 48.50 -2.78 -13.97
C LYS C 130 48.96 -3.16 -12.57
N THR C 131 48.56 -2.40 -11.56
CA THR C 131 48.81 -2.82 -10.18
C THR C 131 48.13 -4.15 -9.89
N MET C 132 46.90 -4.32 -10.38
CA MET C 132 46.21 -5.59 -10.18
C MET C 132 47.02 -6.75 -10.74
N LEU C 133 47.54 -6.58 -11.96
CA LEU C 133 48.31 -7.65 -12.60
C LEU C 133 49.61 -7.92 -11.83
N TYR C 134 50.27 -6.85 -11.38
CA TYR C 134 51.48 -7.05 -10.56
C TYR C 134 51.17 -7.89 -9.33
N LEU C 135 50.09 -7.57 -8.63
CA LEU C 135 49.75 -8.32 -7.42
C LEU C 135 49.32 -9.75 -7.75
N PHE C 136 48.54 -9.93 -8.82
CA PHE C 136 48.16 -11.29 -9.22
C PHE C 136 49.39 -12.14 -9.46
N ASN C 137 50.40 -11.58 -10.14
CA ASN C 137 51.63 -12.33 -10.39
C ASN C 137 52.34 -12.69 -9.09
N THR C 138 52.43 -11.75 -8.14
CA THR C 138 53.06 -12.07 -6.86
C THR C 138 52.26 -13.12 -6.09
N LEU C 139 50.94 -13.09 -6.20
CA LEU C 139 50.11 -14.03 -5.47
C LEU C 139 50.26 -15.47 -5.99
N LEU C 140 50.74 -15.66 -7.22
CA LEU C 140 50.99 -17.02 -7.73
C LEU C 140 51.90 -17.83 -6.82
N THR C 141 52.72 -17.18 -6.00
CA THR C 141 53.55 -17.89 -5.03
C THR C 141 53.31 -17.40 -3.60
N GLU C 142 52.04 -17.17 -3.26
CA GLU C 142 51.63 -16.84 -1.90
C GLU C 142 50.47 -17.74 -1.47
N VAL C 143 50.48 -18.15 -0.20
CA VAL C 143 49.31 -18.80 0.40
C VAL C 143 48.45 -17.69 1.02
N PRO C 144 47.15 -17.92 1.19
CA PRO C 144 46.33 -16.89 1.84
C PRO C 144 46.84 -16.61 3.25
N GLU C 145 46.75 -15.34 3.63
CA GLU C 145 47.22 -14.89 4.93
C GLU C 145 46.07 -14.93 5.93
N TYR C 146 46.36 -15.45 7.13
CA TYR C 146 45.37 -15.39 8.21
C TYR C 146 45.51 -14.03 8.89
N PHE C 147 44.89 -13.00 8.30
CA PHE C 147 45.16 -11.64 8.76
C PHE C 147 44.45 -11.30 10.06
N LEU C 148 43.59 -12.19 10.57
CA LEU C 148 42.91 -11.94 11.84
C LEU C 148 43.83 -12.09 13.05
N ARG C 149 45.03 -12.66 12.90
CA ARG C 149 45.92 -12.81 14.05
C ARG C 149 46.28 -11.46 14.64
N ASP C 150 46.82 -10.57 13.82
CA ASP C 150 47.22 -9.23 14.28
C ASP C 150 46.10 -8.21 14.17
N ASN C 151 45.01 -8.54 13.50
CA ASN C 151 43.89 -7.62 13.29
C ASN C 151 42.59 -8.35 13.58
N PRO C 152 42.34 -8.70 14.85
CA PRO C 152 41.21 -9.58 15.16
C PRO C 152 39.84 -8.99 14.85
N ASN C 153 39.72 -7.67 14.74
CA ASN C 153 38.40 -7.05 14.69
C ASN C 153 38.01 -6.52 13.32
N VAL C 154 38.77 -6.82 12.26
CA VAL C 154 38.44 -6.30 10.94
C VAL C 154 37.51 -7.29 10.22
N PRO C 155 36.82 -6.88 9.15
CA PRO C 155 35.96 -7.84 8.43
C PRO C 155 36.76 -9.05 7.95
N SER C 156 36.17 -10.23 8.15
CA SER C 156 36.85 -11.50 7.95
C SER C 156 36.33 -12.31 6.76
N GLY C 157 35.36 -11.77 6.03
CA GLY C 157 34.73 -12.52 4.95
C GLY C 157 35.66 -12.99 3.85
N LEU C 158 36.83 -12.36 3.69
CA LEU C 158 37.73 -12.71 2.61
C LEU C 158 38.98 -13.45 3.10
N ILE C 159 38.96 -13.97 4.32
CA ILE C 159 39.99 -14.91 4.78
C ILE C 159 40.04 -16.06 3.79
N GLY C 160 41.22 -16.30 3.20
CA GLY C 160 41.37 -17.33 2.19
C GLY C 160 41.39 -16.85 0.76
N PHE C 161 41.12 -15.57 0.51
CA PHE C 161 40.82 -15.08 -0.85
C PHE C 161 41.63 -13.84 -1.18
N PRO C 162 42.92 -13.98 -1.48
CA PRO C 162 43.73 -12.77 -1.76
C PRO C 162 43.41 -12.11 -3.09
N PHE C 163 43.09 -12.86 -4.14
CA PHE C 163 42.67 -12.23 -5.39
C PHE C 163 41.37 -11.48 -5.20
N ASN C 164 40.40 -12.10 -4.51
CA ASN C 164 39.09 -11.52 -4.24
C ASN C 164 39.22 -10.17 -3.54
N ILE C 165 40.21 -10.05 -2.64
CA ILE C 165 40.39 -8.79 -1.90
C ILE C 165 40.64 -7.64 -2.86
N ILE C 166 41.45 -7.88 -3.88
CA ILE C 166 41.85 -6.82 -4.82
C ILE C 166 40.66 -6.35 -5.64
N VAL C 167 39.80 -7.28 -6.08
CA VAL C 167 38.78 -6.99 -7.09
C VAL C 167 37.39 -6.87 -6.49
N ASP C 168 37.26 -6.93 -5.16
CA ASP C 168 35.92 -7.01 -4.57
C ASP C 168 35.08 -5.77 -4.87
N TRP C 169 35.64 -4.57 -4.64
CA TRP C 169 34.86 -3.39 -4.99
C TRP C 169 34.69 -3.26 -6.52
N PRO C 170 35.73 -3.43 -7.34
CA PRO C 170 35.51 -3.44 -8.80
C PRO C 170 34.42 -4.42 -9.26
N MET C 171 34.30 -5.58 -8.58
CA MET C 171 33.23 -6.54 -8.87
C MET C 171 31.85 -5.92 -8.75
N GLY C 172 31.71 -4.91 -7.90
CA GLY C 172 30.44 -4.29 -7.61
C GLY C 172 30.09 -3.11 -8.49
N THR C 173 30.90 -2.84 -9.52
CA THR C 173 30.65 -1.73 -10.43
C THR C 173 30.00 -2.23 -11.70
N PRO C 174 29.27 -1.36 -12.41
CA PRO C 174 28.68 -1.80 -13.68
C PRO C 174 29.71 -2.27 -14.70
N SER C 175 30.83 -1.57 -14.85
CA SER C 175 31.86 -2.03 -15.78
C SER C 175 32.55 -3.28 -15.28
N GLY C 176 32.77 -3.38 -13.96
CA GLY C 176 33.33 -4.60 -13.40
C GLY C 176 32.45 -5.82 -13.60
N ARG C 177 31.13 -5.65 -13.43
CA ARG C 177 30.23 -6.76 -13.70
CA ARG C 177 30.23 -6.76 -13.70
C ARG C 177 30.36 -7.22 -15.14
N GLN C 178 30.45 -6.29 -16.09
CA GLN C 178 30.63 -6.67 -17.48
C GLN C 178 31.97 -7.37 -17.68
N PHE C 179 33.05 -6.78 -17.16
CA PHE C 179 34.38 -7.36 -17.27
C PHE C 179 34.40 -8.81 -16.79
N PHE C 180 33.82 -9.07 -15.62
CA PHE C 180 33.92 -10.40 -15.03
C PHE C 180 32.89 -11.38 -15.58
N LEU C 181 32.09 -10.98 -16.56
CA LEU C 181 31.27 -11.92 -17.33
C LEU C 181 31.90 -12.27 -18.67
N ASP C 182 33.04 -11.68 -19.03
CA ASP C 182 33.63 -11.92 -20.34
C ASP C 182 34.29 -13.30 -20.38
N THR C 183 33.97 -14.10 -21.40
CA THR C 183 34.45 -15.46 -21.40
C THR C 183 35.96 -15.54 -21.56
N ARG C 184 36.56 -14.61 -22.31
CA ARG C 184 38.02 -14.64 -22.46
CA ARG C 184 38.02 -14.61 -22.46
C ARG C 184 38.70 -14.21 -21.16
N VAL C 185 38.12 -13.23 -20.46
CA VAL C 185 38.62 -12.85 -19.15
C VAL C 185 38.60 -14.06 -18.21
N ASN C 186 37.51 -14.81 -18.24
CA ASN C 186 37.42 -15.91 -17.29
C ASN C 186 38.32 -17.08 -17.67
N LYS C 187 38.58 -17.30 -18.96
CA LYS C 187 39.60 -18.28 -19.32
C LYS C 187 40.97 -17.84 -18.81
N CYS C 188 41.30 -16.56 -18.93
CA CYS C 188 42.57 -16.08 -18.38
C CYS C 188 42.62 -16.27 -16.88
N LEU C 189 41.52 -15.97 -16.17
CA LEU C 189 41.50 -16.13 -14.73
C LEU C 189 41.60 -17.60 -14.32
N LYS C 190 40.91 -18.48 -15.04
CA LYS C 190 41.08 -19.91 -14.82
C LYS C 190 42.56 -20.30 -14.84
N ASP C 191 43.27 -19.87 -15.88
CA ASP C 191 44.67 -20.26 -16.04
C ASP C 191 45.53 -19.66 -14.93
N ILE C 192 45.26 -18.41 -14.55
CA ILE C 192 45.97 -17.81 -13.43
C ILE C 192 45.71 -18.58 -12.14
N LEU C 193 44.44 -18.84 -11.84
CA LEU C 193 44.11 -19.49 -10.58
C LEU C 193 44.57 -20.94 -10.56
N ASN C 194 44.64 -21.59 -11.72
CA ASN C 194 45.18 -22.95 -11.76
C ASN C 194 46.70 -22.96 -11.57
N LYS C 195 47.39 -21.94 -12.10
CA LYS C 195 48.81 -21.81 -11.80
C LYS C 195 49.03 -21.59 -10.31
N TRP C 196 48.15 -20.81 -9.67
CA TRP C 196 48.20 -20.63 -8.23
C TRP C 196 48.01 -21.96 -7.51
N ASN C 197 47.02 -22.74 -7.95
CA ASN C 197 46.77 -24.05 -7.35
C ASN C 197 48.00 -24.94 -7.44
N GLU C 198 48.75 -24.87 -8.55
CA GLU C 198 49.99 -25.64 -8.67
C GLU C 198 50.95 -25.33 -7.53
N PHE C 199 51.08 -24.04 -7.18
CA PHE C 199 51.92 -23.66 -6.07
C PHE C 199 51.34 -24.11 -4.74
N LEU C 200 50.01 -24.01 -4.58
CA LEU C 200 49.39 -24.40 -3.32
C LEU C 200 49.49 -25.90 -3.06
N LYS C 201 49.67 -26.71 -4.09
CA LYS C 201 49.88 -28.15 -3.97
C LYS C 201 51.34 -28.54 -3.90
N ASP C 202 52.26 -27.57 -3.88
CA ASP C 202 53.69 -27.85 -3.95
C ASP C 202 54.25 -27.86 -2.54
N PRO C 203 54.66 -29.03 -2.02
CA PRO C 203 55.23 -29.05 -0.65
C PRO C 203 56.54 -28.27 -0.53
N THR C 204 57.19 -27.92 -1.64
CA THR C 204 58.40 -27.12 -1.60
C THR C 204 58.15 -25.62 -1.71
N ALA C 205 56.90 -25.20 -1.94
CA ALA C 205 56.60 -23.79 -2.22
C ALA C 205 57.53 -23.22 -3.28
N GLN C 206 57.61 -23.94 -4.39
CA GLN C 206 58.39 -23.57 -5.57
C GLN C 206 59.88 -23.41 -5.20
N GLY C 207 60.45 -24.47 -4.67
CA GLY C 207 61.89 -24.56 -4.55
C GLY C 207 62.47 -24.04 -3.27
N ASN C 208 61.71 -24.03 -2.18
CA ASN C 208 62.15 -23.54 -0.89
C ASN C 208 62.38 -24.70 0.10
N GLY C 209 62.87 -25.82 -0.41
CA GLY C 209 63.14 -26.98 0.42
C GLY C 209 61.90 -27.80 0.68
N ASN C 210 62.11 -28.99 1.24
CA ASN C 210 60.99 -29.91 1.42
C ASN C 210 59.98 -29.41 2.44
N LYS C 211 60.35 -28.50 3.34
CA LYS C 211 59.43 -27.92 4.30
C LYS C 211 58.90 -26.56 3.86
N GLY C 212 59.18 -26.16 2.61
CA GLY C 212 58.79 -24.82 2.17
C GLY C 212 57.29 -24.59 2.20
N GLY C 213 56.53 -25.59 1.76
CA GLY C 213 55.08 -25.45 1.77
C GLY C 213 54.51 -25.31 3.17
N ASN C 214 55.07 -26.04 4.13
CA ASN C 214 54.64 -25.95 5.51
C ASN C 214 55.06 -24.62 6.15
N GLN C 215 56.28 -24.17 5.88
CA GLN C 215 56.74 -22.91 6.48
C GLN C 215 55.90 -21.75 5.97
N ALA C 216 55.51 -21.78 4.70
CA ALA C 216 54.66 -20.72 4.17
C ALA C 216 53.35 -20.61 4.97
N LEU C 217 52.81 -21.75 5.39
CA LEU C 217 51.59 -21.73 6.20
C LEU C 217 51.84 -21.11 7.56
N ILE C 218 52.99 -21.43 8.17
CA ILE C 218 53.29 -20.87 9.49
C ILE C 218 53.55 -19.37 9.38
N ASP C 219 54.31 -18.96 8.37
CA ASP C 219 54.60 -17.55 8.17
C ASP C 219 53.32 -16.74 8.00
N ALA C 220 52.29 -17.33 7.38
CA ALA C 220 51.05 -16.64 7.10
C ALA C 220 50.08 -16.64 8.28
N GLY C 221 50.48 -17.14 9.44
CA GLY C 221 49.69 -17.02 10.65
C GLY C 221 48.74 -18.14 10.96
N TRP C 222 48.77 -19.24 10.19
CA TRP C 222 47.78 -20.29 10.39
C TRP C 222 48.05 -21.17 11.61
N SER C 223 49.27 -21.16 12.16
CA SER C 223 49.52 -21.86 13.42
C SER C 223 49.21 -21.01 14.64
N SER C 224 48.75 -19.78 14.46
CA SER C 224 48.43 -18.94 15.60
C SER C 224 47.29 -19.54 16.41
N ASP C 225 47.21 -19.15 17.69
CA ASP C 225 46.08 -19.54 18.52
C ASP C 225 44.78 -19.08 17.91
N ALA C 226 44.74 -17.85 17.37
CA ALA C 226 43.52 -17.35 16.76
C ALA C 226 43.01 -18.28 15.68
N ALA C 227 43.89 -18.67 14.75
CA ALA C 227 43.47 -19.48 13.60
C ALA C 227 43.08 -20.89 14.03
N VAL C 228 43.91 -21.53 14.85
CA VAL C 228 43.63 -22.92 15.21
C VAL C 228 42.36 -23.00 16.06
N GLU C 229 42.19 -22.10 17.02
CA GLU C 229 40.97 -22.08 17.81
C GLU C 229 39.74 -21.87 16.91
N GLN C 230 39.86 -21.02 15.89
CA GLN C 230 38.76 -20.80 14.96
CA GLN C 230 38.73 -20.81 15.00
C GLN C 230 38.43 -22.07 14.18
N LEU C 231 39.47 -22.77 13.73
CA LEU C 231 39.21 -24.01 12.98
C LEU C 231 38.55 -25.06 13.89
N VAL C 232 39.02 -25.16 15.14
CA VAL C 232 38.43 -26.10 16.09
C VAL C 232 36.99 -25.69 16.41
N ASN C 233 36.78 -24.42 16.74
CA ASN C 233 35.44 -23.96 17.09
C ASN C 233 34.45 -24.19 15.94
N LYS C 234 34.91 -24.00 14.70
CA LYS C 234 34.02 -24.18 13.55
C LYS C 234 33.64 -25.65 13.38
N ALA C 235 34.62 -26.55 13.48
CA ALA C 235 34.30 -27.98 13.42
C ALA C 235 33.34 -28.39 14.52
N ASN C 236 33.49 -27.82 15.73
CA ASN C 236 32.66 -28.21 16.87
C ASN C 236 31.25 -27.66 16.83
N GLU C 237 30.98 -26.59 16.08
CA GLU C 237 29.67 -25.96 16.14
C GLU C 237 28.57 -26.84 15.53
N SER C 238 28.92 -27.85 14.73
CA SER C 238 27.90 -28.66 14.06
C SER C 238 27.58 -29.97 14.77
N THR C 239 28.20 -30.26 15.91
CA THR C 239 28.00 -31.52 16.61
CA THR C 239 28.02 -31.52 16.61
C THR C 239 27.80 -31.27 18.10
N THR C 240 27.08 -32.19 18.74
CA THR C 240 26.98 -32.15 20.20
C THR C 240 28.24 -32.73 20.85
N ASP C 241 28.93 -33.62 20.15
CA ASP C 241 30.18 -34.23 20.63
C ASP C 241 31.35 -33.31 20.27
N LYS C 242 31.76 -32.47 21.21
CA LYS C 242 32.82 -31.51 20.97
C LYS C 242 34.19 -32.06 21.35
N LYS C 243 35.21 -31.60 20.64
CA LYS C 243 36.59 -32.01 20.86
C LYS C 243 37.43 -30.81 21.26
N LYS C 244 38.47 -31.06 22.06
CA LYS C 244 39.28 -29.98 22.59
C LYS C 244 40.36 -29.52 21.62
N THR C 245 40.94 -30.44 20.86
CA THR C 245 42.09 -30.10 20.03
C THR C 245 41.84 -30.42 18.56
N PHE C 246 42.56 -29.69 17.70
CA PHE C 246 42.53 -29.92 16.26
C PHE C 246 42.86 -31.37 15.92
N SER C 247 43.90 -31.92 16.56
CA SER C 247 44.36 -33.26 16.23
C SER C 247 43.32 -34.33 16.55
N GLU C 248 42.34 -34.04 17.40
CA GLU C 248 41.24 -34.99 17.63
C GLU C 248 40.16 -34.93 16.56
N ILE C 249 40.21 -33.93 15.67
CA ILE C 249 39.15 -33.68 14.69
C ILE C 249 39.60 -34.03 13.28
N PHE C 250 40.79 -33.56 12.90
CA PHE C 250 41.25 -33.69 11.52
C PHE C 250 42.52 -34.52 11.45
N GLN C 251 42.65 -35.28 10.36
CA GLN C 251 43.87 -36.00 10.09
C GLN C 251 44.96 -35.07 9.57
N HIS C 252 46.20 -35.35 9.95
CA HIS C 252 47.35 -34.57 9.49
C HIS C 252 48.58 -35.46 9.59
N PRO C 253 49.69 -35.05 8.97
CA PRO C 253 50.89 -35.91 8.97
C PRO C 253 51.42 -36.21 10.36
N ALA C 254 52.27 -37.24 10.42
CA ALA C 254 52.87 -37.69 11.66
C ALA C 254 53.69 -36.58 12.32
N ASN C 255 53.73 -36.63 13.65
CA ASN C 255 54.47 -35.70 14.49
C ASN C 255 53.94 -34.28 14.39
N GLY C 256 52.68 -34.14 13.99
CA GLY C 256 52.08 -32.83 13.82
C GLY C 256 51.66 -32.24 15.15
N THR C 257 51.98 -30.97 15.35
CA THR C 257 51.56 -30.19 16.50
C THR C 257 51.10 -28.82 15.98
N GLN C 258 50.46 -28.04 16.85
CA GLN C 258 50.15 -26.67 16.49
C GLN C 258 51.40 -25.91 16.08
N GLU C 259 52.52 -26.16 16.76
CA GLU C 259 53.74 -25.39 16.53
C GLU C 259 54.24 -25.56 15.11
N ASN C 260 54.12 -26.76 14.52
CA ASN C 260 54.54 -26.95 13.14
C ASN C 260 53.34 -27.02 12.19
N PHE C 261 52.24 -26.37 12.56
CA PHE C 261 50.96 -26.43 11.85
C PHE C 261 50.65 -27.85 11.38
N PHE C 262 50.74 -28.78 12.34
CA PHE C 262 50.33 -30.18 12.18
C PHE C 262 51.07 -30.86 11.04
N ASN C 263 52.22 -30.31 10.65
CA ASN C 263 53.06 -30.82 9.57
C ASN C 263 52.32 -30.94 8.25
N TYR C 264 51.22 -30.20 8.07
CA TYR C 264 50.62 -30.11 6.74
C TYR C 264 51.68 -29.65 5.74
N ALA C 265 51.80 -30.40 4.64
CA ALA C 265 52.90 -30.17 3.73
C ALA C 265 52.67 -28.99 2.79
N CYS C 266 51.43 -28.59 2.58
CA CYS C 266 51.13 -27.44 1.73
C CYS C 266 49.71 -26.99 2.02
N TRP C 267 49.37 -25.80 1.53
CA TRP C 267 48.02 -25.27 1.64
C TRP C 267 46.97 -26.29 1.22
N ASP C 268 47.16 -26.90 0.05
CA ASP C 268 46.12 -27.77 -0.51
C ASP C 268 45.81 -28.94 0.42
N ASN C 269 46.85 -29.53 1.04
CA ASN C 269 46.62 -30.63 1.98
C ASN C 269 45.84 -30.16 3.21
N PHE C 270 46.14 -28.96 3.72
CA PHE C 270 45.37 -28.41 4.82
C PHE C 270 43.93 -28.11 4.38
N PHE C 271 43.78 -27.48 3.22
CA PHE C 271 42.47 -27.05 2.76
C PHE C 271 41.52 -28.22 2.59
N THR C 272 42.01 -29.31 1.99
CA THR C 272 41.20 -30.51 1.73
C THR C 272 41.39 -31.58 2.80
N ARG C 273 41.76 -31.18 4.02
CA ARG C 273 42.00 -32.14 5.10
C ARG C 273 40.77 -33.01 5.38
N ARG C 274 41.01 -34.25 5.79
CA ARG C 274 39.93 -35.17 6.12
C ARG C 274 39.63 -35.15 7.61
N PHE C 275 38.38 -35.42 7.95
CA PHE C 275 38.01 -35.69 9.34
C PHE C 275 38.66 -36.99 9.80
N LYS C 276 39.00 -37.04 11.08
CA LYS C 276 39.41 -38.30 11.70
C LYS C 276 38.24 -39.28 11.68
N ASP C 277 38.55 -40.55 11.45
CA ASP C 277 37.52 -41.58 11.44
C ASP C 277 36.69 -41.50 12.71
N GLY C 278 35.37 -41.58 12.55
CA GLY C 278 34.45 -41.54 13.67
C GLY C 278 33.97 -40.15 14.07
N VAL C 279 34.62 -39.09 13.60
CA VAL C 279 34.23 -37.74 14.01
C VAL C 279 32.98 -37.26 13.26
N ARG C 280 32.73 -37.80 12.06
CA ARG C 280 31.54 -37.48 11.27
C ARG C 280 30.84 -38.78 10.87
N PRO C 281 30.13 -39.42 11.81
CA PRO C 281 29.50 -40.70 11.49
C PRO C 281 28.35 -40.54 10.49
N VAL C 282 28.15 -41.58 9.69
CA VAL C 282 27.14 -41.57 8.64
C VAL C 282 25.79 -41.93 9.25
N ALA C 283 24.82 -41.03 9.11
CA ALA C 283 23.50 -41.26 9.71
C ALA C 283 22.74 -42.36 8.97
N ASP C 284 21.75 -42.94 9.67
CA ASP C 284 20.88 -43.95 9.06
C ASP C 284 20.00 -43.38 7.96
N ALA C 285 19.69 -42.08 8.02
CA ALA C 285 18.73 -41.47 7.10
C ALA C 285 19.11 -41.71 5.64
N ALA C 286 18.08 -41.74 4.78
CA ALA C 286 18.32 -41.99 3.36
C ALA C 286 19.19 -40.90 2.72
N VAL C 287 19.09 -39.66 3.19
CA VAL C 287 19.86 -38.56 2.63
C VAL C 287 20.67 -37.91 3.74
N VAL C 288 21.98 -37.80 3.54
CA VAL C 288 22.86 -37.15 4.51
C VAL C 288 23.49 -35.92 3.85
N ASN C 289 24.04 -35.05 4.70
CA ASN C 289 24.69 -33.83 4.22
C ASN C 289 25.95 -34.15 3.44
N ALA C 290 26.04 -33.62 2.21
CA ALA C 290 27.19 -33.87 1.37
C ALA C 290 28.38 -33.00 1.73
N CYS C 291 28.13 -31.86 2.37
CA CYS C 291 29.16 -30.89 2.70
C CYS C 291 28.96 -30.44 4.12
N GLU C 292 30.06 -30.13 4.80
CA GLU C 292 30.03 -29.44 6.08
C GLU C 292 29.66 -27.99 5.78
N SER C 293 28.39 -27.63 5.98
CA SER C 293 27.89 -26.47 5.24
C SER C 293 26.70 -25.83 5.94
N PHE C 294 26.48 -24.56 5.62
CA PHE C 294 25.49 -23.71 6.30
C PHE C 294 24.27 -23.54 5.42
N PRO C 295 23.09 -24.01 5.85
CA PRO C 295 21.89 -23.91 5.00
C PRO C 295 21.68 -22.50 4.46
N LEU C 296 21.38 -22.40 3.17
CA LEU C 296 21.13 -21.12 2.52
C LEU C 296 19.72 -21.01 1.98
N SER C 297 19.26 -22.00 1.20
CA SER C 297 17.98 -21.93 0.51
C SER C 297 17.37 -23.32 0.42
N PHE C 298 16.04 -23.36 0.43
CA PHE C 298 15.30 -24.58 0.10
C PHE C 298 14.12 -24.17 -0.76
N ASP C 299 14.13 -24.55 -2.04
CA ASP C 299 13.09 -24.15 -3.00
C ASP C 299 12.37 -25.38 -3.49
N THR C 300 11.03 -25.31 -3.51
CA THR C 300 10.20 -26.40 -4.00
C THR C 300 9.56 -26.03 -5.34
N ASP C 301 9.22 -27.06 -6.11
CA ASP C 301 8.48 -26.90 -7.36
C ASP C 301 9.23 -25.97 -8.33
N VAL C 302 10.49 -26.29 -8.59
CA VAL C 302 11.33 -25.43 -9.43
C VAL C 302 11.03 -25.67 -10.91
N SER C 303 11.35 -24.67 -11.72
CA SER C 303 11.00 -24.67 -13.14
C SER C 303 12.13 -25.23 -13.99
N ARG C 304 11.77 -25.62 -15.23
CA ARG C 304 12.78 -26.07 -16.19
CA ARG C 304 12.77 -26.07 -16.19
C ARG C 304 13.79 -24.97 -16.46
N ARG C 305 13.32 -23.74 -16.67
CA ARG C 305 14.18 -22.59 -16.88
C ARG C 305 13.46 -21.40 -16.28
N ASN C 306 14.24 -20.42 -15.80
CA ASN C 306 13.61 -19.31 -15.10
C ASN C 306 14.50 -18.08 -15.18
N THR C 307 13.92 -16.94 -14.81
CA THR C 307 14.58 -15.62 -14.88
C THR C 307 15.50 -15.45 -13.67
N PHE C 308 16.61 -16.20 -13.69
CA PHE C 308 17.48 -16.27 -12.53
C PHE C 308 18.16 -14.94 -12.22
N TRP C 309 18.10 -13.97 -13.13
CA TRP C 309 18.69 -12.65 -12.92
C TRP C 309 17.76 -11.71 -12.16
N LEU C 310 16.51 -12.07 -11.92
CA LEU C 310 15.62 -11.15 -11.24
C LEU C 310 15.77 -11.26 -9.74
N LYS C 311 15.27 -10.25 -9.02
CA LYS C 311 15.41 -10.23 -7.57
C LYS C 311 14.83 -11.50 -6.97
N GLY C 312 15.54 -12.04 -5.98
CA GLY C 312 15.19 -13.33 -5.42
C GLY C 312 15.87 -14.50 -6.09
N THR C 313 16.39 -14.32 -7.32
CA THR C 313 17.13 -15.32 -8.06
C THR C 313 16.41 -16.66 -8.10
N PRO C 314 15.28 -16.78 -8.81
CA PRO C 314 14.66 -18.10 -8.95
C PRO C 314 15.61 -19.04 -9.69
N TYR C 315 15.68 -20.28 -9.21
CA TYR C 315 16.57 -21.26 -9.81
C TYR C 315 16.13 -21.60 -11.22
N SER C 316 17.11 -21.81 -12.10
CA SER C 316 16.86 -22.18 -13.49
C SER C 316 17.64 -23.47 -13.78
N LEU C 317 16.96 -24.61 -13.72
CA LEU C 317 17.63 -25.91 -13.86
C LEU C 317 18.40 -26.01 -15.17
N HIS C 318 17.78 -25.57 -16.28
CA HIS C 318 18.42 -25.63 -17.59
C HIS C 318 19.80 -24.97 -17.57
N ASP C 319 19.89 -23.79 -16.96
CA ASP C 319 21.14 -23.06 -16.87
C ASP C 319 22.08 -23.67 -15.83
N MET C 320 21.55 -24.02 -14.65
CA MET C 320 22.38 -24.56 -13.57
CA MET C 320 22.35 -24.58 -13.56
C MET C 320 23.10 -25.83 -14.02
N LEU C 321 22.37 -26.79 -14.60
CA LEU C 321 22.91 -28.10 -14.94
C LEU C 321 23.68 -28.12 -16.25
N GLY C 322 23.72 -27.00 -16.96
CA GLY C 322 24.53 -26.92 -18.18
C GLY C 322 23.89 -27.46 -19.43
N ALA C 323 22.56 -27.52 -19.49
CA ALA C 323 21.85 -27.97 -20.68
C ALA C 323 22.01 -27.01 -21.84
N THR C 324 22.46 -25.79 -21.56
CA THR C 324 22.81 -24.85 -22.62
C THR C 324 23.87 -25.41 -23.54
N GLN C 325 24.80 -26.22 -23.00
CA GLN C 325 25.92 -26.68 -23.78
CA GLN C 325 25.94 -26.67 -23.77
C GLN C 325 26.16 -28.19 -23.75
N ASP C 326 25.35 -28.95 -23.02
CA ASP C 326 25.42 -30.41 -23.07
C ASP C 326 24.00 -30.95 -23.19
N GLU C 327 23.64 -31.37 -24.40
CA GLU C 327 22.30 -31.92 -24.61
C GLU C 327 22.09 -33.18 -23.78
N ARG C 328 23.17 -33.89 -23.45
CA ARG C 328 23.04 -35.12 -22.68
C ARG C 328 22.45 -34.88 -21.28
N VAL C 329 22.56 -33.67 -20.73
CA VAL C 329 21.96 -33.42 -19.43
C VAL C 329 20.51 -32.95 -19.54
N ALA C 330 20.01 -32.71 -20.76
CA ALA C 330 18.67 -32.13 -20.91
C ALA C 330 17.58 -33.05 -20.36
N SER C 331 17.73 -34.37 -20.49
CA SER C 331 16.71 -35.25 -19.94
C SER C 331 16.68 -35.18 -18.42
N TYR C 332 17.84 -34.95 -17.78
CA TYR C 332 17.84 -34.84 -16.33
C TYR C 332 17.21 -33.52 -15.87
N VAL C 333 17.42 -32.44 -16.61
CA VAL C 333 16.70 -31.19 -16.32
C VAL C 333 15.20 -31.43 -16.32
N ASP C 334 14.69 -32.08 -17.38
CA ASP C 334 13.25 -32.37 -17.45
C ASP C 334 12.79 -33.18 -16.24
N GLY C 335 13.57 -34.20 -15.86
CA GLY C 335 13.20 -35.02 -14.72
C GLY C 335 13.24 -34.32 -13.39
N PHE C 336 13.89 -33.16 -13.31
CA PHE C 336 13.93 -32.37 -12.08
C PHE C 336 12.87 -31.27 -12.04
N VAL C 337 12.14 -31.03 -13.14
CA VAL C 337 11.08 -30.03 -13.10
C VAL C 337 10.08 -30.39 -12.02
N GLY C 338 9.66 -29.38 -11.26
CA GLY C 338 8.80 -29.60 -10.12
C GLY C 338 9.52 -30.16 -8.91
N GLY C 339 10.82 -30.45 -9.02
CA GLY C 339 11.58 -30.97 -7.90
C GLY C 339 11.97 -29.86 -6.94
N SER C 340 12.87 -30.21 -6.02
CA SER C 340 13.32 -29.26 -5.01
C SER C 340 14.83 -29.07 -5.06
N VAL C 341 15.25 -27.84 -4.75
CA VAL C 341 16.66 -27.46 -4.75
C VAL C 341 17.01 -26.97 -3.35
N TYR C 342 18.05 -27.56 -2.77
CA TYR C 342 18.59 -27.16 -1.48
C TYR C 342 20.01 -26.64 -1.72
N GLN C 343 20.33 -25.50 -1.10
CA GLN C 343 21.65 -24.91 -1.28
C GLN C 343 22.27 -24.59 0.08
N ALA C 344 23.57 -24.82 0.21
CA ALA C 344 24.25 -24.57 1.47
C ALA C 344 25.68 -24.12 1.20
N PHE C 345 26.19 -23.28 2.11
CA PHE C 345 27.45 -22.55 1.96
C PHE C 345 28.57 -23.16 2.80
N LEU C 346 29.78 -23.24 2.20
CA LEU C 346 30.97 -23.76 2.88
C LEU C 346 31.94 -22.60 3.18
N SER C 347 32.13 -22.29 4.46
CA SER C 347 33.03 -21.20 4.84
C SER C 347 34.50 -21.63 4.73
N ALA C 348 35.38 -20.62 4.73
CA ALA C 348 36.80 -20.87 4.54
C ALA C 348 37.40 -21.73 5.65
N ASP C 349 36.82 -21.68 6.84
CA ASP C 349 37.31 -22.49 7.96
C ASP C 349 36.51 -23.78 8.13
N SER C 350 35.70 -24.16 7.15
CA SER C 350 34.97 -25.42 7.15
C SER C 350 35.72 -26.49 6.36
N TYR C 351 35.43 -27.74 6.69
CA TYR C 351 35.77 -28.88 5.85
C TYR C 351 35.31 -28.64 4.41
N HIS C 352 36.19 -28.95 3.44
CA HIS C 352 35.94 -28.64 2.04
C HIS C 352 35.83 -29.84 1.11
N CYS C 353 35.87 -31.06 1.63
CA CYS C 353 35.66 -32.20 0.76
C CYS C 353 34.17 -32.46 0.62
N TRP C 354 33.81 -33.35 -0.32
CA TRP C 354 32.42 -33.69 -0.57
C TRP C 354 32.19 -35.15 -0.25
N ASN C 355 31.05 -35.45 0.36
CA ASN C 355 30.68 -36.81 0.74
C ASN C 355 29.38 -37.19 0.06
N ALA C 356 29.26 -38.46 -0.34
CA ALA C 356 28.08 -38.91 -1.05
C ALA C 356 26.83 -38.70 -0.19
N PRO C 357 25.87 -37.90 -0.66
CA PRO C 357 24.66 -37.70 0.15
C PRO C 357 23.72 -38.90 0.12
N VAL C 358 23.84 -39.75 -0.89
CA VAL C 358 22.97 -40.91 -1.05
C VAL C 358 23.80 -42.05 -1.63
N THR C 359 23.27 -43.26 -1.51
CA THR C 359 23.83 -44.43 -2.18
C THR C 359 23.16 -44.58 -3.55
N GLY C 360 23.95 -44.85 -4.57
CA GLY C 360 23.36 -45.08 -5.87
C GLY C 360 24.41 -45.11 -6.95
N LYS C 361 23.93 -45.21 -8.19
CA LYS C 361 24.78 -45.36 -9.35
C LYS C 361 24.91 -44.04 -10.08
N VAL C 362 26.15 -43.62 -10.34
CA VAL C 362 26.39 -42.37 -11.05
C VAL C 362 25.94 -42.55 -12.50
N VAL C 363 24.99 -41.72 -12.93
CA VAL C 363 24.55 -41.75 -14.33
C VAL C 363 24.99 -40.53 -15.11
N TYR C 364 25.49 -39.49 -14.45
CA TYR C 364 25.96 -38.31 -15.17
C TYR C 364 26.96 -37.58 -14.30
N ARG C 365 28.08 -37.16 -14.90
CA ARG C 365 29.08 -36.36 -14.21
C ARG C 365 29.68 -35.35 -15.18
N SER C 366 29.82 -34.10 -14.74
CA SER C 366 30.35 -33.10 -15.65
C SER C 366 31.10 -32.02 -14.87
N LEU C 367 31.92 -31.28 -15.60
CA LEU C 367 32.46 -30.01 -15.15
C LEU C 367 32.03 -28.95 -16.15
N ILE C 368 31.71 -27.77 -15.64
CA ILE C 368 31.23 -26.66 -16.46
C ILE C 368 32.12 -25.46 -16.18
N ASP C 369 32.78 -24.95 -17.24
CA ASP C 369 33.55 -23.71 -17.12
C ASP C 369 32.63 -22.51 -16.89
N GLY C 370 33.14 -21.50 -16.19
CA GLY C 370 32.32 -20.33 -15.97
C GLY C 370 33.02 -19.16 -15.32
N THR C 371 32.25 -18.38 -14.56
CA THR C 371 32.75 -17.16 -13.95
C THR C 371 33.46 -17.46 -12.63
N TYR C 372 34.15 -16.45 -12.12
CA TYR C 372 34.81 -16.47 -10.82
C TYR C 372 34.40 -15.29 -9.93
N PHE C 373 34.36 -14.08 -10.48
CA PHE C 373 34.08 -12.86 -9.72
C PHE C 373 32.84 -12.15 -10.24
N ALA C 374 31.87 -12.92 -10.74
CA ALA C 374 30.60 -12.37 -11.17
C ALA C 374 29.62 -12.37 -10.00
N GLU C 375 29.03 -11.22 -9.70
CA GLU C 375 28.00 -11.10 -8.67
C GLU C 375 26.83 -10.31 -9.24
N THR C 376 25.71 -10.29 -8.51
CA THR C 376 24.51 -9.58 -8.95
C THR C 376 24.67 -8.06 -8.88
N ALA C 377 23.80 -7.36 -9.62
CA ALA C 377 23.71 -5.91 -9.47
C ALA C 377 23.25 -5.52 -8.08
N ALA C 378 22.36 -6.31 -7.47
CA ALA C 378 21.94 -6.01 -6.11
C ALA C 378 23.11 -6.08 -5.13
N ALA C 379 24.12 -6.87 -5.45
CA ALA C 379 25.33 -6.99 -4.63
C ALA C 379 26.37 -5.91 -4.94
N GLY C 380 26.08 -5.00 -5.89
CA GLY C 380 27.02 -3.99 -6.29
C GLY C 380 26.74 -2.63 -5.66
N PHE C 381 27.56 -1.65 -6.07
CA PHE C 381 27.35 -0.28 -5.64
C PHE C 381 25.98 0.21 -6.07
N GLY C 382 25.28 0.88 -5.15
CA GLY C 382 23.91 1.29 -5.37
C GLY C 382 22.89 0.16 -5.34
N GLY C 383 23.30 -1.08 -5.09
CA GLY C 383 22.37 -2.19 -5.09
C GLY C 383 21.66 -2.36 -3.76
N SER C 384 20.47 -2.98 -3.81
CA SER C 384 19.67 -3.15 -2.60
C SER C 384 20.36 -4.00 -1.54
N ASN C 385 21.41 -4.73 -1.88
CA ASN C 385 22.18 -5.49 -0.90
C ASN C 385 23.67 -5.35 -1.16
N GLY C 386 24.11 -4.14 -1.53
CA GLY C 386 25.48 -3.96 -1.96
C GLY C 386 26.11 -2.67 -1.47
N PRO C 387 27.42 -2.52 -1.69
CA PRO C 387 28.33 -3.49 -2.32
C PRO C 387 28.73 -4.60 -1.35
N ASP C 388 28.73 -5.84 -1.83
CA ASP C 388 29.13 -6.99 -1.03
C ASP C 388 30.60 -6.89 -0.67
N PRO C 389 30.95 -6.81 0.62
CA PRO C 389 32.38 -6.80 1.02
C PRO C 389 33.06 -8.14 0.86
N ALA C 390 32.32 -9.19 0.51
CA ALA C 390 32.87 -10.51 0.24
C ALA C 390 32.14 -11.18 -0.92
N GLY C 391 32.00 -10.47 -2.05
CA GLY C 391 31.38 -11.04 -3.23
C GLY C 391 32.09 -12.31 -3.67
N PRO C 392 31.33 -13.32 -4.14
CA PRO C 392 29.89 -13.37 -4.40
C PRO C 392 29.01 -13.93 -3.26
N ASP C 393 29.36 -13.65 -2.00
CA ASP C 393 28.64 -14.20 -0.86
C ASP C 393 27.12 -14.03 -0.96
N VAL C 394 26.64 -12.83 -1.25
CA VAL C 394 25.20 -12.59 -1.25
C VAL C 394 24.64 -12.89 -2.64
N SER C 395 25.47 -13.39 -3.55
CA SER C 395 25.03 -13.79 -4.88
C SER C 395 25.11 -15.30 -5.10
N GLN C 396 24.99 -16.09 -4.03
CA GLN C 396 25.23 -17.53 -4.13
C GLN C 396 24.20 -18.24 -5.01
N ARG C 397 22.93 -17.85 -4.93
CA ARG C 397 21.93 -18.45 -5.83
C ARG C 397 22.23 -18.08 -7.30
N TYR C 398 22.58 -16.82 -7.54
CA TYR C 398 22.87 -16.37 -8.89
C TYR C 398 24.00 -17.16 -9.53
N ILE C 399 25.12 -17.35 -8.81
CA ILE C 399 26.29 -17.98 -9.43
C ILE C 399 26.10 -19.47 -9.73
N THR C 400 25.08 -20.13 -9.17
CA THR C 400 24.85 -21.53 -9.57
C THR C 400 24.53 -21.66 -11.05
N HIS C 401 24.19 -20.56 -11.72
CA HIS C 401 23.87 -20.58 -13.14
C HIS C 401 25.04 -20.20 -14.04
N ILE C 402 26.15 -19.67 -13.51
CA ILE C 402 27.20 -19.13 -14.38
C ILE C 402 28.63 -19.43 -13.91
N ALA C 403 28.81 -19.75 -12.63
CA ALA C 403 30.17 -19.92 -12.12
C ALA C 403 30.75 -21.28 -12.54
N ALA C 404 32.08 -21.35 -12.56
CA ALA C 404 32.76 -22.64 -12.64
C ALA C 404 32.16 -23.61 -11.63
N ARG C 405 31.79 -24.81 -12.09
CA ARG C 405 31.00 -25.69 -11.23
C ARG C 405 31.03 -27.12 -11.77
N GLY C 406 30.34 -28.02 -11.08
CA GLY C 406 30.27 -29.40 -11.51
C GLY C 406 28.89 -29.98 -11.22
N VAL C 407 28.60 -31.11 -11.88
CA VAL C 407 27.31 -31.76 -11.76
C VAL C 407 27.53 -33.24 -11.57
N LEU C 408 26.84 -33.83 -10.59
CA LEU C 408 26.80 -35.27 -10.37
C LEU C 408 25.35 -35.67 -10.21
N ILE C 409 24.91 -36.68 -10.97
CA ILE C 409 23.55 -37.18 -10.87
C ILE C 409 23.62 -38.67 -10.56
N VAL C 410 22.93 -39.06 -9.50
CA VAL C 410 23.04 -40.39 -8.89
C VAL C 410 21.67 -41.03 -8.91
N ASP C 411 21.59 -42.25 -9.43
CA ASP C 411 20.34 -43.01 -9.49
C ASP C 411 20.27 -43.89 -8.25
N THR C 412 19.29 -43.61 -7.39
CA THR C 412 19.12 -44.38 -6.17
C THR C 412 18.13 -45.53 -6.34
N ASN C 413 17.53 -45.66 -7.51
CA ASN C 413 16.59 -46.75 -7.78
C ASN C 413 17.38 -47.99 -8.20
N VAL C 414 18.23 -48.44 -7.27
CA VAL C 414 19.16 -49.55 -7.50
C VAL C 414 19.24 -50.37 -6.23
N THR C 415 19.83 -51.56 -6.35
CA THR C 415 20.03 -52.42 -5.19
C THR C 415 20.88 -51.68 -4.16
N GLY C 416 20.39 -51.64 -2.91
CA GLY C 416 21.06 -50.92 -1.86
C GLY C 416 20.75 -49.43 -1.81
N GLY C 417 19.98 -48.91 -2.76
CA GLY C 417 19.60 -47.51 -2.74
C GLY C 417 18.26 -47.27 -2.05
N ALA C 418 18.02 -46.01 -1.70
CA ALA C 418 16.81 -45.62 -0.99
C ALA C 418 15.58 -45.52 -1.90
N LYS C 419 15.74 -45.73 -3.20
CA LYS C 419 14.62 -45.69 -4.16
C LYS C 419 13.91 -44.34 -4.13
N ILE C 420 14.70 -43.27 -4.17
CA ILE C 420 14.14 -41.94 -4.24
C ILE C 420 14.53 -41.29 -5.57
N GLY C 421 14.71 -42.11 -6.60
CA GLY C 421 14.91 -41.56 -7.93
C GLY C 421 16.30 -40.99 -8.12
N LEU C 422 16.38 -39.93 -8.92
CA LEU C 422 17.64 -39.30 -9.28
C LEU C 422 17.95 -38.14 -8.33
N VAL C 423 19.19 -38.08 -7.83
CA VAL C 423 19.61 -37.04 -6.90
C VAL C 423 20.78 -36.31 -7.54
N GLY C 424 20.69 -34.98 -7.58
CA GLY C 424 21.73 -34.16 -8.18
C GLY C 424 22.58 -33.51 -7.11
N PHE C 425 23.87 -33.39 -7.39
CA PHE C 425 24.82 -32.70 -6.53
C PHE C 425 25.57 -31.71 -7.41
N VAL C 426 25.46 -30.42 -7.10
CA VAL C 426 26.05 -29.36 -7.92
C VAL C 426 26.96 -28.50 -7.05
N PRO C 427 28.23 -28.89 -6.89
CA PRO C 427 29.20 -27.97 -6.26
C PRO C 427 29.50 -26.79 -7.20
N VAL C 428 29.51 -25.59 -6.63
CA VAL C 428 29.62 -24.34 -7.40
C VAL C 428 30.77 -23.52 -6.82
N GLY C 429 31.68 -23.08 -7.69
CA GLY C 429 32.80 -22.27 -7.23
C GLY C 429 32.38 -20.91 -6.72
N MET C 430 33.25 -20.34 -5.88
CA MET C 430 33.13 -18.96 -5.40
C MET C 430 34.51 -18.34 -5.45
N SER C 431 34.68 -17.31 -6.30
CA SER C 431 35.94 -16.58 -6.42
C SER C 431 37.07 -17.58 -6.67
N GLU C 432 38.20 -17.49 -5.94
CA GLU C 432 39.33 -18.37 -6.21
C GLU C 432 39.26 -19.67 -5.43
N VAL C 433 38.09 -20.03 -4.89
CA VAL C 433 37.84 -21.41 -4.49
C VAL C 433 36.85 -21.97 -5.49
N SER C 434 37.36 -22.35 -6.66
CA SER C 434 36.50 -22.77 -7.76
C SER C 434 36.99 -24.05 -8.43
N THR C 435 37.99 -24.74 -7.87
CA THR C 435 38.42 -26.00 -8.42
C THR C 435 37.48 -27.10 -7.93
N CYS C 436 36.79 -27.74 -8.88
CA CYS C 436 35.82 -28.79 -8.57
C CYS C 436 36.45 -30.14 -8.92
N ASP C 437 36.83 -30.89 -7.90
CA ASP C 437 37.67 -32.08 -8.04
C ASP C 437 36.80 -33.31 -7.79
N TRP C 438 36.38 -33.97 -8.87
CA TRP C 438 35.67 -35.24 -8.74
C TRP C 438 36.68 -36.38 -8.56
N PHE C 439 36.49 -37.17 -7.52
CA PHE C 439 37.37 -38.33 -7.33
C PHE C 439 36.97 -39.45 -8.29
N ASP C 440 37.92 -40.35 -8.55
CA ASP C 440 37.72 -41.41 -9.53
C ASP C 440 36.57 -42.33 -9.17
N ASN C 441 36.17 -42.39 -7.89
CA ASN C 441 35.03 -43.23 -7.55
C ASN C 441 33.69 -42.67 -8.04
N THR C 442 33.67 -41.49 -8.65
CA THR C 442 32.43 -40.90 -9.18
C THR C 442 32.28 -41.08 -10.68
N GLU C 443 33.16 -41.83 -11.33
CA GLU C 443 33.05 -42.07 -12.77
CA GLU C 443 33.05 -42.04 -12.77
C GLU C 443 31.69 -42.64 -13.10
N GLU C 444 31.12 -42.21 -14.23
CA GLU C 444 29.79 -42.66 -14.63
C GLU C 444 29.76 -44.18 -14.72
N GLY C 445 28.70 -44.78 -14.16
CA GLY C 445 28.56 -46.22 -14.11
C GLY C 445 29.00 -46.84 -12.81
N LYS C 446 29.79 -46.12 -12.01
CA LYS C 446 30.19 -46.61 -10.70
C LYS C 446 29.09 -46.34 -9.67
N THR C 447 29.09 -47.16 -8.62
CA THR C 447 28.20 -46.97 -7.48
C THR C 447 28.95 -46.32 -6.33
N ILE C 448 28.34 -45.33 -5.71
CA ILE C 448 28.89 -44.69 -4.53
C ILE C 448 28.00 -45.03 -3.34
N SER C 449 28.63 -45.17 -2.18
CA SER C 449 27.92 -45.42 -0.95
C SER C 449 27.79 -44.14 -0.15
N LYS C 450 26.59 -43.91 0.38
CA LYS C 450 26.30 -42.79 1.26
C LYS C 450 27.44 -42.57 2.26
N GLY C 451 27.98 -41.35 2.28
CA GLY C 451 29.05 -41.00 3.19
C GLY C 451 30.46 -41.16 2.65
N ASP C 452 30.65 -41.85 1.53
CA ASP C 452 31.95 -41.92 0.89
C ASP C 452 32.42 -40.53 0.51
N VAL C 453 33.71 -40.27 0.68
CA VAL C 453 34.28 -39.04 0.17
C VAL C 453 34.40 -39.17 -1.35
N ILE C 454 33.79 -38.23 -2.08
CA ILE C 454 33.67 -38.32 -3.53
C ILE C 454 34.33 -37.17 -4.26
N GLY C 455 34.88 -36.18 -3.57
CA GLY C 455 35.55 -35.09 -4.24
C GLY C 455 35.88 -33.98 -3.27
N ALA C 456 36.28 -32.83 -3.83
CA ALA C 456 36.61 -31.71 -2.96
C ALA C 456 36.69 -30.41 -3.75
N PHE C 457 36.40 -29.31 -3.07
CA PHE C 457 36.83 -27.99 -3.51
C PHE C 457 38.32 -27.83 -3.24
N HIS C 458 38.98 -27.09 -4.14
CA HIS C 458 40.33 -26.58 -3.88
C HIS C 458 40.37 -25.10 -4.21
N SER C 459 41.24 -24.37 -3.52
CA SER C 459 41.64 -23.06 -4.02
C SER C 459 42.28 -23.23 -5.39
N GLY C 460 41.76 -22.49 -6.37
CA GLY C 460 42.18 -22.66 -7.74
C GLY C 460 41.04 -22.31 -8.68
N GLY C 461 41.28 -22.54 -9.97
CA GLY C 461 40.34 -22.20 -11.01
C GLY C 461 39.49 -23.37 -11.48
C PYR D 1 30.80 -22.66 -1.46
O PYR D 1 30.35 -22.47 -0.32
CA PYR D 1 32.33 -22.51 -1.65
O3 PYR D 1 33.03 -22.21 -0.71
CB PYR D 1 32.90 -22.71 -3.04
N THR D 2 30.01 -23.14 -2.55
CA THR D 2 28.60 -23.32 -2.24
C THR D 2 28.14 -24.54 -3.05
N HIS D 3 26.98 -25.11 -2.74
CA HIS D 3 26.57 -26.29 -3.49
C HIS D 3 25.06 -26.45 -3.43
N CYS D 4 24.52 -27.14 -4.43
CA CYS D 4 23.11 -27.49 -4.44
C CYS D 4 22.95 -29.02 -4.40
N LEU D 5 21.83 -29.44 -3.80
CA LEU D 5 21.34 -30.81 -3.90
C LEU D 5 19.95 -30.73 -4.51
N ILE D 6 19.67 -31.59 -5.48
CA ILE D 6 18.45 -31.50 -6.28
C ILE D 6 17.71 -32.82 -6.18
N PHE D 7 16.41 -32.75 -5.92
CA PHE D 7 15.57 -33.93 -5.70
C PHE D 7 14.37 -33.88 -6.61
N GLN D 8 13.94 -35.05 -7.09
CA GLN D 8 12.81 -35.09 -8.00
C GLN D 8 11.49 -34.90 -7.25
N ARG D 9 10.49 -34.42 -7.99
CA ARG D 9 9.19 -34.09 -7.40
C ARG D 9 8.58 -35.27 -6.64
N ASP D 10 8.59 -36.47 -7.24
CA ASP D 10 7.96 -37.60 -6.57
C ASP D 10 8.76 -38.05 -5.35
N ALA D 11 10.07 -37.86 -5.38
CA ALA D 11 10.90 -38.26 -4.24
C ALA D 11 10.66 -37.36 -3.05
N VAL D 12 10.46 -36.06 -3.29
CA VAL D 12 10.21 -35.10 -2.23
C VAL D 12 8.95 -35.47 -1.45
N LYS D 13 7.97 -36.08 -2.13
CA LYS D 13 6.76 -36.52 -1.43
C LYS D 13 7.07 -37.60 -0.40
N LYS D 14 8.16 -38.35 -0.55
CA LYS D 14 8.49 -39.44 0.35
C LYS D 14 9.52 -39.06 1.39
N LEU D 15 10.01 -37.83 1.41
CA LEU D 15 11.12 -37.43 2.24
C LEU D 15 10.68 -36.39 3.26
N GLN D 16 11.28 -36.47 4.44
CA GLN D 16 11.13 -35.44 5.48
C GLN D 16 12.50 -34.82 5.73
N PHE D 17 12.67 -33.57 5.29
CA PHE D 17 13.92 -32.87 5.52
C PHE D 17 13.97 -32.30 6.94
N ILE D 18 15.18 -32.19 7.48
CA ILE D 18 15.33 -31.59 8.80
C ILE D 18 14.95 -30.12 8.70
N PRO D 19 14.41 -29.53 9.77
CA PRO D 19 13.98 -28.11 9.69
C PRO D 19 15.10 -27.12 9.42
N LYS D 20 16.32 -27.38 9.90
CA LYS D 20 17.40 -26.41 9.68
C LYS D 20 17.73 -26.29 8.19
N ALA D 21 17.54 -27.36 7.44
CA ALA D 21 17.76 -27.33 6.00
C ALA D 21 16.53 -26.81 5.25
N GLN D 22 15.32 -27.26 5.62
CA GLN D 22 14.13 -26.86 4.88
C GLN D 22 13.72 -25.43 5.16
N TYR D 23 14.12 -24.88 6.30
CA TYR D 23 13.76 -23.51 6.69
C TYR D 23 15.06 -22.81 7.09
N PRO D 24 15.91 -22.49 6.10
CA PRO D 24 17.31 -22.12 6.38
C PRO D 24 17.50 -20.92 7.29
N GLU D 25 16.54 -19.98 7.35
CA GLU D 25 16.71 -18.84 8.23
CA GLU D 25 16.70 -18.83 8.22
C GLU D 25 16.82 -19.24 9.69
N ILE D 26 16.35 -20.44 10.06
CA ILE D 26 16.46 -20.86 11.46
C ILE D 26 17.83 -21.42 11.80
N ALA D 27 18.68 -21.68 10.80
CA ALA D 27 19.98 -22.28 11.07
C ALA D 27 20.93 -21.26 11.67
N THR D 28 21.76 -21.72 12.62
CA THR D 28 22.77 -20.87 13.23
C THR D 28 24.18 -21.42 13.12
N THR D 29 24.36 -22.65 12.63
CA THR D 29 25.67 -23.26 12.49
C THR D 29 25.71 -24.08 11.22
N ASN D 30 26.91 -24.55 10.87
CA ASN D 30 27.03 -25.62 9.88
C ASN D 30 26.19 -26.82 10.28
N LEU D 31 25.75 -27.55 9.27
CA LEU D 31 25.28 -28.92 9.45
C LEU D 31 26.48 -29.85 9.25
N ALA D 32 26.54 -30.91 10.05
CA ALA D 32 27.68 -31.82 9.98
C ALA D 32 27.59 -32.68 8.72
N VAL D 33 28.70 -32.76 7.99
CA VAL D 33 28.76 -33.70 6.87
C VAL D 33 28.46 -35.12 7.39
N ASN D 34 27.78 -35.91 6.55
CA ASN D 34 27.36 -37.29 6.86
C ASN D 34 26.21 -37.38 7.85
N SER D 35 25.83 -36.26 8.48
CA SER D 35 24.67 -36.29 9.36
C SER D 35 23.38 -36.21 8.55
N GLU D 36 22.26 -36.48 9.23
CA GLU D 36 20.96 -36.59 8.57
C GLU D 36 20.57 -35.30 7.85
N LEU D 37 20.14 -35.43 6.60
CA LEU D 37 19.51 -34.35 5.85
C LEU D 37 18.03 -34.59 5.61
N ALA D 38 17.67 -35.77 5.13
CA ALA D 38 16.27 -36.13 4.92
C ALA D 38 16.10 -37.63 5.15
N LYS D 39 14.95 -38.00 5.70
CA LYS D 39 14.63 -39.39 5.98
C LYS D 39 13.36 -39.80 5.26
N LEU D 40 13.29 -41.07 4.86
CA LEU D 40 12.08 -41.59 4.28
C LEU D 40 10.95 -41.57 5.31
N THR D 41 9.76 -41.19 4.88
CA THR D 41 8.61 -41.18 5.78
C THR D 41 7.81 -42.49 5.68
N VAL E 81 -9.84 -31.44 15.61
CA VAL E 81 -9.87 -30.28 14.72
C VAL E 81 -8.50 -30.13 14.06
N GLU E 82 -8.52 -29.67 12.81
CA GLU E 82 -7.29 -29.38 12.09
C GLU E 82 -6.40 -28.44 12.89
N ASN E 83 -5.09 -28.72 12.85
CA ASN E 83 -4.07 -27.83 13.37
C ASN E 83 -4.31 -26.43 12.79
N PRO E 84 -4.47 -25.40 13.64
CA PRO E 84 -4.82 -24.08 13.10
C PRO E 84 -3.72 -23.47 12.25
N VAL E 85 -2.47 -23.90 12.42
CA VAL E 85 -1.41 -23.41 11.52
C VAL E 85 -1.59 -24.02 10.14
N GLU E 86 -2.08 -25.27 10.07
CA GLU E 86 -2.37 -25.88 8.77
C GLU E 86 -3.55 -25.21 8.10
N THR E 87 -4.56 -24.81 8.87
CA THR E 87 -5.68 -24.06 8.31
C THR E 87 -5.20 -22.72 7.73
N PHE E 88 -4.26 -22.07 8.42
CA PHE E 88 -3.68 -20.83 7.92
C PHE E 88 -2.88 -21.06 6.64
N ARG E 89 -2.06 -22.12 6.60
CA ARG E 89 -1.36 -22.49 5.38
C ARG E 89 -2.32 -22.63 4.22
N LYS E 90 -3.43 -23.33 4.43
CA LYS E 90 -4.41 -23.50 3.34
C LYS E 90 -5.03 -22.17 2.94
N LEU E 91 -5.33 -21.29 3.90
CA LEU E 91 -5.91 -19.99 3.57
C LEU E 91 -4.96 -19.21 2.66
N ILE E 92 -3.68 -19.16 3.03
CA ILE E 92 -2.69 -18.43 2.24
C ILE E 92 -2.55 -19.06 0.85
N GLU E 93 -2.36 -20.37 0.81
CA GLU E 93 -2.03 -21.01 -0.46
C GLU E 93 -3.23 -21.14 -1.39
N ASN E 94 -4.46 -21.14 -0.86
CA ASN E 94 -5.65 -21.33 -1.70
C ASN E 94 -6.36 -20.03 -2.04
N ASP E 95 -5.73 -18.89 -1.78
CA ASP E 95 -6.27 -17.59 -2.17
C ASP E 95 -5.19 -16.83 -2.93
N SER E 96 -5.44 -16.51 -4.20
CA SER E 96 -4.41 -15.89 -5.02
C SER E 96 -3.92 -14.57 -4.44
N THR E 97 -4.83 -13.75 -3.90
CA THR E 97 -4.41 -12.46 -3.36
C THR E 97 -3.57 -12.61 -2.09
N LEU E 98 -4.03 -13.47 -1.18
CA LEU E 98 -3.27 -13.69 0.05
C LEU E 98 -1.93 -14.37 -0.23
N TYR E 99 -1.89 -15.28 -1.20
CA TYR E 99 -0.64 -15.88 -1.61
C TYR E 99 0.35 -14.80 -2.06
N MET E 100 -0.13 -13.86 -2.88
CA MET E 100 0.69 -12.72 -3.29
C MET E 100 1.19 -11.92 -2.09
N LEU E 101 0.27 -11.54 -1.18
CA LEU E 101 0.66 -10.69 -0.06
C LEU E 101 1.64 -11.39 0.87
N ALA E 102 1.47 -12.71 1.04
CA ALA E 102 2.35 -13.49 1.90
C ALA E 102 3.75 -13.63 1.32
N HIS E 103 3.95 -13.29 0.05
CA HIS E 103 5.32 -13.12 -0.46
C HIS E 103 5.78 -11.68 -0.35
N SER E 104 4.94 -10.76 -0.83
CA SER E 104 5.36 -9.36 -0.92
C SER E 104 5.63 -8.75 0.45
N MET E 105 4.94 -9.21 1.49
CA MET E 105 5.18 -8.63 2.81
C MET E 105 6.56 -8.97 3.35
N PHE E 106 7.19 -10.04 2.85
CA PHE E 106 8.60 -10.27 3.15
C PHE E 106 9.52 -9.62 2.13
N ASP E 107 9.17 -9.66 0.84
CA ASP E 107 9.98 -8.99 -0.19
C ASP E 107 10.19 -7.52 0.13
N GLU E 108 9.19 -6.88 0.74
CA GLU E 108 9.25 -5.45 0.97
C GLU E 108 10.07 -5.07 2.19
N VAL E 109 10.52 -6.05 2.97
CA VAL E 109 11.48 -5.79 4.05
C VAL E 109 12.87 -5.62 3.42
N PRO E 110 13.58 -4.53 3.70
CA PRO E 110 14.92 -4.36 3.13
C PRO E 110 15.85 -5.49 3.50
N GLU E 111 16.75 -5.85 2.56
CA GLU E 111 17.77 -6.85 2.87
C GLU E 111 18.85 -6.31 3.80
N LYS E 112 19.07 -4.99 3.81
CA LYS E 112 20.21 -4.43 4.51
C LYS E 112 19.97 -4.33 6.01
N ALA E 113 21.06 -4.50 6.77
CA ALA E 113 21.08 -4.32 8.22
C ALA E 113 20.44 -2.99 8.58
N PRO E 114 19.69 -2.92 9.68
CA PRO E 114 19.46 -3.96 10.68
C PRO E 114 18.31 -4.92 10.32
N TYR E 115 17.74 -4.81 9.12
CA TYR E 115 16.54 -5.57 8.80
C TYR E 115 16.85 -6.98 8.32
N ASP E 116 18.13 -7.33 8.24
CA ASP E 116 18.51 -8.73 8.04
C ASP E 116 18.31 -9.56 9.30
N ARG E 117 18.05 -8.91 10.44
CA ARG E 117 17.75 -9.60 11.69
C ARG E 117 16.44 -9.05 12.25
N ASP E 118 15.77 -9.86 13.08
CA ASP E 118 14.52 -9.40 13.69
C ASP E 118 14.83 -8.28 14.69
N PRO E 119 13.81 -7.61 15.23
CA PRO E 119 14.09 -6.43 16.08
C PRO E 119 14.86 -6.72 17.35
N THR E 120 14.87 -7.97 17.84
CA THR E 120 15.74 -8.27 18.98
C THR E 120 17.21 -8.30 18.61
N THR E 121 17.53 -8.36 17.32
CA THR E 121 18.86 -8.54 16.73
C THR E 121 19.45 -9.92 17.01
N LEU E 122 18.72 -10.82 17.68
CA LEU E 122 19.29 -12.10 18.07
C LEU E 122 19.15 -13.19 17.01
N LYS E 123 18.24 -13.04 16.05
CA LYS E 123 18.07 -14.04 15.00
C LYS E 123 17.90 -13.39 13.64
N LYS E 124 18.27 -14.13 12.60
CA LYS E 124 17.98 -13.69 11.23
C LYS E 124 16.48 -13.49 11.03
N GLN E 125 16.15 -12.47 10.26
CA GLN E 125 14.77 -12.17 9.89
C GLN E 125 14.21 -13.25 8.98
N VAL E 126 12.99 -13.70 9.29
CA VAL E 126 12.26 -14.63 8.43
C VAL E 126 11.89 -13.93 7.13
N ARG E 127 12.08 -14.63 5.99
CA ARG E 127 11.87 -14.05 4.68
CA ARG E 127 11.87 -14.05 4.68
C ARG E 127 10.84 -14.78 3.83
N ASN E 128 10.14 -15.78 4.37
CA ASN E 128 9.10 -16.41 3.56
C ASN E 128 8.04 -17.02 4.47
N TYR E 129 6.84 -17.20 3.91
CA TYR E 129 5.70 -17.58 4.74
C TYR E 129 5.77 -19.02 5.22
N LYS E 130 6.51 -19.90 4.52
CA LYS E 130 6.59 -21.28 4.96
C LYS E 130 7.46 -21.41 6.20
N THR E 131 8.58 -20.69 6.25
CA THR E 131 9.36 -20.62 7.48
C THR E 131 8.52 -20.00 8.60
N MET E 132 7.76 -18.96 8.28
CA MET E 132 6.86 -18.36 9.28
C MET E 132 5.92 -19.41 9.86
N LEU E 133 5.27 -20.19 8.98
CA LEU E 133 4.34 -21.21 9.46
C LEU E 133 5.04 -22.27 10.28
N TYR E 134 6.23 -22.71 9.85
CA TYR E 134 6.97 -23.69 10.63
C TYR E 134 7.22 -23.17 12.04
N LEU E 135 7.66 -21.92 12.15
CA LEU E 135 7.93 -21.33 13.45
C LEU E 135 6.65 -21.17 14.27
N PHE E 136 5.56 -20.71 13.63
CA PHE E 136 4.30 -20.58 14.36
C PHE E 136 3.89 -21.93 14.95
N ASN E 137 4.06 -23.01 14.18
CA ASN E 137 3.68 -24.33 14.69
C ASN E 137 4.55 -24.73 15.87
N THR E 138 5.86 -24.48 15.80
CA THR E 138 6.71 -24.80 16.95
C THR E 138 6.33 -23.94 18.16
N LEU E 139 5.91 -22.69 17.93
CA LEU E 139 5.57 -21.81 19.02
C LEU E 139 4.33 -22.26 19.79
N LEU E 140 3.47 -23.08 19.16
CA LEU E 140 2.28 -23.57 19.84
C LEU E 140 2.59 -24.28 21.15
N THR E 141 3.80 -24.80 21.31
CA THR E 141 4.22 -25.47 22.54
C THR E 141 5.47 -24.81 23.12
N GLU E 142 5.53 -23.47 23.10
CA GLU E 142 6.60 -22.70 23.74
C GLU E 142 6.04 -21.57 24.57
N VAL E 143 6.66 -21.31 25.71
CA VAL E 143 6.33 -20.09 26.45
C VAL E 143 7.25 -19.01 25.92
N PRO E 144 6.94 -17.72 26.08
CA PRO E 144 7.89 -16.68 25.69
C PRO E 144 9.21 -16.80 26.46
N GLU E 145 10.30 -16.52 25.75
CA GLU E 145 11.64 -16.61 26.32
C GLU E 145 12.07 -15.27 26.88
N TYR E 146 12.69 -15.30 28.06
CA TYR E 146 13.27 -14.07 28.63
C TYR E 146 14.70 -13.92 28.09
N PHE E 147 14.78 -13.41 26.85
CA PHE E 147 16.07 -13.40 26.19
C PHE E 147 17.03 -12.35 26.75
N LEU E 148 16.57 -11.50 27.66
CA LEU E 148 17.45 -10.51 28.26
C LEU E 148 18.44 -11.12 29.26
N ARG E 149 18.21 -12.36 29.69
CA ARG E 149 19.11 -12.99 30.66
C ARG E 149 20.51 -13.12 30.08
N ASP E 150 20.62 -13.70 28.89
CA ASP E 150 21.94 -13.87 28.28
C ASP E 150 22.32 -12.72 27.36
N ASN E 151 21.36 -11.88 26.96
CA ASN E 151 21.59 -10.77 26.04
C ASN E 151 20.97 -9.51 26.62
N PRO E 152 21.56 -8.96 27.69
CA PRO E 152 20.88 -7.88 28.43
C PRO E 152 20.80 -6.56 27.69
N ASN E 153 21.60 -6.36 26.65
CA ASN E 153 21.69 -5.05 26.02
C ASN E 153 20.95 -4.96 24.69
N VAL E 154 20.19 -5.98 24.30
CA VAL E 154 19.50 -5.94 23.01
C VAL E 154 18.14 -5.28 23.18
N PRO E 155 17.48 -4.83 22.11
CA PRO E 155 16.16 -4.20 22.26
C PRO E 155 15.17 -5.17 22.90
N SER E 156 14.43 -4.68 23.90
CA SER E 156 13.62 -5.53 24.75
C SER E 156 12.13 -5.38 24.52
N GLY E 157 11.73 -4.57 23.53
CA GLY E 157 10.32 -4.25 23.34
C GLY E 157 9.43 -5.45 23.06
N LEU E 158 10.02 -6.58 22.66
CA LEU E 158 9.26 -7.75 22.23
C LEU E 158 9.34 -8.90 23.23
N ILE E 159 9.85 -8.64 24.44
CA ILE E 159 9.81 -9.63 25.52
C ILE E 159 8.35 -10.01 25.75
N GLY E 160 8.06 -11.31 25.63
CA GLY E 160 6.69 -11.80 25.74
C GLY E 160 6.01 -12.11 24.42
N PHE E 161 6.63 -11.80 23.29
CA PHE E 161 5.92 -11.75 22.00
C PHE E 161 6.69 -12.51 20.92
N PRO E 162 6.72 -13.84 21.00
CA PRO E 162 7.50 -14.60 20.00
C PRO E 162 6.90 -14.57 18.59
N PHE E 163 5.57 -14.53 18.45
CA PHE E 163 4.98 -14.37 17.11
C PHE E 163 5.29 -13.00 16.55
N ASN E 164 5.10 -11.96 17.38
CA ASN E 164 5.39 -10.57 17.00
C ASN E 164 6.80 -10.41 16.46
N ILE E 165 7.77 -11.14 17.04
CA ILE E 165 9.16 -11.01 16.61
C ILE E 165 9.31 -11.40 15.15
N ILE E 166 8.64 -12.48 14.74
CA ILE E 166 8.76 -12.99 13.38
C ILE E 166 8.18 -12.01 12.37
N VAL E 167 7.04 -11.40 12.69
CA VAL E 167 6.29 -10.60 11.70
C VAL E 167 6.47 -9.10 11.89
N ASP E 168 7.35 -8.67 12.81
CA ASP E 168 7.39 -7.24 13.12
C ASP E 168 7.80 -6.40 11.92
N TRP E 169 8.84 -6.79 11.21
CA TRP E 169 9.22 -6.00 10.03
C TRP E 169 8.19 -6.17 8.91
N PRO E 170 7.72 -7.39 8.58
CA PRO E 170 6.62 -7.52 7.60
C PRO E 170 5.42 -6.66 7.92
N MET E 171 5.06 -6.51 9.21
CA MET E 171 3.94 -5.65 9.61
C MET E 171 4.12 -4.23 9.12
N GLY E 172 5.36 -3.80 8.94
CA GLY E 172 5.71 -2.44 8.54
C GLY E 172 5.75 -2.19 7.06
N THR E 173 5.42 -3.20 6.25
CA THR E 173 5.42 -3.04 4.80
C THR E 173 4.01 -2.77 4.29
N PRO E 174 3.88 -2.16 3.11
CA PRO E 174 2.52 -1.95 2.54
C PRO E 174 1.74 -3.25 2.36
N SER E 175 2.40 -4.29 1.85
CA SER E 175 1.72 -5.57 1.66
C SER E 175 1.42 -6.23 2.99
N GLY E 176 2.32 -6.11 3.97
CA GLY E 176 2.05 -6.63 5.30
C GLY E 176 0.87 -5.96 5.97
N ARG E 177 0.77 -4.64 5.84
CA ARG E 177 -0.37 -3.92 6.41
CA ARG E 177 -0.37 -3.93 6.42
C ARG E 177 -1.68 -4.44 5.84
N GLN E 178 -1.73 -4.66 4.52
CA GLN E 178 -2.92 -5.22 3.90
C GLN E 178 -3.18 -6.64 4.42
N PHE E 179 -2.14 -7.47 4.45
CA PHE E 179 -2.28 -8.85 4.91
C PHE E 179 -2.89 -8.90 6.31
N PHE E 180 -2.41 -8.06 7.21
CA PHE E 180 -2.82 -8.11 8.60
C PHE E 180 -4.10 -7.35 8.89
N LEU E 181 -4.73 -6.77 7.86
CA LEU E 181 -6.08 -6.27 7.97
C LEU E 181 -7.12 -7.24 7.41
N ASP E 182 -6.69 -8.37 6.85
CA ASP E 182 -7.63 -9.30 6.22
C ASP E 182 -8.39 -10.08 7.30
N THR E 183 -9.73 -10.09 7.20
CA THR E 183 -10.53 -10.69 8.25
C THR E 183 -10.31 -12.19 8.33
N ARG E 184 -10.07 -12.86 7.20
CA ARG E 184 -9.82 -14.30 7.23
C ARG E 184 -8.46 -14.61 7.85
N VAL E 185 -7.45 -13.79 7.54
CA VAL E 185 -6.15 -13.93 8.19
C VAL E 185 -6.30 -13.83 9.71
N ASN E 186 -7.09 -12.86 10.17
CA ASN E 186 -7.16 -12.63 11.61
C ASN E 186 -8.02 -13.68 12.32
N LYS E 187 -9.03 -14.25 11.65
CA LYS E 187 -9.68 -15.43 12.21
C LYS E 187 -8.68 -16.58 12.34
N CYS E 188 -7.85 -16.79 11.32
CA CYS E 188 -6.81 -17.81 11.41
C CYS E 188 -5.81 -17.51 12.53
N LEU E 189 -5.36 -16.26 12.65
CA LEU E 189 -4.45 -15.91 13.73
C LEU E 189 -5.11 -16.11 15.10
N LYS E 190 -6.38 -15.73 15.21
CA LYS E 190 -7.10 -15.94 16.47
C LYS E 190 -7.06 -17.40 16.88
N ASP E 191 -7.36 -18.31 15.95
CA ASP E 191 -7.37 -19.74 16.29
C ASP E 191 -5.98 -20.23 16.64
N ILE E 192 -4.95 -19.73 15.96
CA ILE E 192 -3.58 -20.11 16.27
C ILE E 192 -3.20 -19.61 17.66
N LEU E 193 -3.49 -18.34 17.94
CA LEU E 193 -3.08 -17.76 19.22
C LEU E 193 -3.91 -18.33 20.38
N ASN E 194 -5.14 -18.75 20.10
CA ASN E 194 -5.93 -19.40 21.15
C ASN E 194 -5.46 -20.83 21.40
N LYS E 195 -5.04 -21.54 20.36
CA LYS E 195 -4.40 -22.85 20.58
C LYS E 195 -3.10 -22.68 21.36
N TRP E 196 -2.36 -21.60 21.10
CA TRP E 196 -1.20 -21.29 21.92
C TRP E 196 -1.60 -21.08 23.37
N ASN E 197 -2.64 -20.29 23.60
CA ASN E 197 -3.08 -20.02 24.96
C ASN E 197 -3.49 -21.30 25.69
N GLU E 198 -4.09 -22.26 24.97
CA GLU E 198 -4.40 -23.55 25.59
CA GLU E 198 -4.40 -23.55 25.59
C GLU E 198 -3.14 -24.19 26.16
N PHE E 199 -2.02 -24.10 25.44
CA PHE E 199 -0.77 -24.61 25.97
C PHE E 199 -0.27 -23.77 27.14
N LEU E 200 -0.38 -22.45 27.04
CA LEU E 200 0.07 -21.58 28.14
C LEU E 200 -0.72 -21.79 29.41
N LYS E 201 -1.94 -22.33 29.30
CA LYS E 201 -2.78 -22.68 30.45
C LYS E 201 -2.56 -24.10 30.94
N ASP E 202 -1.71 -24.87 30.26
CA ASP E 202 -1.57 -26.30 30.52
C ASP E 202 -0.50 -26.51 31.58
N PRO E 203 -0.85 -26.97 32.79
CA PRO E 203 0.16 -27.17 33.83
C PRO E 203 1.16 -28.26 33.51
N THR E 204 0.90 -29.09 32.49
CA THR E 204 1.81 -30.15 32.09
C THR E 204 2.71 -29.76 30.92
N ALA E 205 2.51 -28.58 30.33
CA ALA E 205 3.23 -28.19 29.11
C ALA E 205 3.15 -29.30 28.06
N GLN E 206 1.91 -29.78 27.85
CA GLN E 206 1.60 -30.82 26.88
C GLN E 206 2.37 -32.10 27.18
N GLY E 207 2.05 -32.67 28.34
CA GLY E 207 2.48 -34.03 28.65
C GLY E 207 3.85 -34.17 29.27
N ASN E 208 4.36 -33.15 29.95
CA ASN E 208 5.66 -33.22 30.60
C ASN E 208 5.54 -33.31 32.12
N GLY E 209 4.51 -34.00 32.62
CA GLY E 209 4.34 -34.17 34.05
C GLY E 209 3.68 -32.97 34.70
N ASN E 210 3.35 -33.13 35.98
CA ASN E 210 2.56 -32.13 36.68
C ASN E 210 3.32 -30.82 36.90
N LYS E 211 4.65 -30.83 36.79
CA LYS E 211 5.44 -29.61 36.87
C LYS E 211 5.96 -29.14 35.51
N GLY E 212 5.36 -29.63 34.42
CA GLY E 212 5.85 -29.29 33.10
C GLY E 212 5.69 -27.80 32.78
N GLY E 213 4.53 -27.24 33.09
CA GLY E 213 4.31 -25.82 32.85
C GLY E 213 5.23 -24.94 33.65
N ASN E 214 5.52 -25.34 34.89
CA ASN E 214 6.43 -24.56 35.73
C ASN E 214 7.86 -24.66 35.22
N GLN E 215 8.30 -25.86 34.85
CA GLN E 215 9.65 -26.03 34.35
C GLN E 215 9.87 -25.26 33.05
N ALA E 216 8.83 -25.14 32.22
CA ALA E 216 8.96 -24.40 30.98
C ALA E 216 9.30 -22.94 31.25
N LEU E 217 8.75 -22.38 32.33
CA LEU E 217 9.06 -21.00 32.70
C LEU E 217 10.51 -20.87 33.16
N ILE E 218 11.00 -21.85 33.93
CA ILE E 218 12.37 -21.81 34.39
C ILE E 218 13.34 -21.97 33.23
N ASP E 219 13.08 -22.97 32.36
CA ASP E 219 13.94 -23.17 31.19
C ASP E 219 14.03 -21.92 30.34
N ALA E 220 12.97 -21.12 30.29
CA ALA E 220 12.90 -19.92 29.47
C ALA E 220 13.51 -18.70 30.14
N GLY E 221 14.09 -18.87 31.34
CA GLY E 221 14.87 -17.83 31.98
C GLY E 221 14.11 -16.91 32.91
N TRP E 222 12.83 -17.18 33.18
CA TRP E 222 12.03 -16.26 33.99
C TRP E 222 12.35 -16.31 35.48
N SER E 223 13.05 -17.33 35.96
CA SER E 223 13.47 -17.35 37.35
C SER E 223 14.87 -16.77 37.54
N SER E 224 15.45 -16.19 36.48
CA SER E 224 16.76 -15.57 36.59
C SER E 224 16.70 -14.31 37.44
N ASP E 225 17.85 -13.95 38.01
CA ASP E 225 17.93 -12.68 38.75
C ASP E 225 17.47 -11.52 37.85
N ALA E 226 17.94 -11.51 36.60
CA ALA E 226 17.60 -10.43 35.68
C ALA E 226 16.09 -10.28 35.56
N ALA E 227 15.39 -11.39 35.30
CA ALA E 227 13.95 -11.32 35.10
C ALA E 227 13.22 -10.94 36.39
N VAL E 228 13.58 -11.55 37.52
CA VAL E 228 12.83 -11.30 38.74
C VAL E 228 13.06 -9.88 39.24
N GLU E 229 14.32 -9.42 39.23
CA GLU E 229 14.61 -8.04 39.60
C GLU E 229 13.82 -7.07 38.74
N GLN E 230 13.74 -7.33 37.43
CA GLN E 230 12.96 -6.47 36.54
CA GLN E 230 12.97 -6.44 36.57
C GLN E 230 11.49 -6.43 36.96
N LEU E 231 10.92 -7.60 37.24
CA LEU E 231 9.52 -7.66 37.67
C LEU E 231 9.31 -6.92 38.99
N VAL E 232 10.24 -7.08 39.93
CA VAL E 232 10.15 -6.36 41.20
C VAL E 232 10.27 -4.86 40.97
N ASN E 233 11.32 -4.45 40.24
CA ASN E 233 11.54 -3.02 40.00
C ASN E 233 10.33 -2.38 39.32
N LYS E 234 9.74 -3.08 38.34
CA LYS E 234 8.61 -2.50 37.63
C LYS E 234 7.41 -2.31 38.56
N ALA E 235 7.14 -3.29 39.42
CA ALA E 235 6.05 -3.11 40.39
C ALA E 235 6.34 -1.96 41.34
N ASN E 236 7.59 -1.83 41.77
CA ASN E 236 7.93 -0.80 42.75
C ASN E 236 7.86 0.62 42.18
N GLU E 237 8.04 0.77 40.85
CA GLU E 237 8.22 2.11 40.29
C GLU E 237 6.99 2.99 40.47
N SER E 238 5.82 2.40 40.70
CA SER E 238 4.57 3.14 40.74
C SER E 238 4.12 3.47 42.16
N THR E 239 4.93 3.17 43.17
CA THR E 239 4.50 3.34 44.55
C THR E 239 5.67 3.79 45.40
N THR E 240 5.35 4.51 46.49
CA THR E 240 6.36 4.80 47.51
C THR E 240 6.59 3.62 48.45
N ASP E 241 5.63 2.70 48.56
CA ASP E 241 5.75 1.55 49.46
C ASP E 241 6.50 0.41 48.74
N LYS E 242 7.81 0.63 48.57
CA LYS E 242 8.64 -0.32 47.84
C LYS E 242 8.83 -1.62 48.63
N LYS E 243 8.84 -2.74 47.92
CA LYS E 243 9.03 -4.07 48.49
C LYS E 243 10.33 -4.68 47.99
N LYS E 244 11.02 -5.42 48.86
CA LYS E 244 12.33 -5.93 48.48
C LYS E 244 12.26 -7.18 47.60
N THR E 245 11.22 -8.00 47.75
CA THR E 245 11.18 -9.31 47.09
C THR E 245 9.87 -9.50 46.33
N PHE E 246 9.94 -10.34 45.29
CA PHE E 246 8.76 -10.68 44.51
C PHE E 246 7.62 -11.17 45.39
N SER E 247 7.93 -12.02 46.37
CA SER E 247 6.87 -12.65 47.15
C SER E 247 6.14 -11.67 48.06
N GLU E 248 6.68 -10.49 48.33
CA GLU E 248 5.93 -9.48 49.06
C GLU E 248 4.97 -8.70 48.18
N ILE E 249 5.09 -8.82 46.86
CA ILE E 249 4.30 -8.03 45.92
C ILE E 249 3.13 -8.82 45.33
N PHE E 250 3.40 -10.03 44.82
CA PHE E 250 2.42 -10.78 44.05
C PHE E 250 2.05 -12.09 44.74
N GLN E 251 0.78 -12.46 44.61
CA GLN E 251 0.32 -13.76 45.06
C GLN E 251 0.89 -14.87 44.18
N HIS E 252 1.36 -15.95 44.81
CA HIS E 252 1.77 -17.15 44.09
C HIS E 252 1.49 -18.35 44.97
N PRO E 253 1.58 -19.57 44.42
CA PRO E 253 1.27 -20.77 45.23
C PRO E 253 2.23 -20.95 46.40
N ALA E 254 1.78 -21.78 47.34
CA ALA E 254 2.51 -22.00 48.58
C ALA E 254 3.90 -22.58 48.33
N ASN E 255 4.84 -22.20 49.19
CA ASN E 255 6.23 -22.64 49.12
C ASN E 255 6.94 -22.14 47.88
N GLY E 256 6.35 -21.15 47.21
CA GLY E 256 7.00 -20.54 46.06
C GLY E 256 8.27 -19.82 46.47
N THR E 257 9.36 -20.06 45.73
CA THR E 257 10.61 -19.34 45.86
C THR E 257 11.06 -18.90 44.48
N GLN E 258 12.11 -18.08 44.43
CA GLN E 258 12.66 -17.73 43.13
C GLN E 258 13.14 -18.98 42.39
N GLU E 259 13.79 -19.89 43.10
CA GLU E 259 14.39 -21.06 42.47
C GLU E 259 13.35 -21.94 41.77
N ASN E 260 12.12 -22.00 42.28
CA ASN E 260 11.06 -22.76 41.64
C ASN E 260 10.07 -21.86 40.90
N PHE E 261 10.51 -20.66 40.53
CA PHE E 261 9.68 -19.61 39.94
C PHE E 261 8.32 -19.54 40.64
N PHE E 262 8.37 -19.47 41.97
CA PHE E 262 7.21 -19.16 42.82
C PHE E 262 6.10 -20.20 42.68
N ASN E 263 6.45 -21.39 42.19
CA ASN E 263 5.52 -22.48 41.95
C ASN E 263 4.34 -22.08 41.07
N TYR E 264 4.49 -21.04 40.24
CA TYR E 264 3.47 -20.80 39.22
C TYR E 264 3.34 -22.02 38.34
N ALA E 265 2.10 -22.49 38.15
CA ALA E 265 1.89 -23.77 37.49
C ALA E 265 1.99 -23.67 35.96
N CYS E 266 1.77 -22.49 35.38
CA CYS E 266 1.83 -22.33 33.94
C CYS E 266 2.03 -20.85 33.65
N TRP E 267 2.34 -20.55 32.38
CA TRP E 267 2.54 -19.16 31.98
C TRP E 267 1.31 -18.33 32.28
N ASP E 268 0.11 -18.86 31.99
CA ASP E 268 -1.11 -18.07 32.11
C ASP E 268 -1.33 -17.61 33.54
N ASN E 269 -1.00 -18.45 34.53
CA ASN E 269 -1.15 -18.05 35.93
C ASN E 269 -0.13 -16.98 36.30
N PHE E 270 1.12 -17.12 35.83
CA PHE E 270 2.11 -16.07 36.06
C PHE E 270 1.70 -14.76 35.42
N PHE E 271 1.18 -14.82 34.19
CA PHE E 271 0.87 -13.62 33.43
C PHE E 271 -0.29 -12.85 34.07
N THR E 272 -1.29 -13.56 34.58
CA THR E 272 -2.45 -12.93 35.18
C THR E 272 -2.37 -12.91 36.72
N ARG E 273 -1.16 -12.99 37.28
CA ARG E 273 -0.98 -12.96 38.73
C ARG E 273 -1.64 -11.74 39.37
N ARG E 274 -2.02 -11.90 40.64
CA ARG E 274 -2.70 -10.86 41.41
C ARG E 274 -1.72 -10.21 42.38
N PHE E 275 -2.02 -8.97 42.75
CA PHE E 275 -1.25 -8.30 43.79
C PHE E 275 -1.63 -8.88 45.16
N LYS E 276 -0.64 -9.02 46.03
CA LYS E 276 -0.90 -9.35 47.42
C LYS E 276 -1.72 -8.25 48.09
N ASP E 277 -2.43 -8.64 49.14
CA ASP E 277 -3.30 -7.70 49.83
C ASP E 277 -2.51 -6.51 50.39
N GLY E 278 -3.10 -5.32 50.26
CA GLY E 278 -2.46 -4.11 50.73
C GLY E 278 -1.36 -3.55 49.84
N VAL E 279 -1.00 -4.25 48.77
CA VAL E 279 0.09 -3.76 47.92
C VAL E 279 -0.43 -2.66 46.98
N ARG E 280 -1.70 -2.71 46.61
CA ARG E 280 -2.34 -1.69 45.78
C ARG E 280 -3.62 -1.22 46.44
N PRO E 281 -3.52 -0.44 47.52
CA PRO E 281 -4.73 0.02 48.22
C PRO E 281 -5.63 0.87 47.33
N VAL E 282 -6.92 0.77 47.59
CA VAL E 282 -7.93 1.47 46.80
C VAL E 282 -8.10 2.89 47.33
N ALA E 283 -7.84 3.89 46.49
CA ALA E 283 -7.94 5.28 46.91
C ALA E 283 -9.39 5.69 47.15
N ASP E 284 -9.56 6.78 47.93
CA ASP E 284 -10.88 7.33 48.20
C ASP E 284 -11.53 7.98 46.98
N ALA E 285 -10.71 8.44 46.03
CA ALA E 285 -11.22 9.25 44.92
C ALA E 285 -12.29 8.49 44.12
N ALA E 286 -13.13 9.27 43.44
CA ALA E 286 -14.25 8.69 42.69
C ALA E 286 -13.77 7.74 41.59
N VAL E 287 -12.66 8.06 40.94
CA VAL E 287 -12.12 7.25 39.83
C VAL E 287 -10.72 6.81 40.20
N VAL E 288 -10.45 5.51 40.09
CA VAL E 288 -9.11 4.98 40.29
C VAL E 288 -8.63 4.33 39.00
N ASN E 289 -7.33 4.06 38.97
CA ASN E 289 -6.69 3.44 37.81
C ASN E 289 -7.15 1.99 37.64
N ALA E 290 -7.73 1.69 36.48
CA ALA E 290 -8.20 0.35 36.18
C ALA E 290 -7.04 -0.61 35.87
N CYS E 291 -5.92 -0.11 35.38
CA CYS E 291 -4.79 -0.95 35.06
C CYS E 291 -3.51 -0.37 35.63
N GLU E 292 -2.59 -1.25 35.95
CA GLU E 292 -1.22 -0.88 36.28
C GLU E 292 -0.55 -0.48 34.98
N SER E 293 -0.51 0.81 34.66
CA SER E 293 -0.34 1.21 33.28
C SER E 293 0.32 2.59 33.18
N PHE E 294 0.84 2.87 31.98
CA PHE E 294 1.64 4.06 31.70
C PHE E 294 0.82 5.05 30.88
N PRO E 295 0.54 6.26 31.39
CA PRO E 295 -0.30 7.20 30.63
C PRO E 295 0.23 7.42 29.23
N LEU E 296 -0.69 7.46 28.27
CA LEU E 296 -0.38 7.63 26.86
C LEU E 296 -1.06 8.84 26.26
N SER E 297 -2.39 8.95 26.40
CA SER E 297 -3.14 10.05 25.84
C SER E 297 -4.25 10.48 26.80
N PHE E 298 -4.60 11.76 26.73
CA PHE E 298 -5.83 12.28 27.33
C PHE E 298 -6.45 13.26 26.35
N ASP E 299 -7.62 12.91 25.81
CA ASP E 299 -8.29 13.71 24.79
C ASP E 299 -9.63 14.19 25.33
N THR E 300 -9.93 15.48 25.15
CA THR E 300 -11.22 16.03 25.52
C THR E 300 -12.02 16.38 24.27
N ASP E 301 -13.33 16.53 24.46
CA ASP E 301 -14.25 16.95 23.39
C ASP E 301 -14.17 16.01 22.18
N VAL E 302 -14.26 14.70 22.43
CA VAL E 302 -14.10 13.72 21.36
C VAL E 302 -15.39 13.62 20.54
N SER E 303 -15.25 13.28 19.27
CA SER E 303 -16.35 13.29 18.31
C SER E 303 -17.05 11.94 18.26
N ARG E 304 -18.27 11.95 17.73
CA ARG E 304 -19.03 10.72 17.57
C ARG E 304 -18.30 9.73 16.66
N ARG E 305 -17.82 10.22 15.52
CA ARG E 305 -16.97 9.44 14.62
C ARG E 305 -15.90 10.36 14.08
N ASN E 306 -14.73 9.81 13.76
CA ASN E 306 -13.64 10.67 13.32
C ASN E 306 -12.70 9.91 12.41
N THR E 307 -11.84 10.66 11.72
CA THR E 307 -10.86 10.14 10.76
C THR E 307 -9.67 9.56 11.52
N PHE E 308 -9.91 8.40 12.15
CA PHE E 308 -8.89 7.83 13.03
C PHE E 308 -7.63 7.40 12.29
N TRP E 309 -7.65 7.37 10.96
CA TRP E 309 -6.50 6.96 10.16
C TRP E 309 -5.56 8.11 9.83
N LEU E 310 -5.94 9.35 10.16
CA LEU E 310 -5.07 10.47 9.87
C LEU E 310 -3.99 10.61 10.95
N LYS E 311 -2.94 11.38 10.63
CA LYS E 311 -1.86 11.58 11.57
C LYS E 311 -2.38 12.13 12.90
N GLY E 312 -1.83 11.64 13.99
CA GLY E 312 -2.34 11.98 15.30
C GLY E 312 -3.46 11.09 15.80
N THR E 313 -4.14 10.37 14.91
CA THR E 313 -5.15 9.37 15.24
C THR E 313 -6.22 9.95 16.16
N PRO E 314 -7.09 10.83 15.67
CA PRO E 314 -8.21 11.29 16.50
C PRO E 314 -9.10 10.11 16.84
N TYR E 315 -9.56 10.07 18.09
CA TYR E 315 -10.40 8.96 18.52
C TYR E 315 -11.74 9.01 17.82
N SER E 316 -12.26 7.84 17.47
CA SER E 316 -13.55 7.71 16.78
C SER E 316 -14.41 6.78 17.63
N LEU E 317 -15.30 7.36 18.44
CA LEU E 317 -16.07 6.56 19.39
C LEU E 317 -16.91 5.50 18.69
N HIS E 318 -17.57 5.88 17.59
CA HIS E 318 -18.44 4.96 16.87
C HIS E 318 -17.69 3.68 16.51
N ASP E 319 -16.44 3.82 16.06
CA ASP E 319 -15.61 2.68 15.67
C ASP E 319 -15.04 1.96 16.89
N MET E 320 -14.47 2.70 17.84
CA MET E 320 -13.85 2.09 19.00
C MET E 320 -14.83 1.17 19.73
N LEU E 321 -16.04 1.65 19.95
CA LEU E 321 -17.02 0.97 20.79
C LEU E 321 -17.81 -0.09 20.04
N GLY E 322 -17.71 -0.14 18.71
CA GLY E 322 -18.34 -1.19 17.96
C GLY E 322 -19.74 -0.91 17.46
N ALA E 323 -20.16 0.37 17.40
CA ALA E 323 -21.48 0.69 16.88
C ALA E 323 -21.61 0.33 15.42
N THR E 324 -20.48 0.09 14.76
CA THR E 324 -20.49 -0.46 13.41
C THR E 324 -21.26 -1.77 13.33
N GLN E 325 -21.11 -2.63 14.36
CA GLN E 325 -21.67 -3.97 14.31
CA GLN E 325 -21.69 -3.96 14.30
C GLN E 325 -22.61 -4.28 15.47
N ASP E 326 -22.91 -3.31 16.34
CA ASP E 326 -23.88 -3.56 17.43
C ASP E 326 -24.63 -2.25 17.67
N GLU E 327 -25.85 -2.16 17.11
CA GLU E 327 -26.71 -1.00 17.31
C GLU E 327 -26.96 -0.72 18.78
N ARG E 328 -26.86 -1.74 19.64
CA ARG E 328 -27.17 -1.53 21.04
C ARG E 328 -26.15 -0.63 21.73
N VAL E 329 -24.96 -0.48 21.17
CA VAL E 329 -23.99 0.43 21.79
C VAL E 329 -24.12 1.86 21.27
N ALA E 330 -24.99 2.10 20.28
CA ALA E 330 -25.01 3.40 19.60
C ALA E 330 -25.46 4.53 20.53
N SER E 331 -26.44 4.28 21.39
CA SER E 331 -26.87 5.33 22.32
C SER E 331 -25.75 5.71 23.28
N TYR E 332 -24.90 4.74 23.64
CA TYR E 332 -23.76 5.04 24.48
C TYR E 332 -22.72 5.87 23.74
N VAL E 333 -22.51 5.59 22.45
CA VAL E 333 -21.67 6.46 21.63
C VAL E 333 -22.21 7.88 21.64
N ASP E 334 -23.51 8.02 21.38
CA ASP E 334 -24.13 9.35 21.42
C ASP E 334 -23.86 10.03 22.75
N GLY E 335 -23.89 9.27 23.84
CA GLY E 335 -23.71 9.82 25.17
C GLY E 335 -22.29 10.22 25.52
N PHE E 336 -21.30 9.74 24.76
CA PHE E 336 -19.91 10.09 24.99
C PHE E 336 -19.41 11.20 24.09
N VAL E 337 -20.24 11.68 23.16
CA VAL E 337 -19.86 12.81 22.32
C VAL E 337 -19.55 14.02 23.19
N GLY E 338 -18.45 14.69 22.90
CA GLY E 338 -17.98 15.77 23.74
C GLY E 338 -17.28 15.34 25.01
N GLY E 339 -17.19 14.03 25.28
CA GLY E 339 -16.53 13.52 26.46
C GLY E 339 -15.03 13.40 26.30
N SER E 340 -14.42 12.72 27.27
CA SER E 340 -12.97 12.58 27.31
C SER E 340 -12.56 11.12 27.26
N VAL E 341 -11.45 10.86 26.58
CA VAL E 341 -10.88 9.52 26.45
C VAL E 341 -9.47 9.55 27.02
N TYR E 342 -9.21 8.69 27.99
CA TYR E 342 -7.87 8.48 28.53
C TYR E 342 -7.37 7.10 28.09
N GLN E 343 -6.11 7.02 27.70
CA GLN E 343 -5.50 5.75 27.29
C GLN E 343 -4.16 5.56 27.95
N ALA E 344 -3.86 4.31 28.32
CA ALA E 344 -2.63 4.00 29.04
C ALA E 344 -2.18 2.59 28.68
N PHE E 345 -0.87 2.37 28.76
CA PHE E 345 -0.19 1.21 28.20
C PHE E 345 0.28 0.27 29.30
N LEU E 346 0.08 -1.05 29.09
CA LEU E 346 0.50 -2.09 30.03
C LEU E 346 1.71 -2.81 29.45
N SER E 347 2.85 -2.69 30.11
CA SER E 347 4.05 -3.36 29.63
C SER E 347 4.01 -4.85 29.95
N ALA E 348 4.91 -5.60 29.32
CA ALA E 348 4.95 -7.05 29.50
C ALA E 348 5.31 -7.43 30.93
N ASP E 349 6.11 -6.61 31.61
CA ASP E 349 6.48 -6.87 32.99
C ASP E 349 5.54 -6.19 33.99
N SER E 350 4.39 -5.71 33.55
CA SER E 350 3.41 -5.12 34.44
C SER E 350 2.33 -6.14 34.80
N TYR E 351 1.60 -5.84 35.87
CA TYR E 351 0.36 -6.52 36.21
C TYR E 351 -0.64 -6.39 35.07
N HIS E 352 -1.28 -7.50 34.71
CA HIS E 352 -2.13 -7.54 33.53
C HIS E 352 -3.61 -7.72 33.83
N CYS E 353 -4.02 -7.73 35.10
CA CYS E 353 -5.45 -7.83 35.33
C CYS E 353 -6.08 -6.44 35.30
N TRP E 354 -7.41 -6.43 35.35
CA TRP E 354 -8.21 -5.22 35.27
C TRP E 354 -8.99 -5.05 36.57
N ASN E 355 -8.95 -3.84 37.12
CA ASN E 355 -9.70 -3.50 38.33
C ASN E 355 -10.75 -2.46 38.01
N ALA E 356 -11.89 -2.55 38.70
CA ALA E 356 -12.99 -1.62 38.46
C ALA E 356 -12.54 -0.18 38.72
N PRO E 357 -12.62 0.72 37.74
CA PRO E 357 -12.19 2.11 37.98
C PRO E 357 -13.18 2.90 38.82
N VAL E 358 -14.45 2.51 38.80
CA VAL E 358 -15.51 3.18 39.54
C VAL E 358 -16.43 2.12 40.13
N THR E 359 -17.37 2.58 40.96
CA THR E 359 -18.48 1.75 41.44
C THR E 359 -19.72 2.06 40.62
N GLY E 360 -20.40 1.01 40.18
CA GLY E 360 -21.66 1.21 39.50
C GLY E 360 -22.16 -0.09 38.89
N LYS E 361 -23.23 0.06 38.11
CA LYS E 361 -23.94 -1.06 37.51
C LYS E 361 -23.55 -1.18 36.04
N VAL E 362 -23.07 -2.35 35.64
CA VAL E 362 -22.80 -2.63 34.23
C VAL E 362 -24.09 -2.56 33.44
N VAL E 363 -24.13 -1.67 32.45
CA VAL E 363 -25.27 -1.57 31.53
C VAL E 363 -24.93 -2.07 30.13
N TYR E 364 -23.67 -2.38 29.84
CA TYR E 364 -23.30 -2.90 28.53
C TYR E 364 -21.94 -3.58 28.63
N ARG E 365 -21.83 -4.75 28.00
CA ARG E 365 -20.55 -5.44 27.93
C ARG E 365 -20.44 -6.15 26.59
N SER E 366 -19.27 -6.08 25.96
CA SER E 366 -19.07 -6.75 24.67
C SER E 366 -17.62 -7.20 24.52
N LEU E 367 -17.43 -8.11 23.57
CA LEU E 367 -16.13 -8.48 23.03
C LEU E 367 -16.21 -8.29 21.53
N ILE E 368 -15.15 -7.74 20.93
CA ILE E 368 -15.13 -7.40 19.51
C ILE E 368 -13.92 -8.10 18.88
N ASP E 369 -14.18 -8.93 17.86
CA ASP E 369 -13.10 -9.53 17.10
C ASP E 369 -12.38 -8.46 16.29
N GLY E 370 -11.10 -8.70 15.99
CA GLY E 370 -10.38 -7.74 15.18
C GLY E 370 -8.96 -8.14 14.85
N THR E 371 -8.11 -7.14 14.66
CA THR E 371 -6.74 -7.39 14.21
C THR E 371 -5.83 -7.78 15.38
N TYR E 372 -4.62 -8.21 15.01
CA TYR E 372 -3.55 -8.54 15.95
C TYR E 372 -2.25 -7.81 15.64
N PHE E 373 -1.84 -7.81 14.37
CA PHE E 373 -0.57 -7.22 13.96
C PHE E 373 -0.77 -6.08 12.97
N ALA E 374 -1.88 -5.35 13.09
CA ALA E 374 -2.15 -4.18 12.27
C ALA E 374 -1.59 -2.93 12.94
N GLU E 375 -0.77 -2.19 12.21
CA GLU E 375 -0.19 -0.94 12.69
C GLU E 375 -0.33 0.12 11.60
N THR E 376 0.00 1.36 11.96
CA THR E 376 -0.18 2.45 11.02
C THR E 376 0.90 2.45 9.95
N ALA E 377 0.62 3.16 8.86
CA ALA E 377 1.65 3.42 7.87
C ALA E 377 2.78 4.27 8.45
N ALA E 378 2.46 5.20 9.35
CA ALA E 378 3.50 5.99 9.99
C ALA E 378 4.46 5.10 10.78
N ALA E 379 3.97 3.95 11.28
CA ALA E 379 4.78 3.00 12.03
C ALA E 379 5.55 2.04 11.15
N GLY E 380 5.43 2.14 9.82
CA GLY E 380 6.05 1.20 8.92
C GLY E 380 7.28 1.78 8.25
N PHE E 381 7.84 0.97 7.34
CA PHE E 381 8.97 1.43 6.54
C PHE E 381 8.60 2.69 5.79
N GLY E 382 9.53 3.66 5.77
CA GLY E 382 9.29 4.95 5.17
C GLY E 382 8.33 5.84 5.93
N GLY E 383 7.82 5.40 7.09
CA GLY E 383 6.88 6.21 7.83
C GLY E 383 7.54 7.21 8.76
N SER E 384 6.78 8.23 9.12
CA SER E 384 7.34 9.30 9.95
C SER E 384 7.68 8.84 11.36
N ASN E 385 7.26 7.65 11.77
CA ASN E 385 7.66 7.10 13.05
C ASN E 385 7.91 5.60 12.92
N GLY E 386 8.53 5.20 11.81
CA GLY E 386 8.68 3.79 11.51
C GLY E 386 10.04 3.43 10.98
N PRO E 387 10.31 2.14 10.84
CA PRO E 387 9.43 1.01 11.19
C PRO E 387 9.46 0.75 12.70
N ASP E 388 8.32 0.54 13.32
CA ASP E 388 8.24 0.24 14.75
C ASP E 388 8.94 -1.08 15.06
N PRO E 389 10.00 -1.08 15.89
CA PRO E 389 10.62 -2.33 16.30
C PRO E 389 9.74 -3.18 17.23
N ALA E 390 8.63 -2.64 17.70
CA ALA E 390 7.73 -3.38 18.55
C ALA E 390 6.28 -3.02 18.21
N GLY E 391 5.92 -3.13 16.94
CA GLY E 391 4.56 -2.86 16.55
C GLY E 391 3.61 -3.79 17.30
N PRO E 392 2.43 -3.27 17.71
CA PRO E 392 1.87 -1.94 17.42
C PRO E 392 2.09 -0.88 18.51
N ASP E 393 3.27 -0.87 19.14
CA ASP E 393 3.58 0.08 20.22
C ASP E 393 3.23 1.52 19.86
N VAL E 394 3.75 2.04 18.75
CA VAL E 394 3.52 3.45 18.44
C VAL E 394 2.20 3.64 17.71
N SER E 395 1.40 2.57 17.59
CA SER E 395 0.09 2.64 16.95
C SER E 395 -1.07 2.40 17.93
N GLN E 396 -0.86 2.67 19.22
CA GLN E 396 -1.85 2.27 20.22
C GLN E 396 -3.18 3.00 20.06
N ARG E 397 -3.16 4.28 19.69
CA ARG E 397 -4.42 4.97 19.47
C ARG E 397 -5.17 4.35 18.29
N TYR E 398 -4.46 4.07 17.20
CA TYR E 398 -5.05 3.49 15.99
C TYR E 398 -5.75 2.18 16.28
N ILE E 399 -5.09 1.25 16.98
CA ILE E 399 -5.65 -0.09 17.15
C ILE E 399 -6.88 -0.12 18.06
N THR E 400 -7.18 0.96 18.80
CA THR E 400 -8.42 0.96 19.57
C THR E 400 -9.63 0.89 18.66
N HIS E 401 -9.45 1.17 17.37
CA HIS E 401 -10.57 1.15 16.44
C HIS E 401 -10.71 -0.17 15.68
N ILE E 402 -9.71 -1.06 15.73
CA ILE E 402 -9.71 -2.24 14.86
C ILE E 402 -9.23 -3.52 15.54
N ALA E 403 -8.52 -3.41 16.65
CA ALA E 403 -7.93 -4.61 17.22
C ALA E 403 -8.97 -5.41 18.02
N ALA E 404 -8.66 -6.69 18.23
CA ALA E 404 -9.41 -7.49 19.19
C ALA E 404 -9.48 -6.73 20.51
N ARG E 405 -10.69 -6.60 21.07
CA ARG E 405 -10.88 -5.70 22.21
C ARG E 405 -12.19 -6.05 22.92
N GLY E 406 -12.45 -5.36 24.03
CA GLY E 406 -13.70 -5.48 24.74
C GLY E 406 -14.21 -4.11 25.16
N VAL E 407 -15.50 -4.05 25.52
CA VAL E 407 -16.15 -2.82 25.95
C VAL E 407 -16.96 -3.10 27.20
N LEU E 408 -16.76 -2.29 28.25
CA LEU E 408 -17.61 -2.33 29.44
C LEU E 408 -18.10 -0.91 29.74
N ILE E 409 -19.41 -0.76 29.97
CA ILE E 409 -19.99 0.53 30.30
C ILE E 409 -20.71 0.42 31.63
N VAL E 410 -20.36 1.31 32.56
CA VAL E 410 -20.80 1.25 33.95
C VAL E 410 -21.59 2.51 34.28
N ASP E 411 -22.76 2.33 34.87
CA ASP E 411 -23.60 3.44 35.30
C ASP E 411 -23.28 3.75 36.76
N THR E 412 -22.68 4.91 37.01
CA THR E 412 -22.37 5.36 38.36
C THR E 412 -23.50 6.15 38.99
N ASN E 413 -24.55 6.48 38.22
CA ASN E 413 -25.70 7.23 38.71
C ASN E 413 -26.66 6.26 39.42
N VAL E 414 -26.10 5.57 40.41
CA VAL E 414 -26.79 4.53 41.18
C VAL E 414 -26.40 4.67 42.64
N THR E 415 -27.12 3.93 43.48
CA THR E 415 -26.85 3.91 44.91
C THR E 415 -25.44 3.39 45.19
N GLY E 416 -24.66 4.19 45.91
CA GLY E 416 -23.28 3.87 46.17
C GLY E 416 -22.30 4.39 45.14
N GLY E 417 -22.78 4.92 44.02
CA GLY E 417 -21.90 5.40 42.98
C GLY E 417 -21.59 6.88 43.09
N ALA E 418 -20.50 7.28 42.41
CA ALA E 418 -20.01 8.66 42.48
C ALA E 418 -20.90 9.63 41.75
N LYS E 419 -21.91 9.15 41.01
CA LYS E 419 -22.85 10.00 40.29
C LYS E 419 -22.14 10.84 39.22
N ILE E 420 -21.29 10.18 38.43
CA ILE E 420 -20.63 10.85 37.31
C ILE E 420 -21.10 10.24 35.99
N GLY E 421 -22.33 9.76 35.95
CA GLY E 421 -22.86 9.24 34.70
C GLY E 421 -22.22 7.90 34.31
N LEU E 422 -22.11 7.70 33.00
CA LEU E 422 -21.59 6.45 32.46
C LEU E 422 -20.09 6.54 32.21
N VAL E 423 -19.37 5.50 32.60
CA VAL E 423 -17.93 5.38 32.43
C VAL E 423 -17.66 4.17 31.56
N GLY E 424 -16.85 4.36 30.52
CA GLY E 424 -16.50 3.27 29.62
C GLY E 424 -15.09 2.75 29.92
N PHE E 425 -14.94 1.44 29.81
CA PHE E 425 -13.64 0.79 29.93
C PHE E 425 -13.42 -0.07 28.71
N VAL E 426 -12.38 0.23 27.94
CA VAL E 426 -12.13 -0.45 26.67
C VAL E 426 -10.74 -1.08 26.67
N PRO E 427 -10.60 -2.32 27.11
CA PRO E 427 -9.31 -3.02 26.96
C PRO E 427 -9.10 -3.42 25.50
N VAL E 428 -7.85 -3.27 25.03
CA VAL E 428 -7.52 -3.43 23.62
C VAL E 428 -6.30 -4.32 23.49
N GLY E 429 -6.43 -5.38 22.70
CA GLY E 429 -5.31 -6.29 22.52
C GLY E 429 -4.15 -5.64 21.78
N MET E 430 -2.96 -6.20 21.98
CA MET E 430 -1.79 -5.84 21.19
C MET E 430 -1.08 -7.12 20.82
N SER E 431 -0.99 -7.42 19.51
CA SER E 431 -0.24 -8.58 19.01
C SER E 431 -0.77 -9.82 19.73
N GLU E 432 0.08 -10.72 20.23
CA GLU E 432 -0.41 -11.94 20.84
C GLU E 432 -0.74 -11.78 22.33
N VAL E 433 -0.92 -10.55 22.80
CA VAL E 433 -1.57 -10.32 24.10
C VAL E 433 -2.92 -9.68 23.78
N SER E 434 -3.88 -10.49 23.35
CA SER E 434 -5.15 -9.96 22.85
C SER E 434 -6.35 -10.72 23.39
N THR E 435 -6.17 -11.69 24.26
CA THR E 435 -7.30 -12.33 24.94
C THR E 435 -7.88 -11.38 25.97
N CYS E 436 -9.11 -10.93 25.74
CA CYS E 436 -9.80 -10.02 26.65
C CYS E 436 -10.78 -10.87 27.48
N ASP E 437 -10.46 -11.07 28.74
CA ASP E 437 -11.17 -12.01 29.62
C ASP E 437 -12.01 -11.21 30.63
N TRP E 438 -13.30 -11.02 30.35
CA TRP E 438 -14.22 -10.42 31.32
C TRP E 438 -14.59 -11.46 32.37
N PHE E 439 -14.46 -11.10 33.64
CA PHE E 439 -14.92 -11.98 34.69
C PHE E 439 -16.45 -11.91 34.84
N ASP E 440 -17.02 -12.95 35.44
CA ASP E 440 -18.48 -13.01 35.51
C ASP E 440 -19.08 -11.93 36.40
N ASN E 441 -18.28 -11.30 37.27
CA ASN E 441 -18.82 -10.18 38.04
C ASN E 441 -19.11 -8.96 37.19
N THR E 442 -18.84 -8.99 35.87
CA THR E 442 -19.15 -7.86 35.01
C THR E 442 -20.34 -8.12 34.10
N GLU E 443 -21.11 -9.19 34.32
CA GLU E 443 -22.28 -9.41 33.49
C GLU E 443 -23.23 -8.22 33.58
N GLU E 444 -23.90 -7.93 32.48
CA GLU E 444 -24.80 -6.78 32.44
C GLU E 444 -25.85 -6.93 33.54
N GLY E 445 -26.10 -5.84 34.26
CA GLY E 445 -27.01 -5.85 35.38
C GLY E 445 -26.37 -6.06 36.74
N LYS E 446 -25.12 -6.54 36.78
CA LYS E 446 -24.42 -6.66 38.05
C LYS E 446 -23.77 -5.33 38.44
N THR E 447 -23.48 -5.19 39.73
CA THR E 447 -22.83 -4.00 40.28
C THR E 447 -21.39 -4.35 40.66
N ILE E 448 -20.44 -3.53 40.23
CA ILE E 448 -19.04 -3.71 40.59
C ILE E 448 -18.64 -2.60 41.54
N SER E 449 -17.68 -2.90 42.41
CA SER E 449 -17.16 -1.92 43.35
C SER E 449 -15.79 -1.47 42.90
N LYS E 450 -15.57 -0.16 42.95
CA LYS E 450 -14.27 0.45 42.69
C LYS E 450 -13.16 -0.40 43.29
N GLY E 451 -12.22 -0.82 42.43
CA GLY E 451 -11.10 -1.64 42.86
C GLY E 451 -11.28 -3.13 42.70
N ASP E 452 -12.49 -3.61 42.42
CA ASP E 452 -12.69 -5.03 42.22
C ASP E 452 -11.96 -5.53 40.98
N VAL E 453 -11.29 -6.67 41.10
CA VAL E 453 -10.69 -7.31 39.94
C VAL E 453 -11.82 -7.83 39.05
N ILE E 454 -11.84 -7.38 37.80
CA ILE E 454 -12.97 -7.60 36.90
C ILE E 454 -12.57 -8.26 35.58
N GLY E 455 -11.30 -8.60 35.40
CA GLY E 455 -10.88 -9.20 34.14
C GLY E 455 -9.37 -9.24 34.04
N ALA E 456 -8.90 -9.72 32.90
CA ALA E 456 -7.47 -9.74 32.64
C ALA E 456 -7.19 -9.89 31.16
N PHE E 457 -6.04 -9.39 30.74
CA PHE E 457 -5.43 -9.79 29.48
C PHE E 457 -4.75 -11.13 29.68
N HIS E 458 -4.80 -11.98 28.66
CA HIS E 458 -3.93 -13.14 28.57
C HIS E 458 -3.15 -13.11 27.26
N SER E 459 -1.97 -13.71 27.27
CA SER E 459 -1.31 -14.08 26.03
C SER E 459 -2.21 -15.06 25.26
N GLY E 460 -2.61 -14.67 24.06
CA GLY E 460 -3.52 -15.48 23.27
C GLY E 460 -4.32 -14.62 22.30
N GLY E 461 -5.31 -15.24 21.69
CA GLY E 461 -6.09 -14.59 20.65
C GLY E 461 -7.39 -13.95 21.10
C PYR F 1 -2.00 -2.95 26.44
O PYR F 1 -1.17 -2.23 26.99
CA PYR F 1 -1.63 -4.45 26.28
O3 PYR F 1 -0.54 -4.84 26.65
CB PYR F 1 -2.65 -5.37 25.66
N THR F 2 -3.22 -2.44 25.92
CA THR F 2 -3.44 -1.01 26.11
C THR F 2 -4.92 -0.87 26.47
N HIS F 3 -5.37 0.29 26.95
CA HIS F 3 -6.77 0.41 27.31
C HIS F 3 -7.19 1.86 27.37
N CYS F 4 -8.48 2.07 27.19
CA CYS F 4 -9.09 3.40 27.27
C CYS F 4 -10.10 3.44 28.41
N LEU F 5 -10.20 4.60 29.04
CA LEU F 5 -11.32 4.94 29.92
C LEU F 5 -12.03 6.14 29.33
N ILE F 6 -13.36 6.11 29.36
CA ILE F 6 -14.16 7.10 28.64
C ILE F 6 -15.15 7.74 29.62
N PHE F 7 -15.17 9.07 29.65
CA PHE F 7 -16.00 9.80 30.59
C PHE F 7 -16.90 10.77 29.85
N GLN F 8 -18.11 10.94 30.34
CA GLN F 8 -19.05 11.83 29.68
C GLN F 8 -18.68 13.29 29.91
N ARG F 9 -19.17 14.15 29.00
CA ARG F 9 -18.82 15.56 29.00
C ARG F 9 -19.16 16.23 30.34
N ASP F 10 -20.37 15.99 30.85
CA ASP F 10 -20.79 16.65 32.09
C ASP F 10 -20.06 16.11 33.30
N ALA F 11 -19.71 14.82 33.30
CA ALA F 11 -18.92 14.27 34.40
C ALA F 11 -17.53 14.89 34.45
N VAL F 12 -16.92 15.15 33.28
CA VAL F 12 -15.59 15.74 33.25
C VAL F 12 -15.58 17.14 33.84
N LYS F 13 -16.71 17.86 33.73
CA LYS F 13 -16.84 19.17 34.37
C LYS F 13 -16.64 19.09 35.87
N LYS F 14 -16.92 17.94 36.48
CA LYS F 14 -16.90 17.79 37.93
C LYS F 14 -15.70 17.03 38.44
N LEU F 15 -14.80 16.57 37.58
CA LEU F 15 -13.68 15.73 37.98
C LEU F 15 -12.36 16.46 37.82
N GLN F 16 -11.44 16.20 38.74
CA GLN F 16 -10.06 16.65 38.63
C GLN F 16 -9.19 15.43 38.44
N PHE F 17 -8.65 15.25 37.24
CA PHE F 17 -7.74 14.15 36.98
C PHE F 17 -6.35 14.47 37.51
N ILE F 18 -5.62 13.43 37.89
CA ILE F 18 -4.24 13.65 38.31
C ILE F 18 -3.44 14.14 37.10
N PRO F 19 -2.42 14.97 37.31
CA PRO F 19 -1.66 15.51 36.16
C PRO F 19 -0.94 14.45 35.34
N LYS F 20 -0.41 13.41 35.97
CA LYS F 20 0.30 12.38 35.23
C LYS F 20 -0.59 11.74 34.17
N ALA F 21 -1.89 11.67 34.42
CA ALA F 21 -2.82 11.10 33.44
C ALA F 21 -3.33 12.14 32.45
N GLN F 22 -3.67 13.34 32.93
CA GLN F 22 -4.23 14.33 32.02
C GLN F 22 -3.18 14.92 31.08
N TYR F 23 -1.92 14.89 31.48
CA TYR F 23 -0.82 15.43 30.69
C TYR F 23 0.26 14.35 30.56
N PRO F 24 -0.01 13.32 29.75
CA PRO F 24 0.80 12.08 29.82
C PRO F 24 2.28 12.23 29.52
N GLU F 25 2.71 13.25 28.77
CA GLU F 25 4.14 13.39 28.50
C GLU F 25 4.94 13.57 29.78
N ILE F 26 4.33 14.04 30.87
CA ILE F 26 5.09 14.22 32.11
C ILE F 26 5.30 12.91 32.85
N ALA F 27 4.56 11.85 32.51
CA ALA F 27 4.65 10.60 33.25
C ALA F 27 5.97 9.90 32.97
N THR F 28 6.57 9.34 34.02
CA THR F 28 7.82 8.59 33.87
C THR F 28 7.71 7.15 34.34
N THR F 29 6.59 6.75 34.94
CA THR F 29 6.41 5.39 35.45
C THR F 29 4.96 4.98 35.21
N ASN F 30 4.71 3.69 35.41
CA ASN F 30 3.34 3.22 35.59
C ASN F 30 2.64 4.01 36.67
N LEU F 31 1.32 4.17 36.49
CA LEU F 31 0.43 4.51 37.59
C LEU F 31 0.01 3.22 38.28
N ALA F 32 -0.07 3.28 39.62
CA ALA F 32 -0.45 2.11 40.39
C ALA F 32 -1.93 1.81 40.23
N VAL F 33 -2.24 0.55 39.89
CA VAL F 33 -3.65 0.18 39.83
C VAL F 33 -4.26 0.45 41.21
N ASN F 34 -5.53 0.84 41.22
CA ASN F 34 -6.37 1.16 42.37
C ASN F 34 -6.04 2.54 42.96
N SER F 35 -4.98 3.22 42.50
CA SER F 35 -4.66 4.53 43.05
C SER F 35 -5.50 5.61 42.36
N GLU F 36 -5.47 6.81 42.92
CA GLU F 36 -6.31 7.90 42.43
C GLU F 36 -6.05 8.19 40.95
N LEU F 37 -7.13 8.35 40.19
CA LEU F 37 -7.07 8.85 38.82
C LEU F 37 -7.84 10.15 38.64
N ALA F 38 -9.02 10.27 39.23
CA ALA F 38 -9.74 11.52 39.27
C ALA F 38 -10.55 11.58 40.56
N LYS F 39 -10.72 12.79 41.11
CA LYS F 39 -11.56 12.99 42.27
C LYS F 39 -12.62 14.05 41.96
N LEU F 40 -13.74 13.98 42.68
CA LEU F 40 -14.80 14.97 42.52
C LEU F 40 -14.39 16.32 43.09
N THR F 41 -14.82 17.39 42.44
CA THR F 41 -14.53 18.75 42.90
C THR F 41 -15.80 19.51 43.26
N VAL G 81 -8.97 62.55 8.56
CA VAL G 81 -8.54 61.17 8.84
C VAL G 81 -7.44 60.78 7.86
N GLU G 82 -6.38 60.17 8.39
CA GLU G 82 -5.20 59.82 7.59
C GLU G 82 -5.56 58.88 6.45
N ASN G 83 -4.89 59.07 5.31
CA ASN G 83 -4.98 58.13 4.20
C ASN G 83 -4.73 56.72 4.71
N PRO G 84 -5.66 55.78 4.52
CA PRO G 84 -5.48 54.45 5.12
C PRO G 84 -4.28 53.69 4.55
N VAL G 85 -3.87 53.98 3.32
CA VAL G 85 -2.65 53.37 2.80
C VAL G 85 -1.43 53.93 3.54
N GLU G 86 -1.49 55.19 3.96
CA GLU G 86 -0.39 55.75 4.75
CA GLU G 86 -0.40 55.76 4.74
C GLU G 86 -0.34 55.13 6.14
N THR G 87 -1.51 54.88 6.75
CA THR G 87 -1.50 54.17 8.03
C THR G 87 -0.84 52.80 7.88
N PHE G 88 -1.10 52.14 6.75
CA PHE G 88 -0.53 50.82 6.48
C PHE G 88 0.97 50.92 6.27
N ARG G 89 1.42 51.95 5.55
CA ARG G 89 2.86 52.16 5.40
CA ARG G 89 2.86 52.16 5.39
C ARG G 89 3.54 52.25 6.75
N LYS G 90 2.98 53.06 7.66
CA LYS G 90 3.57 53.23 8.99
C LYS G 90 3.55 51.93 9.78
N LEU G 91 2.45 51.17 9.72
CA LEU G 91 2.41 49.89 10.40
C LEU G 91 3.59 49.01 9.97
N ILE G 92 3.81 48.89 8.66
CA ILE G 92 4.85 48.02 8.14
C ILE G 92 6.23 48.54 8.54
N GLU G 93 6.47 49.83 8.35
CA GLU G 93 7.81 50.38 8.54
C GLU G 93 8.15 50.55 10.01
N ASN G 94 7.15 50.75 10.88
CA ASN G 94 7.43 50.96 12.29
C ASN G 94 7.33 49.67 13.11
N ASP G 95 7.27 48.51 12.46
CA ASP G 95 7.30 47.23 13.16
C ASP G 95 8.36 46.36 12.51
N SER G 96 9.39 45.99 13.29
CA SER G 96 10.51 45.27 12.70
C SER G 96 10.07 43.95 12.07
N THR G 97 9.19 43.21 12.75
CA THR G 97 8.76 41.93 12.21
C THR G 97 7.93 42.11 10.94
N LEU G 98 6.96 43.02 10.95
CA LEU G 98 6.17 43.24 9.74
C LEU G 98 7.04 43.80 8.61
N TYR G 99 8.04 44.61 8.93
CA TYR G 99 8.97 45.10 7.92
C TYR G 99 9.70 43.93 7.25
N MET G 100 10.25 43.02 8.08
CA MET G 100 10.83 41.77 7.58
C MET G 100 9.86 41.02 6.67
N LEU G 101 8.64 40.76 7.15
CA LEU G 101 7.72 39.95 6.37
C LEU G 101 7.31 40.62 5.07
N ALA G 102 7.20 41.96 5.07
CA ALA G 102 6.80 42.68 3.87
C ALA G 102 7.90 42.67 2.82
N HIS G 103 9.13 42.30 3.18
CA HIS G 103 10.13 41.99 2.17
C HIS G 103 10.10 40.51 1.78
N SER G 104 10.11 39.63 2.77
CA SER G 104 10.24 38.20 2.49
C SER G 104 9.07 37.65 1.69
N MET G 105 7.86 38.21 1.89
CA MET G 105 6.72 37.68 1.15
C MET G 105 6.85 37.94 -0.36
N PHE G 106 7.66 38.93 -0.75
CA PHE G 106 7.98 39.10 -2.16
C PHE G 106 9.22 38.32 -2.55
N ASP G 107 10.25 38.30 -1.69
CA ASP G 107 11.47 37.56 -2.00
C ASP G 107 11.19 36.08 -2.23
N GLU G 108 10.20 35.53 -1.52
CA GLU G 108 9.88 34.10 -1.63
C GLU G 108 9.07 33.74 -2.87
N VAL G 109 8.61 34.71 -3.64
CA VAL G 109 8.00 34.44 -4.94
C VAL G 109 9.11 34.11 -5.94
N PRO G 110 9.05 32.97 -6.64
CA PRO G 110 10.09 32.66 -7.63
C PRO G 110 10.25 33.76 -8.68
N GLU G 111 11.50 33.96 -9.14
CA GLU G 111 11.75 34.92 -10.22
C GLU G 111 11.32 34.39 -11.57
N LYS G 112 11.29 33.07 -11.74
CA LYS G 112 11.09 32.45 -13.05
C LYS G 112 9.62 32.46 -13.46
N ALA G 113 9.41 32.49 -14.77
CA ALA G 113 8.07 32.41 -15.33
C ALA G 113 7.37 31.15 -14.84
N PRO G 114 6.06 31.19 -14.60
CA PRO G 114 5.15 32.33 -14.88
C PRO G 114 5.10 33.37 -13.76
N TYR G 115 5.89 33.23 -12.69
CA TYR G 115 5.75 34.08 -11.51
C TYR G 115 6.40 35.45 -11.66
N ASP G 116 7.07 35.70 -12.78
CA ASP G 116 7.51 37.05 -13.10
C ASP G 116 6.35 37.97 -13.50
N ARG G 117 5.18 37.41 -13.77
CA ARG G 117 3.97 38.17 -14.03
C ARG G 117 2.90 37.76 -13.03
N ASP G 118 1.92 38.65 -12.80
CA ASP G 118 0.82 38.33 -11.91
C ASP G 118 -0.07 37.26 -12.58
N PRO G 119 -1.05 36.69 -11.85
CA PRO G 119 -1.79 35.55 -12.42
C PRO G 119 -2.61 35.89 -13.66
N THR G 120 -2.93 37.16 -13.93
CA THR G 120 -3.59 37.45 -15.20
C THR G 120 -2.65 37.30 -16.39
N THR G 121 -1.34 37.27 -16.14
CA THR G 121 -0.24 37.30 -17.11
C THR G 121 -0.13 38.64 -17.82
N LEU G 122 -0.95 39.64 -17.47
CA LEU G 122 -0.98 40.88 -18.23
C LEU G 122 0.03 41.90 -17.76
N LYS G 123 0.55 41.76 -16.54
CA LYS G 123 1.48 42.73 -15.97
C LYS G 123 2.59 42.02 -15.21
N LYS G 124 3.73 42.69 -15.10
CA LYS G 124 4.81 42.18 -14.27
C LYS G 124 4.36 42.05 -12.82
N GLN G 125 4.87 41.02 -12.14
CA GLN G 125 4.59 40.82 -10.72
C GLN G 125 5.27 41.89 -9.87
N VAL G 126 4.51 42.46 -8.92
CA VAL G 126 5.07 43.43 -7.98
C VAL G 126 6.03 42.72 -7.03
N ARG G 127 7.18 43.34 -6.77
CA ARG G 127 8.24 42.69 -6.03
C ARG G 127 8.65 43.40 -4.74
N ASN G 128 7.97 44.48 -4.35
CA ASN G 128 8.33 45.13 -3.09
C ASN G 128 7.11 45.83 -2.51
N TYR G 129 7.13 46.03 -1.19
CA TYR G 129 5.94 46.54 -0.50
C TYR G 129 5.67 48.00 -0.83
N LYS G 130 6.68 48.77 -1.25
CA LYS G 130 6.44 50.17 -1.57
C LYS G 130 5.67 50.32 -2.88
N THR G 131 6.03 49.54 -3.89
CA THR G 131 5.23 49.52 -5.11
C THR G 131 3.82 49.04 -4.82
N MET G 132 3.69 48.03 -3.96
CA MET G 132 2.37 47.56 -3.54
C MET G 132 1.55 48.71 -2.96
N LEU G 133 2.15 49.47 -2.04
CA LEU G 133 1.43 50.58 -1.41
C LEU G 133 1.07 51.65 -2.44
N TYR G 134 1.99 51.97 -3.36
CA TYR G 134 1.65 52.92 -4.43
C TYR G 134 0.44 52.44 -5.22
N LEU G 135 0.40 51.16 -5.56
CA LEU G 135 -0.72 50.66 -6.35
C LEU G 135 -2.01 50.63 -5.53
N PHE G 136 -1.92 50.25 -4.25
CA PHE G 136 -3.10 50.26 -3.39
C PHE G 136 -3.72 51.65 -3.31
N ASN G 137 -2.88 52.68 -3.20
CA ASN G 137 -3.41 54.04 -3.13
C ASN G 137 -4.04 54.45 -4.45
N THR G 138 -3.41 54.09 -5.57
CA THR G 138 -4.00 54.33 -6.88
C THR G 138 -5.36 53.67 -7.01
N LEU G 139 -5.48 52.42 -6.55
CA LEU G 139 -6.72 51.67 -6.68
C LEU G 139 -7.86 52.28 -5.87
N LEU G 140 -7.56 53.09 -4.85
CA LEU G 140 -8.63 53.74 -4.09
C LEU G 140 -9.57 54.56 -4.96
N THR G 141 -9.13 54.98 -6.16
CA THR G 141 -10.00 55.68 -7.10
C THR G 141 -10.07 54.95 -8.45
N GLU G 142 -10.18 53.62 -8.42
CA GLU G 142 -10.36 52.83 -9.64
C GLU G 142 -11.43 51.77 -9.40
N VAL G 143 -12.25 51.50 -10.42
CA VAL G 143 -13.15 50.37 -10.37
C VAL G 143 -12.39 49.18 -10.96
N PRO G 144 -12.78 47.95 -10.66
CA PRO G 144 -12.13 46.81 -11.32
C PRO G 144 -12.29 46.86 -12.83
N GLU G 145 -11.23 46.45 -13.53
CA GLU G 145 -11.21 46.47 -14.98
C GLU G 145 -11.65 45.12 -15.55
N TYR G 146 -12.47 45.16 -16.60
CA TYR G 146 -12.86 43.92 -17.29
C TYR G 146 -11.80 43.63 -18.36
N PHE G 147 -10.70 43.02 -17.92
CA PHE G 147 -9.56 42.89 -18.81
C PHE G 147 -9.74 41.82 -19.87
N LEU G 148 -10.83 41.05 -19.82
CA LEU G 148 -11.07 40.04 -20.85
C LEU G 148 -11.53 40.62 -22.18
N ARG G 149 -11.94 41.89 -22.22
CA ARG G 149 -12.37 42.49 -23.48
C ARG G 149 -11.26 42.44 -24.53
N ASP G 150 -10.10 43.00 -24.19
CA ASP G 150 -8.96 43.00 -25.10
C ASP G 150 -8.04 41.80 -24.90
N ASN G 151 -8.27 41.00 -23.87
CA ASN G 151 -7.43 39.83 -23.57
C ASN G 151 -8.31 38.63 -23.23
N PRO G 152 -9.04 38.11 -24.21
CA PRO G 152 -10.09 37.13 -23.89
C PRO G 152 -9.56 35.78 -23.40
N ASN G 153 -8.29 35.45 -23.63
CA ASN G 153 -7.81 34.10 -23.39
C ASN G 153 -6.90 33.96 -22.17
N VAL G 154 -6.71 35.02 -21.39
CA VAL G 154 -5.84 34.96 -20.21
C VAL G 154 -6.64 34.46 -19.00
N PRO G 155 -5.98 34.01 -17.93
CA PRO G 155 -6.72 33.54 -16.74
C PRO G 155 -7.64 34.63 -16.19
N SER G 156 -8.89 34.24 -15.91
CA SER G 156 -9.95 35.17 -15.57
C SER G 156 -10.37 35.08 -14.11
N GLY G 157 -9.67 34.29 -13.30
CA GLY G 157 -10.09 34.07 -11.93
C GLY G 157 -10.14 35.33 -11.09
N LEU G 158 -9.36 36.34 -11.44
CA LEU G 158 -9.27 37.53 -10.61
C LEU G 158 -10.02 38.74 -11.19
N ILE G 159 -10.88 38.53 -12.19
CA ILE G 159 -11.79 39.58 -12.65
C ILE G 159 -12.57 40.10 -11.45
N GLY G 160 -12.51 41.40 -11.21
CA GLY G 160 -13.15 42.03 -10.09
C GLY G 160 -12.25 42.32 -8.91
N PHE G 161 -10.99 41.87 -8.94
CA PHE G 161 -10.13 41.83 -7.76
C PHE G 161 -8.77 42.45 -8.05
N PRO G 162 -8.69 43.79 -8.16
CA PRO G 162 -7.39 44.41 -8.49
C PRO G 162 -6.36 44.34 -7.36
N PHE G 163 -6.77 44.40 -6.09
CA PHE G 163 -5.81 44.23 -5.00
C PHE G 163 -5.27 42.79 -4.96
N ASN G 164 -6.19 41.82 -5.11
CA ASN G 164 -5.84 40.40 -5.14
C ASN G 164 -4.78 40.11 -6.18
N ILE G 165 -4.85 40.77 -7.34
CA ILE G 165 -3.90 40.51 -8.42
C ILE G 165 -2.48 40.81 -7.97
N ILE G 166 -2.31 41.89 -7.19
CA ILE G 166 -0.99 42.31 -6.76
C ILE G 166 -0.39 41.31 -5.78
N VAL G 167 -1.19 40.78 -4.85
CA VAL G 167 -0.67 40.02 -3.72
C VAL G 167 -0.90 38.52 -3.88
N ASP G 168 -1.42 38.07 -5.02
CA ASP G 168 -1.80 36.66 -5.14
C ASP G 168 -0.60 35.72 -4.95
N TRP G 169 0.53 36.00 -5.64
CA TRP G 169 1.65 35.09 -5.41
C TRP G 169 2.24 35.29 -4.01
N PRO G 170 2.40 36.53 -3.53
CA PRO G 170 2.86 36.70 -2.14
C PRO G 170 1.99 35.97 -1.12
N MET G 171 0.66 35.89 -1.36
CA MET G 171 -0.24 35.15 -0.47
C MET G 171 0.16 33.69 -0.33
N GLY G 172 0.80 33.14 -1.34
CA GLY G 172 1.22 31.76 -1.41
C GLY G 172 2.58 31.45 -0.82
N THR G 173 3.27 32.42 -0.26
CA THR G 173 4.58 32.20 0.36
C THR G 173 4.44 32.02 1.87
N PRO G 174 5.41 31.35 2.50
CA PRO G 174 5.37 31.23 3.98
C PRO G 174 5.31 32.57 4.71
N SER G 175 6.14 33.54 4.31
CA SER G 175 6.08 34.86 4.96
C SER G 175 4.80 35.59 4.61
N GLY G 176 4.30 35.41 3.39
CA GLY G 176 3.03 36.02 3.02
C GLY G 176 1.88 35.48 3.84
N ARG G 177 1.85 34.17 4.06
CA ARG G 177 0.79 33.59 4.89
CA ARG G 177 0.79 33.59 4.89
C ARG G 177 0.82 34.20 6.29
N GLN G 178 2.02 34.34 6.87
CA GLN G 178 2.13 34.97 8.18
C GLN G 178 1.67 36.42 8.14
N PHE G 179 2.15 37.18 7.15
CA PHE G 179 1.78 38.60 7.03
C PHE G 179 0.27 38.78 6.96
N PHE G 180 -0.42 37.99 6.14
CA PHE G 180 -1.86 38.15 5.95
C PHE G 180 -2.71 37.48 7.03
N LEU G 181 -2.08 36.90 8.05
CA LEU G 181 -2.78 36.50 9.27
C LEU G 181 -2.62 37.50 10.40
N ASP G 182 -1.85 38.57 10.21
CA ASP G 182 -1.61 39.53 11.28
C ASP G 182 -2.84 40.41 11.48
N THR G 183 -3.28 40.54 12.74
CA THR G 183 -4.53 41.26 12.98
C THR G 183 -4.40 42.75 12.72
N ARG G 184 -3.22 43.33 12.96
CA ARG G 184 -3.02 44.74 12.64
C ARG G 184 -2.98 44.96 11.15
N VAL G 185 -2.33 44.06 10.41
CA VAL G 185 -2.38 44.11 8.95
C VAL G 185 -3.82 44.08 8.45
N ASN G 186 -4.63 43.20 9.01
CA ASN G 186 -5.99 43.07 8.47
C ASN G 186 -6.89 44.22 8.88
N LYS G 187 -6.63 44.85 10.04
CA LYS G 187 -7.33 46.09 10.34
C LYS G 187 -6.97 47.19 9.35
N CYS G 188 -5.67 47.29 8.98
CA CYS G 188 -5.28 48.27 7.97
C CYS G 188 -5.92 47.95 6.63
N LEU G 189 -5.96 46.66 6.26
CA LEU G 189 -6.57 46.29 4.98
C LEU G 189 -8.07 46.56 4.99
N LYS G 190 -8.73 46.28 6.12
CA LYS G 190 -10.14 46.63 6.29
C LYS G 190 -10.37 48.10 5.97
N ASP G 191 -9.56 48.98 6.56
CA ASP G 191 -9.73 50.42 6.36
C ASP G 191 -9.41 50.82 4.92
N ILE G 192 -8.41 50.20 4.30
CA ILE G 192 -8.11 50.49 2.90
C ILE G 192 -9.27 50.03 2.01
N LEU G 193 -9.74 48.81 2.20
CA LEU G 193 -10.79 48.31 1.33
C LEU G 193 -12.13 49.02 1.59
N ASN G 194 -12.39 49.44 2.82
CA ASN G 194 -13.60 50.22 3.08
C ASN G 194 -13.52 51.60 2.44
N LYS G 195 -12.35 52.23 2.46
CA LYS G 195 -12.18 53.49 1.73
C LYS G 195 -12.36 53.27 0.24
N TRP G 196 -11.85 52.15 -0.29
CA TRP G 196 -12.12 51.80 -1.68
C TRP G 196 -13.62 51.70 -1.94
N ASN G 197 -14.35 51.01 -1.06
CA ASN G 197 -15.80 50.88 -1.21
C ASN G 197 -16.48 52.24 -1.29
N GLU G 198 -16.00 53.22 -0.52
CA GLU G 198 -16.58 54.56 -0.58
CA GLU G 198 -16.60 54.54 -0.59
C GLU G 198 -16.50 55.12 -1.99
N PHE G 199 -15.36 54.93 -2.65
CA PHE G 199 -15.24 55.37 -4.04
C PHE G 199 -16.15 54.59 -4.96
N LEU G 200 -16.28 53.28 -4.73
CA LEU G 200 -17.12 52.45 -5.59
C LEU G 200 -18.58 52.83 -5.48
N LYS G 201 -18.99 53.44 -4.36
CA LYS G 201 -20.35 53.91 -4.15
C LYS G 201 -20.53 55.37 -4.56
N ASP G 202 -19.47 56.04 -5.04
CA ASP G 202 -19.49 57.47 -5.31
C ASP G 202 -19.99 57.70 -6.72
N PRO G 203 -21.20 58.25 -6.91
CA PRO G 203 -21.70 58.47 -8.28
C PRO G 203 -20.86 59.46 -9.07
N THR G 204 -20.00 60.25 -8.41
CA THR G 204 -19.14 61.20 -9.11
C THR G 204 -17.76 60.63 -9.42
N ALA G 205 -17.45 59.41 -8.95
CA ALA G 205 -16.10 58.84 -9.07
C ALA G 205 -15.05 59.84 -8.61
N GLN G 206 -15.28 60.38 -7.41
CA GLN G 206 -14.43 61.39 -6.78
C GLN G 206 -14.22 62.59 -7.71
N GLY G 207 -15.33 63.30 -7.93
CA GLY G 207 -15.26 64.62 -8.54
C GLY G 207 -15.12 64.65 -10.04
N ASN G 208 -15.61 63.62 -10.74
CA ASN G 208 -15.57 63.57 -12.20
C ASN G 208 -16.92 63.87 -12.83
N GLY G 209 -17.70 64.75 -12.20
CA GLY G 209 -19.05 65.03 -12.66
C GLY G 209 -20.03 64.00 -12.14
N ASN G 210 -21.30 64.26 -12.39
CA ASN G 210 -22.34 63.43 -11.81
C ASN G 210 -22.58 62.13 -12.57
N LYS G 211 -21.99 61.98 -13.75
CA LYS G 211 -21.92 60.68 -14.44
C LYS G 211 -20.55 60.03 -14.28
N GLY G 212 -19.72 60.52 -13.35
CA GLY G 212 -18.38 60.00 -13.23
C GLY G 212 -18.35 58.53 -12.87
N GLY G 213 -19.22 58.11 -11.95
CA GLY G 213 -19.26 56.71 -11.56
C GLY G 213 -19.71 55.80 -12.68
N ASN G 214 -20.62 56.28 -13.52
CA ASN G 214 -21.07 55.51 -14.67
C ASN G 214 -20.00 55.45 -15.75
N GLN G 215 -19.37 56.58 -16.06
CA GLN G 215 -18.32 56.58 -17.08
C GLN G 215 -17.14 55.69 -16.68
N ALA G 216 -16.85 55.60 -15.37
CA ALA G 216 -15.77 54.75 -14.91
C ALA G 216 -16.02 53.31 -15.30
N LEU G 217 -17.27 52.84 -15.18
CA LEU G 217 -17.62 51.48 -15.56
C LEU G 217 -17.49 51.27 -17.06
N ILE G 218 -17.91 52.24 -17.88
CA ILE G 218 -17.76 52.11 -19.32
C ILE G 218 -16.29 52.15 -19.71
N ASP G 219 -15.51 53.05 -19.09
CA ASP G 219 -14.09 53.12 -19.39
C ASP G 219 -13.37 51.81 -19.06
N ALA G 220 -13.85 51.09 -18.05
CA ALA G 220 -13.25 49.84 -17.59
C ALA G 220 -13.69 48.63 -18.39
N GLY G 221 -14.51 48.80 -19.43
CA GLY G 221 -14.88 47.72 -20.32
C GLY G 221 -16.18 47.00 -20.00
N TRP G 222 -16.91 47.43 -18.97
CA TRP G 222 -18.05 46.64 -18.53
C TRP G 222 -19.26 46.73 -19.46
N SER G 223 -19.30 47.71 -20.38
CA SER G 223 -20.37 47.76 -21.37
C SER G 223 -20.00 47.03 -22.67
N SER G 224 -18.84 46.39 -22.74
CA SER G 224 -18.47 45.62 -23.93
C SER G 224 -19.41 44.43 -24.12
N ASP G 225 -19.49 43.95 -25.36
CA ASP G 225 -20.26 42.75 -25.63
C ASP G 225 -19.74 41.57 -24.81
N ALA G 226 -18.41 41.46 -24.68
CA ALA G 226 -17.83 40.35 -23.93
C ALA G 226 -18.35 40.33 -22.50
N ALA G 227 -18.33 41.49 -21.83
CA ALA G 227 -18.76 41.55 -20.43
C ALA G 227 -20.25 41.31 -20.29
N VAL G 228 -21.07 41.96 -21.13
CA VAL G 228 -22.51 41.84 -20.98
C VAL G 228 -22.99 40.45 -21.36
N GLU G 229 -22.47 39.90 -22.46
CA GLU G 229 -22.85 38.52 -22.83
C GLU G 229 -22.49 37.55 -21.71
N GLN G 230 -21.34 37.74 -21.07
CA GLN G 230 -20.95 36.86 -19.97
C GLN G 230 -21.90 37.01 -18.79
N LEU G 231 -22.27 38.25 -18.46
CA LEU G 231 -23.22 38.47 -17.37
C LEU G 231 -24.57 37.84 -17.68
N VAL G 232 -25.03 37.95 -18.94
CA VAL G 232 -26.29 37.33 -19.32
C VAL G 232 -26.17 35.81 -19.29
N ASN G 233 -25.09 35.29 -19.89
CA ASN G 233 -24.92 33.84 -19.96
C ASN G 233 -24.83 33.22 -18.57
N LYS G 234 -24.17 33.91 -17.64
CA LYS G 234 -24.06 33.36 -16.28
C LYS G 234 -25.41 33.33 -15.59
N ALA G 235 -26.20 34.39 -15.74
CA ALA G 235 -27.53 34.38 -15.14
C ALA G 235 -28.40 33.28 -15.75
N ASN G 236 -28.28 33.07 -17.07
CA ASN G 236 -29.12 32.08 -17.73
C ASN G 236 -28.73 30.63 -17.43
N GLU G 237 -27.50 30.39 -16.97
CA GLU G 237 -27.07 29.00 -16.82
C GLU G 237 -27.82 28.25 -15.73
N SER G 238 -28.44 28.96 -14.79
CA SER G 238 -29.08 28.30 -13.65
C SER G 238 -30.58 28.09 -13.82
N THR G 239 -31.15 28.43 -14.99
CA THR G 239 -32.59 28.37 -15.17
C THR G 239 -32.92 27.86 -16.57
N THR G 240 -34.12 27.28 -16.71
CA THR G 240 -34.65 26.97 -18.03
C THR G 240 -35.32 28.19 -18.68
N ASP G 241 -35.75 29.17 -17.88
CA ASP G 241 -36.40 30.37 -18.39
C ASP G 241 -35.34 31.40 -18.79
N LYS G 242 -34.68 31.11 -19.91
CA LYS G 242 -33.55 31.92 -20.36
C LYS G 242 -34.00 33.21 -21.02
N LYS G 243 -33.27 34.30 -20.76
CA LYS G 243 -33.60 35.63 -21.26
C LYS G 243 -32.54 36.10 -22.25
N LYS G 244 -32.99 36.86 -23.24
CA LYS G 244 -32.10 37.29 -24.32
C LYS G 244 -31.23 38.48 -23.92
N THR G 245 -31.75 39.40 -23.10
CA THR G 245 -31.06 40.65 -22.81
C THR G 245 -30.87 40.84 -21.30
N PHE G 246 -29.82 41.59 -20.96
CA PHE G 246 -29.54 41.97 -19.58
C PHE G 246 -30.73 42.65 -18.93
N SER G 247 -31.38 43.56 -19.67
CA SER G 247 -32.47 44.34 -19.11
C SER G 247 -33.70 43.49 -18.78
N GLU G 248 -33.80 42.27 -19.31
CA GLU G 248 -34.87 41.36 -18.89
C GLU G 248 -34.54 40.61 -17.61
N ILE G 249 -33.30 40.64 -17.16
CA ILE G 249 -32.84 39.83 -16.04
C ILE G 249 -32.65 40.67 -14.77
N PHE G 250 -31.99 41.82 -14.89
CA PHE G 250 -31.60 42.62 -13.75
C PHE G 250 -32.25 44.00 -13.79
N GLN G 251 -32.56 44.52 -12.60
CA GLN G 251 -33.06 45.88 -12.48
C GLN G 251 -31.94 46.88 -12.64
N HIS G 252 -32.25 47.99 -13.31
CA HIS G 252 -31.31 49.09 -13.46
C HIS G 252 -32.10 50.36 -13.70
N PRO G 253 -31.48 51.54 -13.56
CA PRO G 253 -32.22 52.78 -13.71
C PRO G 253 -32.90 52.93 -15.06
N ALA G 254 -33.82 53.90 -15.12
CA ALA G 254 -34.62 54.13 -16.32
C ALA G 254 -33.74 54.53 -17.49
N ASN G 255 -34.18 54.13 -18.68
CA ASN G 255 -33.52 54.48 -19.94
C ASN G 255 -32.13 53.88 -20.05
N GLY G 256 -31.86 52.83 -19.28
CA GLY G 256 -30.59 52.15 -19.39
C GLY G 256 -30.52 51.31 -20.66
N THR G 257 -29.35 51.34 -21.30
CA THR G 257 -29.03 50.49 -22.43
C THR G 257 -27.63 49.95 -22.23
N GLN G 258 -27.25 48.96 -23.04
CA GLN G 258 -25.86 48.51 -23.01
C GLN G 258 -24.90 49.68 -23.21
N GLU G 259 -25.25 50.61 -24.12
CA GLU G 259 -24.33 51.68 -24.48
C GLU G 259 -24.04 52.61 -23.29
N ASN G 260 -25.02 52.86 -22.42
CA ASN G 260 -24.79 53.68 -21.24
C ASN G 260 -24.58 52.83 -19.99
N PHE G 261 -24.20 51.57 -20.17
CA PHE G 261 -24.11 50.55 -19.11
C PHE G 261 -25.31 50.61 -18.17
N PHE G 262 -26.51 50.65 -18.77
CA PHE G 262 -27.77 50.53 -18.06
C PHE G 262 -27.98 51.64 -17.04
N ASN G 263 -27.26 52.74 -17.21
CA ASN G 263 -27.31 53.91 -16.33
C ASN G 263 -27.02 53.55 -14.87
N TYR G 264 -26.34 52.43 -14.62
CA TYR G 264 -25.82 52.18 -13.28
C TYR G 264 -24.93 53.35 -12.87
N ALA G 265 -25.23 53.94 -11.71
CA ALA G 265 -24.56 55.19 -11.35
C ALA G 265 -23.16 54.97 -10.78
N CYS G 266 -22.85 53.76 -10.36
CA CYS G 266 -21.55 53.46 -9.76
C CYS G 266 -21.41 51.95 -9.68
N TRP G 267 -20.16 51.52 -9.46
CA TRP G 267 -19.85 50.10 -9.33
C TRP G 267 -20.76 49.41 -8.31
N ASP G 268 -20.89 50.01 -7.13
CA ASP G 268 -21.61 49.34 -6.05
C ASP G 268 -23.05 49.04 -6.43
N ASN G 269 -23.70 49.93 -7.17
CA ASN G 269 -25.08 49.67 -7.61
C ASN G 269 -25.13 48.53 -8.62
N PHE G 270 -24.16 48.48 -9.53
CA PHE G 270 -24.07 47.36 -10.46
C PHE G 270 -23.76 46.06 -9.73
N PHE G 271 -22.83 46.11 -8.77
CA PHE G 271 -22.40 44.90 -8.09
C PHE G 271 -23.52 44.26 -7.29
N THR G 272 -24.34 45.06 -6.63
CA THR G 272 -25.44 44.57 -5.81
C THR G 272 -26.78 44.63 -6.52
N ARG G 273 -26.78 44.60 -7.85
CA ARG G 273 -28.02 44.69 -8.61
C ARG G 273 -28.98 43.57 -8.23
N ARG G 274 -30.28 43.88 -8.34
CA ARG G 274 -31.34 42.93 -8.02
C ARG G 274 -31.87 42.27 -9.29
N PHE G 275 -32.37 41.05 -9.14
CA PHE G 275 -33.11 40.41 -10.21
C PHE G 275 -34.45 41.11 -10.42
N LYS G 276 -34.87 41.18 -11.69
CA LYS G 276 -36.21 41.68 -12.01
C LYS G 276 -37.29 40.74 -11.47
N ASP G 277 -38.47 41.31 -11.24
CA ASP G 277 -39.58 40.52 -10.71
C ASP G 277 -39.87 39.32 -11.60
N GLY G 278 -40.02 38.15 -10.99
CA GLY G 278 -40.36 36.93 -11.70
C GLY G 278 -39.18 36.18 -12.30
N VAL G 279 -37.99 36.78 -12.33
CA VAL G 279 -36.83 36.13 -12.96
C VAL G 279 -36.29 35.01 -12.07
N ARG G 280 -36.47 35.11 -10.76
CA ARG G 280 -36.05 34.08 -9.82
C ARG G 280 -37.21 33.73 -8.90
N PRO G 281 -38.19 32.97 -9.40
CA PRO G 281 -39.36 32.66 -8.58
C PRO G 281 -39.00 31.83 -7.36
N VAL G 282 -39.73 32.05 -6.27
CA VAL G 282 -39.46 31.35 -5.01
C VAL G 282 -40.09 29.96 -5.07
N ALA G 283 -39.28 28.93 -4.80
CA ALA G 283 -39.76 27.56 -4.90
C ALA G 283 -40.66 27.20 -3.71
N ASP G 284 -41.48 26.17 -3.92
CA ASP G 284 -42.36 25.68 -2.87
C ASP G 284 -41.61 25.01 -1.73
N ALA G 285 -40.42 24.48 -2.01
CA ALA G 285 -39.69 23.68 -1.03
C ALA G 285 -39.41 24.46 0.25
N ALA G 286 -39.23 23.71 1.33
CA ALA G 286 -38.97 24.30 2.63
C ALA G 286 -37.69 25.11 2.64
N VAL G 287 -36.68 24.69 1.89
CA VAL G 287 -35.39 25.40 1.84
C VAL G 287 -35.09 25.77 0.40
N VAL G 288 -34.76 27.04 0.18
CA VAL G 288 -34.36 27.52 -1.14
C VAL G 288 -32.93 28.03 -1.06
N ASN G 289 -32.34 28.19 -2.24
CA ASN G 289 -30.96 28.66 -2.30
C ASN G 289 -30.89 30.11 -1.87
N ALA G 290 -29.98 30.39 -0.92
CA ALA G 290 -29.79 31.74 -0.40
C ALA G 290 -28.97 32.61 -1.34
N CYS G 291 -28.11 32.01 -2.16
CA CYS G 291 -27.26 32.76 -3.08
C CYS G 291 -27.31 32.12 -4.45
N GLU G 292 -27.17 32.96 -5.49
CA GLU G 292 -26.95 32.46 -6.84
C GLU G 292 -25.53 31.95 -6.85
N SER G 293 -25.33 30.63 -6.78
CA SER G 293 -24.06 30.11 -6.28
C SER G 293 -23.80 28.69 -6.75
N PHE G 294 -22.52 28.31 -6.72
CA PHE G 294 -22.05 27.05 -7.26
C PHE G 294 -21.70 26.10 -6.12
N PRO G 295 -22.35 24.94 -6.04
CA PRO G 295 -22.08 24.01 -4.93
C PRO G 295 -20.61 23.68 -4.76
N LEU G 296 -20.13 23.74 -3.51
CA LEU G 296 -18.74 23.44 -3.19
C LEU G 296 -18.62 22.23 -2.30
N SER G 297 -19.30 22.21 -1.15
CA SER G 297 -19.18 21.13 -0.19
C SER G 297 -20.52 20.86 0.47
N PHE G 298 -20.73 19.60 0.83
CA PHE G 298 -21.84 19.19 1.69
C PHE G 298 -21.28 18.18 2.69
N ASP G 299 -21.24 18.57 3.97
CA ASP G 299 -20.64 17.79 5.03
C ASP G 299 -21.70 17.46 6.07
N THR G 300 -21.75 16.20 6.49
CA THR G 300 -22.68 15.74 7.51
C THR G 300 -21.93 15.43 8.79
N ASP G 301 -22.66 15.45 9.90
CA ASP G 301 -22.13 15.05 11.21
C ASP G 301 -20.91 15.89 11.62
N VAL G 302 -21.04 17.22 11.52
CA VAL G 302 -19.90 18.09 11.80
C VAL G 302 -19.71 18.22 13.30
N SER G 303 -18.47 18.48 13.70
CA SER G 303 -18.08 18.53 15.11
C SER G 303 -18.23 19.94 15.70
N ARG G 304 -18.29 19.99 17.04
CA ARG G 304 -18.33 21.26 17.74
CA ARG G 304 -18.31 21.26 17.75
C ARG G 304 -17.12 22.13 17.38
N ARG G 305 -15.93 21.55 17.43
CA ARG G 305 -14.69 22.21 17.04
C ARG G 305 -13.81 21.18 16.36
N ASN G 306 -13.00 21.62 15.41
CA ASN G 306 -12.20 20.64 14.68
C ASN G 306 -10.92 21.28 14.17
N THR G 307 -10.02 20.42 13.68
CA THR G 307 -8.70 20.84 13.19
C THR G 307 -8.83 21.35 11.76
N PHE G 308 -9.41 22.55 11.63
CA PHE G 308 -9.74 23.07 10.30
C PHE G 308 -8.49 23.36 9.47
N TRP G 309 -7.30 23.33 10.07
CA TRP G 309 -6.05 23.56 9.36
C TRP G 309 -5.49 22.31 8.70
N LEU G 310 -6.04 21.12 8.96
CA LEU G 310 -5.54 19.90 8.35
C LEU G 310 -6.07 19.76 6.91
N LYS G 311 -5.41 18.89 6.14
CA LYS G 311 -5.81 18.68 4.75
C LYS G 311 -7.26 18.21 4.68
N GLY G 312 -7.99 18.75 3.71
CA GLY G 312 -9.43 18.54 3.64
C GLY G 312 -10.24 19.52 4.45
N THR G 313 -9.59 20.31 5.33
N THR G 313 -9.61 20.26 5.38
CA THR G 313 -10.15 21.31 6.24
CA THR G 313 -10.24 21.32 6.15
C THR G 313 -11.53 20.92 6.76
C THR G 313 -11.57 20.88 6.74
N PRO G 314 -11.59 20.05 7.78
CA PRO G 314 -12.86 19.72 8.42
C PRO G 314 -13.45 20.96 9.06
N TYR G 315 -14.77 21.10 8.97
CA TYR G 315 -15.41 22.31 9.48
C TYR G 315 -15.35 22.34 11.00
N SER G 316 -15.19 23.55 11.55
CA SER G 316 -15.11 23.76 13.00
C SER G 316 -16.14 24.81 13.37
N LEU G 317 -17.33 24.36 13.82
CA LEU G 317 -18.43 25.28 14.08
C LEU G 317 -18.05 26.36 15.09
N HIS G 318 -17.35 25.98 16.16
CA HIS G 318 -16.98 26.93 17.19
C HIS G 318 -16.21 28.10 16.60
N ASP G 319 -15.31 27.81 15.66
CA ASP G 319 -14.51 28.84 15.02
C ASP G 319 -15.30 29.61 13.97
N MET G 320 -16.00 28.88 13.08
CA MET G 320 -16.77 29.52 12.02
C MET G 320 -17.78 30.51 12.59
N LEU G 321 -18.54 30.11 13.61
CA LEU G 321 -19.63 30.95 14.10
C LEU G 321 -19.16 32.03 15.04
N GLY G 322 -17.88 32.02 15.44
CA GLY G 322 -17.34 33.10 16.23
C GLY G 322 -17.56 32.96 17.72
N ALA G 323 -17.75 31.74 18.22
CA ALA G 323 -17.90 31.52 19.65
C ALA G 323 -16.59 31.78 20.39
N THR G 324 -15.48 31.84 19.66
CA THR G 324 -14.22 32.28 20.25
C THR G 324 -14.36 33.64 20.91
N GLN G 325 -15.18 34.52 20.32
CA GLN G 325 -15.25 35.90 20.81
C GLN G 325 -16.66 36.37 21.17
N ASP G 326 -17.69 35.53 21.04
CA ASP G 326 -19.04 35.92 21.48
C ASP G 326 -19.66 34.69 22.13
N GLU G 327 -19.71 34.69 23.47
CA GLU G 327 -20.29 33.55 24.17
C GLU G 327 -21.76 33.36 23.84
N ARG G 328 -22.44 34.42 23.37
CA ARG G 328 -23.86 34.31 23.08
C ARG G 328 -24.15 33.38 21.90
N VAL G 329 -23.18 33.10 21.03
CA VAL G 329 -23.43 32.19 19.91
C VAL G 329 -23.10 30.74 20.28
N ALA G 330 -22.54 30.51 21.47
CA ALA G 330 -22.04 29.17 21.82
C ALA G 330 -23.16 28.15 21.93
N SER G 331 -24.33 28.55 22.41
CA SER G 331 -25.44 27.60 22.46
C SER G 331 -25.87 27.19 21.05
N TYR G 332 -25.78 28.11 20.08
CA TYR G 332 -26.12 27.74 18.72
C TYR G 332 -25.06 26.83 18.12
N VAL G 333 -23.79 27.03 18.47
CA VAL G 333 -22.75 26.06 18.13
C VAL G 333 -23.12 24.68 18.64
N ASP G 334 -23.47 24.59 19.93
CA ASP G 334 -23.90 23.32 20.52
C ASP G 334 -25.06 22.71 19.75
N GLY G 335 -26.06 23.52 19.42
CA GLY G 335 -27.23 23.01 18.72
C GLY G 335 -26.96 22.51 17.31
N PHE G 336 -25.83 22.92 16.72
CA PHE G 336 -25.47 22.50 15.37
C PHE G 336 -24.55 21.29 15.34
N VAL G 337 -24.12 20.80 16.51
CA VAL G 337 -23.23 19.65 16.53
C VAL G 337 -23.96 18.44 15.95
N GLY G 338 -23.26 17.68 15.12
CA GLY G 338 -23.87 16.60 14.37
C GLY G 338 -24.72 17.04 13.21
N GLY G 339 -24.84 18.35 12.99
CA GLY G 339 -25.60 18.87 11.87
C GLY G 339 -24.82 18.78 10.58
N SER G 340 -25.34 19.47 9.57
CA SER G 340 -24.74 19.46 8.24
C SER G 340 -24.39 20.88 7.82
N VAL G 341 -23.30 20.99 7.06
CA VAL G 341 -22.82 22.27 6.53
C VAL G 341 -22.75 22.15 5.01
N TYR G 342 -23.46 23.03 4.33
CA TYR G 342 -23.44 23.16 2.88
C TYR G 342 -22.73 24.46 2.53
N GLN G 343 -21.82 24.42 1.56
CA GLN G 343 -21.08 25.61 1.16
C GLN G 343 -21.12 25.76 -0.36
N ALA G 344 -21.26 27.00 -0.82
CA ALA G 344 -21.37 27.28 -2.24
C ALA G 344 -20.75 28.63 -2.56
N PHE G 345 -20.24 28.75 -3.78
CA PHE G 345 -19.37 29.85 -4.21
C PHE G 345 -20.10 30.80 -5.16
N LEU G 346 -19.91 32.12 -4.94
CA LEU G 346 -20.47 33.16 -5.80
C LEU G 346 -19.37 33.75 -6.67
N SER G 347 -19.47 33.54 -7.98
CA SER G 347 -18.48 34.09 -8.90
C SER G 347 -18.72 35.58 -9.13
N ALA G 348 -17.71 36.24 -9.71
CA ALA G 348 -17.75 37.67 -9.91
C ALA G 348 -18.85 38.10 -10.89
N ASP G 349 -19.23 37.23 -11.81
CA ASP G 349 -20.28 37.59 -12.76
C ASP G 349 -21.65 37.12 -12.30
N SER G 350 -21.79 36.74 -11.03
CA SER G 350 -23.03 36.24 -10.44
C SER G 350 -23.71 37.34 -9.62
N TYR G 351 -25.02 37.16 -9.44
CA TYR G 351 -25.76 37.95 -8.48
C TYR G 351 -25.14 37.84 -7.09
N HIS G 352 -24.97 38.98 -6.43
CA HIS G 352 -24.25 39.04 -5.15
C HIS G 352 -25.13 39.39 -3.95
N CYS G 353 -26.45 39.47 -4.11
CA CYS G 353 -27.24 39.70 -2.91
C CYS G 353 -27.58 38.37 -2.27
N TRP G 354 -28.14 38.45 -1.06
CA TRP G 354 -28.54 37.28 -0.29
C TRP G 354 -30.05 37.25 -0.14
N ASN G 355 -30.63 36.08 -0.31
CA ASN G 355 -32.07 35.87 -0.16
C ASN G 355 -32.31 34.85 0.94
N ALA G 356 -33.45 34.99 1.64
CA ALA G 356 -33.68 34.16 2.82
C ALA G 356 -33.89 32.69 2.42
N PRO G 357 -33.13 31.75 2.98
CA PRO G 357 -33.28 30.35 2.56
C PRO G 357 -34.52 29.69 3.14
N VAL G 358 -35.03 30.22 4.27
CA VAL G 358 -36.16 29.67 4.99
C VAL G 358 -36.96 30.84 5.55
N THR G 359 -38.19 30.54 5.92
CA THR G 359 -39.02 31.47 6.70
C THR G 359 -38.76 31.23 8.18
N GLY G 360 -38.58 32.31 8.93
CA GLY G 360 -38.42 32.17 10.36
C GLY G 360 -38.04 33.47 11.02
N LYS G 361 -37.84 33.38 12.34
CA LYS G 361 -37.52 34.54 13.16
C LYS G 361 -36.01 34.56 13.42
N VAL G 362 -35.38 35.69 13.11
CA VAL G 362 -33.96 35.83 13.39
C VAL G 362 -33.74 35.82 14.90
N VAL G 363 -32.92 34.88 15.38
CA VAL G 363 -32.55 34.82 16.79
C VAL G 363 -31.11 35.23 17.05
N TYR G 364 -30.28 35.41 16.02
CA TYR G 364 -28.90 35.81 16.22
C TYR G 364 -28.37 36.38 14.92
N ARG G 365 -27.63 37.48 15.01
CA ARG G 365 -27.01 38.07 13.83
C ARG G 365 -25.71 38.72 14.28
N SER G 366 -24.66 38.55 13.48
CA SER G 366 -23.37 39.11 13.86
C SER G 366 -22.55 39.42 12.63
N LEU G 367 -21.56 40.28 12.83
CA LEU G 367 -20.46 40.50 11.90
C LEU G 367 -19.17 40.18 12.63
N ILE G 368 -18.25 39.49 11.95
CA ILE G 368 -17.00 39.05 12.55
C ILE G 368 -15.85 39.58 11.70
N ASP G 369 -14.98 40.38 12.29
CA ASP G 369 -13.78 40.84 11.59
C ASP G 369 -12.83 39.67 11.36
N GLY G 370 -12.06 39.76 10.28
CA GLY G 370 -11.11 38.68 10.01
C GLY G 370 -10.12 39.00 8.90
N THR G 371 -9.65 37.94 8.24
CA THR G 371 -8.65 38.04 7.18
C THR G 371 -9.31 38.41 5.85
N TYR G 372 -8.48 38.71 4.87
CA TYR G 372 -8.84 38.99 3.48
C TYR G 372 -8.05 38.15 2.49
N PHE G 373 -6.74 38.03 2.67
CA PHE G 373 -5.85 37.36 1.73
C PHE G 373 -5.15 36.18 2.39
N ALA G 374 -5.81 35.54 3.36
CA ALA G 374 -5.24 34.35 3.99
C ALA G 374 -5.71 33.11 3.25
N GLU G 375 -4.76 32.28 2.83
CA GLU G 375 -5.05 31.01 2.18
C GLU G 375 -4.22 29.90 2.83
N THR G 376 -4.53 28.65 2.46
CA THR G 376 -3.84 27.50 3.06
C THR G 376 -2.42 27.36 2.53
N ALA G 377 -1.61 26.59 3.26
CA ALA G 377 -0.31 26.18 2.74
C ALA G 377 -0.47 25.31 1.49
N ALA G 378 -1.52 24.47 1.44
CA ALA G 378 -1.73 23.64 0.25
C ALA G 378 -1.96 24.50 -0.98
N ALA G 379 -2.54 25.69 -0.81
CA ALA G 379 -2.77 26.65 -1.88
C ALA G 379 -1.57 27.51 -2.23
N GLY G 380 -0.41 27.29 -1.59
CA GLY G 380 0.75 28.14 -1.80
C GLY G 380 1.84 27.45 -2.60
N PHE G 381 2.96 28.15 -2.73
CA PHE G 381 4.11 27.57 -3.44
C PHE G 381 4.55 26.29 -2.74
N GLY G 382 4.83 25.26 -3.52
CA GLY G 382 5.15 23.96 -2.98
C GLY G 382 3.99 23.21 -2.35
N GLY G 383 2.76 23.74 -2.43
CA GLY G 383 1.61 23.07 -1.84
C GLY G 383 0.97 22.08 -2.81
N SER G 384 0.26 21.09 -2.22
CA SER G 384 -0.36 20.04 -3.02
C SER G 384 -1.43 20.57 -3.95
N ASN G 385 -1.88 21.82 -3.78
CA ASN G 385 -2.82 22.41 -4.71
C ASN G 385 -2.51 23.89 -4.93
N GLY G 386 -1.22 24.22 -5.01
CA GLY G 386 -0.80 25.59 -5.11
C GLY G 386 0.36 25.78 -6.09
N PRO G 387 0.71 27.05 -6.35
CA PRO G 387 0.12 28.27 -5.80
C PRO G 387 -1.19 28.60 -6.49
N ASP G 388 -2.21 28.96 -5.71
CA ASP G 388 -3.52 29.28 -6.26
C ASP G 388 -3.44 30.57 -7.08
N PRO G 389 -3.75 30.54 -8.38
CA PRO G 389 -3.74 31.78 -9.18
C PRO G 389 -4.88 32.73 -8.85
N ALA G 390 -5.83 32.30 -8.02
CA ALA G 390 -6.91 33.18 -7.61
C ALA G 390 -7.27 32.89 -6.15
N GLY G 391 -6.26 32.91 -5.28
CA GLY G 391 -6.50 32.70 -3.87
C GLY G 391 -7.44 33.76 -3.33
N PRO G 392 -8.31 33.38 -2.40
CA PRO G 392 -8.39 32.10 -1.70
C PRO G 392 -9.37 31.08 -2.31
N ASP G 393 -9.44 30.98 -3.64
CA ASP G 393 -10.39 30.09 -4.31
C ASP G 393 -10.35 28.66 -3.78
N VAL G 394 -9.16 28.05 -3.71
CA VAL G 394 -9.11 26.65 -3.32
C VAL G 394 -9.02 26.52 -1.80
N SER G 395 -9.15 27.64 -1.09
CA SER G 395 -9.12 27.68 0.38
C SER G 395 -10.47 28.09 0.96
N GLN G 396 -11.55 27.86 0.23
CA GLN G 396 -12.85 28.40 0.63
C GLN G 396 -13.34 27.79 1.95
N ARG G 397 -13.10 26.50 2.18
CA ARG G 397 -13.52 25.93 3.46
C ARG G 397 -12.69 26.49 4.61
N TYR G 398 -11.38 26.61 4.40
CA TYR G 398 -10.48 27.16 5.41
C TYR G 398 -10.93 28.55 5.86
N ILE G 399 -11.24 29.44 4.92
CA ILE G 399 -11.49 30.83 5.28
C ILE G 399 -12.82 31.03 6.02
N THR G 400 -13.75 30.05 6.01
CA THR G 400 -14.96 30.21 6.81
C THR G 400 -14.66 30.31 8.29
N HIS G 401 -13.45 29.95 8.71
CA HIS G 401 -13.04 30.02 10.10
C HIS G 401 -12.29 31.30 10.47
N ILE G 402 -11.84 32.10 9.50
CA ILE G 402 -10.96 33.25 9.81
C ILE G 402 -11.24 34.50 8.99
N ALA G 403 -11.94 34.40 7.87
CA ALA G 403 -12.14 35.58 7.04
C ALA G 403 -13.21 36.50 7.64
N ALA G 404 -13.15 37.77 7.26
CA ALA G 404 -14.27 38.68 7.52
C ALA G 404 -15.57 38.04 7.04
N ARG G 405 -16.58 38.02 7.90
CA ARG G 405 -17.77 37.24 7.59
C ARG G 405 -18.93 37.71 8.47
N GLY G 406 -20.09 37.06 8.30
CA GLY G 406 -21.25 37.36 9.09
C GLY G 406 -22.02 36.10 9.40
N VAL G 407 -22.93 36.19 10.38
CA VAL G 407 -23.68 35.02 10.85
C VAL G 407 -25.14 35.42 11.03
N LEU G 408 -26.04 34.59 10.51
CA LEU G 408 -27.47 34.75 10.70
C LEU G 408 -28.05 33.40 11.10
N ILE G 409 -28.82 33.38 12.18
CA ILE G 409 -29.45 32.16 12.64
C ILE G 409 -30.95 32.42 12.72
N VAL G 410 -31.73 31.56 12.08
CA VAL G 410 -33.15 31.77 11.87
C VAL G 410 -33.90 30.59 12.51
N ASP G 411 -34.92 30.89 13.33
CA ASP G 411 -35.72 29.86 13.99
C ASP G 411 -36.93 29.57 13.12
N THR G 412 -37.00 28.36 12.56
CA THR G 412 -38.10 27.98 11.68
C THR G 412 -39.24 27.31 12.42
N ASN G 413 -39.09 27.05 13.73
CA ASN G 413 -40.16 26.50 14.56
C ASN G 413 -41.11 27.61 15.00
N VAL G 414 -41.77 28.22 14.02
CA VAL G 414 -42.64 29.36 14.23
C VAL G 414 -43.83 29.24 13.29
N THR G 415 -44.85 30.07 13.53
CA THR G 415 -46.01 30.12 12.66
C THR G 415 -45.58 30.49 11.24
N GLY G 416 -45.99 29.67 10.28
CA GLY G 416 -45.61 29.88 8.90
C GLY G 416 -44.27 29.29 8.52
N GLY G 417 -43.50 28.77 9.49
CA GLY G 417 -42.20 28.18 9.20
C GLY G 417 -42.29 26.68 8.98
N ALA G 418 -41.21 26.12 8.42
CA ALA G 418 -41.17 24.72 8.03
C ALA G 418 -40.92 23.77 9.19
N LYS G 419 -40.62 24.29 10.39
CA LYS G 419 -40.44 23.45 11.59
C LYS G 419 -39.23 22.54 11.45
N ILE G 420 -38.14 23.07 10.91
CA ILE G 420 -36.90 22.31 10.79
C ILE G 420 -35.85 22.92 11.71
N GLY G 421 -36.29 23.52 12.81
CA GLY G 421 -35.36 23.99 13.82
C GLY G 421 -34.59 25.24 13.38
N LEU G 422 -33.35 25.34 13.84
CA LEU G 422 -32.51 26.51 13.58
C LEU G 422 -31.68 26.29 12.31
N VAL G 423 -31.65 27.30 11.44
CA VAL G 423 -30.91 27.27 10.19
C VAL G 423 -29.91 28.43 10.21
N GLY G 424 -28.64 28.12 9.96
CA GLY G 424 -27.59 29.14 9.95
C GLY G 424 -27.23 29.54 8.53
N PHE G 425 -26.93 30.82 8.36
CA PHE G 425 -26.47 31.37 7.09
C PHE G 425 -25.19 32.16 7.40
N VAL G 426 -24.09 31.79 6.75
CA VAL G 426 -22.79 32.37 7.06
C VAL G 426 -22.14 32.89 5.78
N PRO G 427 -22.39 34.14 5.40
CA PRO G 427 -21.66 34.72 4.27
C PRO G 427 -20.21 34.99 4.67
N VAL G 428 -19.28 34.64 3.79
CA VAL G 428 -17.86 34.66 4.12
C VAL G 428 -17.14 35.41 3.01
N GLY G 429 -16.36 36.42 3.40
CA GLY G 429 -15.66 37.23 2.42
C GLY G 429 -14.53 36.47 1.75
N MET G 430 -14.19 36.94 0.55
CA MET G 430 -13.02 36.46 -0.18
C MET G 430 -12.30 37.68 -0.72
N SER G 431 -11.06 37.89 -0.28
CA SER G 431 -10.20 38.96 -0.81
C SER G 431 -10.95 40.29 -0.67
N GLU G 432 -10.99 41.15 -1.68
CA GLU G 432 -11.66 42.44 -1.55
C GLU G 432 -13.15 42.38 -1.89
N VAL G 433 -13.76 41.19 -1.90
CA VAL G 433 -15.21 41.12 -1.85
C VAL G 433 -15.56 40.59 -0.47
N SER G 434 -15.53 41.47 0.52
CA SER G 434 -15.67 41.04 1.89
C SER G 434 -16.63 41.90 2.69
N THR G 435 -17.32 42.86 2.09
CA THR G 435 -18.28 43.64 2.85
C THR G 435 -19.54 42.81 2.99
N CYS G 436 -19.94 42.55 4.24
CA CYS G 436 -21.13 41.75 4.57
C CYS G 436 -22.20 42.73 5.06
N ASP G 437 -23.15 43.01 4.19
CA ASP G 437 -24.16 44.06 4.42
C ASP G 437 -25.50 43.40 4.74
N TRP G 438 -25.83 43.31 6.03
CA TRP G 438 -27.13 42.80 6.46
C TRP G 438 -28.19 43.88 6.29
N PHE G 439 -29.34 43.51 5.70
CA PHE G 439 -30.39 44.51 5.55
C PHE G 439 -31.24 44.63 6.82
N ASP G 440 -32.03 45.71 6.90
CA ASP G 440 -32.79 46.02 8.12
C ASP G 440 -33.78 44.91 8.46
N ASN G 441 -34.24 44.15 7.46
CA ASN G 441 -35.23 43.13 7.73
C ASN G 441 -34.66 41.93 8.47
N THR G 442 -33.37 41.87 8.73
CA THR G 442 -32.73 40.74 9.42
CA THR G 442 -32.84 40.70 9.43
C THR G 442 -32.39 41.04 10.85
N GLU G 443 -32.79 42.20 11.37
CA GLU G 443 -32.55 42.52 12.77
C GLU G 443 -33.10 41.40 13.66
N GLU G 444 -32.36 41.10 14.73
CA GLU G 444 -32.78 40.03 15.63
C GLU G 444 -34.18 40.32 16.17
N GLY G 445 -35.04 39.30 16.15
CA GLY G 445 -36.43 39.42 16.55
C GLY G 445 -37.39 39.60 15.40
N LYS G 446 -36.91 40.02 14.23
CA LYS G 446 -37.75 40.17 13.05
C LYS G 446 -37.93 38.81 12.37
N THR G 447 -39.05 38.68 11.65
CA THR G 447 -39.35 37.48 10.88
C THR G 447 -39.09 37.74 9.41
N ILE G 448 -38.38 36.83 8.76
CA ILE G 448 -38.11 36.91 7.33
C ILE G 448 -38.90 35.81 6.63
N SER G 449 -39.25 36.07 5.38
CA SER G 449 -39.91 35.08 4.55
C SER G 449 -38.94 34.52 3.53
N LYS G 450 -39.03 33.21 3.31
CA LYS G 450 -38.30 32.52 2.27
C LYS G 450 -38.27 33.32 0.98
N GLY G 451 -37.06 33.61 0.51
CA GLY G 451 -36.87 34.37 -0.73
C GLY G 451 -36.78 35.86 -0.56
N ASP G 452 -37.01 36.40 0.64
CA ASP G 452 -36.80 37.83 0.87
C ASP G 452 -35.32 38.17 0.67
N VAL G 453 -35.05 39.27 -0.02
CA VAL G 453 -33.68 39.78 -0.10
C VAL G 453 -33.29 40.27 1.30
N ILE G 454 -32.21 39.72 1.85
CA ILE G 454 -31.83 39.97 3.23
C ILE G 454 -30.46 40.60 3.38
N GLY G 455 -29.71 40.78 2.29
CA GLY G 455 -28.41 41.42 2.40
C GLY G 455 -27.64 41.29 1.11
N ALA G 456 -26.37 41.73 1.16
CA ALA G 456 -25.53 41.61 -0.03
C ALA G 456 -24.06 41.63 0.36
N PHE G 457 -23.25 40.97 -0.47
CA PHE G 457 -21.83 41.26 -0.53
C PHE G 457 -21.60 42.58 -1.28
N HIS G 458 -20.58 43.32 -0.84
CA HIS G 458 -20.05 44.44 -1.61
C HIS G 458 -18.54 44.24 -1.77
N SER G 459 -18.01 44.75 -2.88
CA SER G 459 -16.57 44.96 -2.96
C SER G 459 -16.16 45.92 -1.85
N GLY G 460 -15.20 45.52 -1.03
CA GLY G 460 -14.81 46.32 0.11
C GLY G 460 -14.38 45.43 1.25
N GLY G 461 -14.17 46.06 2.39
CA GLY G 461 -13.64 45.37 3.56
C GLY G 461 -14.67 44.89 4.54
C PYR H 1 -18.22 34.11 -2.05
O PYR H 1 -18.17 33.28 -2.96
CA PYR H 1 -17.84 35.56 -2.40
O3 PYR H 1 -17.87 35.90 -3.56
CB PYR H 1 -17.40 36.46 -1.27
N THR H 2 -18.24 33.53 -0.74
CA THR H 2 -18.63 32.17 -0.50
C THR H 2 -19.57 32.18 0.71
N HIS H 3 -20.30 31.10 0.95
CA HIS H 3 -21.23 31.12 2.07
C HIS H 3 -21.56 29.69 2.47
N CYS H 4 -21.90 29.53 3.75
CA CYS H 4 -22.37 28.26 4.28
C CYS H 4 -23.82 28.37 4.73
N LEU H 5 -24.53 27.25 4.61
CA LEU H 5 -25.83 27.04 5.23
C LEU H 5 -25.68 25.89 6.19
N ILE H 6 -26.19 26.04 7.41
CA ILE H 6 -25.98 25.08 8.48
C ILE H 6 -27.34 24.58 8.97
N PHE H 7 -27.49 23.26 9.09
CA PHE H 7 -28.75 22.64 9.46
C PHE H 7 -28.54 21.72 10.65
N GLN H 8 -29.54 21.64 11.53
CA GLN H 8 -29.41 20.79 12.69
C GLN H 8 -29.61 19.32 12.32
N ARG H 9 -29.04 18.46 13.15
CA ARG H 9 -29.00 17.03 12.89
C ARG H 9 -30.40 16.44 12.71
N ASP H 10 -31.34 16.82 13.60
CA ASP H 10 -32.68 16.25 13.52
C ASP H 10 -33.45 16.81 12.33
N ALA H 11 -33.13 18.03 11.90
CA ALA H 11 -33.78 18.58 10.72
C ALA H 11 -33.31 17.86 9.46
N VAL H 12 -32.03 17.51 9.40
CA VAL H 12 -31.48 16.81 8.24
C VAL H 12 -32.22 15.49 8.00
N LYS H 13 -32.67 14.82 9.07
CA LYS H 13 -33.43 13.59 8.90
C LYS H 13 -34.75 13.81 8.18
N LYS H 14 -35.30 15.02 8.20
CA LYS H 14 -36.58 15.30 7.57
C LYS H 14 -36.44 15.97 6.20
N LEU H 15 -35.21 16.20 5.72
CA LEU H 15 -34.98 16.97 4.51
C LEU H 15 -34.35 16.11 3.43
N GLN H 16 -34.79 16.35 2.20
CA GLN H 16 -34.15 15.78 1.01
C GLN H 16 -33.52 16.91 0.22
N PHE H 17 -32.20 16.98 0.22
CA PHE H 17 -31.50 18.01 -0.54
C PHE H 17 -31.41 17.60 -2.01
N ILE H 18 -31.36 18.61 -2.87
CA ILE H 18 -31.15 18.31 -4.29
C ILE H 18 -29.76 17.69 -4.48
N PRO H 19 -29.59 16.74 -5.41
CA PRO H 19 -28.28 16.07 -5.54
C PRO H 19 -27.14 16.98 -5.97
N LYS H 20 -27.42 18.02 -6.77
CA LYS H 20 -26.37 18.95 -7.16
C LYS H 20 -25.76 19.65 -5.95
N ALA H 21 -26.56 19.87 -4.90
CA ALA H 21 -26.01 20.47 -3.68
C ALA H 21 -25.41 19.42 -2.75
N GLN H 22 -26.06 18.26 -2.61
CA GLN H 22 -25.57 17.27 -1.67
C GLN H 22 -24.33 16.54 -2.18
N TYR H 23 -24.15 16.46 -3.49
CA TYR H 23 -23.01 15.80 -4.12
C TYR H 23 -22.34 16.81 -5.06
N PRO H 24 -21.66 17.81 -4.49
CA PRO H 24 -21.29 18.99 -5.27
C PRO H 24 -20.42 18.69 -6.48
N GLU H 25 -19.68 17.59 -6.51
CA GLU H 25 -18.86 17.28 -7.68
CA GLU H 25 -18.86 17.33 -7.69
C GLU H 25 -19.70 17.10 -8.94
N ILE H 26 -20.99 16.82 -8.79
CA ILE H 26 -21.80 16.64 -10.00
C ILE H 26 -22.28 17.97 -10.57
N ALA H 27 -22.16 19.06 -9.82
CA ALA H 27 -22.70 20.34 -10.28
C ALA H 27 -21.86 20.90 -11.42
N THR H 28 -22.54 21.49 -12.41
CA THR H 28 -21.84 22.13 -13.53
C THR H 28 -22.17 23.61 -13.68
N THR H 29 -23.18 24.12 -12.97
CA THR H 29 -23.59 25.51 -13.10
C THR H 29 -23.96 26.04 -11.72
N ASN H 30 -24.17 27.36 -11.64
CA ASN H 30 -24.83 27.96 -10.49
C ASN H 30 -26.19 27.30 -10.27
N LEU H 31 -26.59 27.25 -9.00
CA LEU H 31 -27.99 27.07 -8.65
C LEU H 31 -28.67 28.44 -8.59
N ALA H 32 -29.92 28.49 -9.03
CA ALA H 32 -30.66 29.74 -9.04
C ALA H 32 -31.08 30.12 -7.62
N VAL H 33 -30.82 31.37 -7.24
CA VAL H 33 -31.31 31.86 -5.96
C VAL H 33 -32.82 31.73 -5.94
N ASN H 34 -33.37 31.40 -4.78
CA ASN H 34 -34.80 31.20 -4.52
C ASN H 34 -35.30 29.87 -5.08
N SER H 35 -34.50 29.13 -5.86
CA SER H 35 -34.92 27.81 -6.33
C SER H 35 -34.72 26.77 -5.24
N GLU H 36 -35.28 25.57 -5.47
CA GLU H 36 -35.31 24.53 -4.44
C GLU H 36 -33.91 24.11 -4.02
N LEU H 37 -33.71 23.96 -2.71
CA LEU H 37 -32.47 23.41 -2.18
C LEU H 37 -32.72 22.15 -1.37
N ALA H 38 -33.71 22.15 -0.49
CA ALA H 38 -34.13 20.95 0.19
C ALA H 38 -35.64 20.99 0.40
N LYS H 39 -36.26 19.83 0.39
CA LYS H 39 -37.70 19.72 0.62
C LYS H 39 -37.96 18.77 1.78
N LEU H 40 -39.08 18.98 2.47
CA LEU H 40 -39.47 18.07 3.54
C LEU H 40 -39.95 16.76 2.95
N THR H 41 -39.56 15.65 3.58
CA THR H 41 -40.02 14.33 3.16
C THR H 41 -41.15 13.80 4.05
C1 PEG I . -10.24 -1.03 -20.24
O1 PEG I . -11.38 -0.78 -19.44
C2 PEG I . -10.43 -0.43 -21.61
O2 PEG I . -9.22 -0.19 -22.30
C3 PEG I . -9.20 1.01 -23.06
C4 PEG I . -7.87 1.21 -23.76
O4 PEG I . -7.46 2.57 -23.86
C1 PEG J . -20.67 -22.45 -14.63
O1 PEG J . -22.05 -22.76 -14.79
C2 PEG J . -19.88 -23.54 -15.28
O2 PEG J . -20.48 -24.75 -14.87
C3 PEG J . -20.05 -25.84 -15.63
C4 PEG J . -19.97 -27.08 -14.79
O4 PEG J . -18.94 -27.87 -15.29
C1 EDO K . 0.70 5.46 -18.79
O1 EDO K . 1.90 5.01 -18.17
C2 EDO K . -0.50 5.03 -17.99
O2 EDO K . -0.70 3.61 -18.04
C1 EDO L . -34.51 -7.73 -16.24
O1 EDO L . -33.99 -7.37 -17.49
C2 EDO L . -35.80 -6.98 -16.00
O2 EDO L . -35.89 -6.61 -14.63
C1 EDO M . -20.61 8.17 -15.16
O1 EDO M . -21.64 8.79 -15.91
C2 EDO M . -19.33 8.88 -15.45
O2 EDO M . -19.45 10.24 -15.07
C1 EDO N . -23.54 -13.04 -13.87
O1 EDO N . -22.17 -12.93 -14.23
C2 EDO N . -23.65 -13.66 -12.51
O2 EDO N . -22.66 -13.05 -11.69
C1 EDO O . -7.22 7.07 -25.45
O1 EDO O . -8.20 6.83 -24.47
C2 EDO O . -7.87 7.30 -26.78
O2 EDO O . -8.16 8.65 -26.94
C1 EDO P . -19.83 6.72 -20.10
O1 EDO P . -21.16 6.31 -19.91
C2 EDO P . -19.06 5.62 -20.78
O2 EDO P . -19.54 5.38 -22.08
C1 EDO Q . -19.09 10.75 -19.79
O1 EDO Q . -19.67 10.23 -18.61
C2 EDO Q . -19.51 12.18 -19.98
O2 EDO Q . -20.92 12.25 -19.87
C1 EDO R . 3.19 -5.11 -14.29
O1 EDO R . 4.55 -4.74 -14.33
C2 EDO R . 2.71 -5.53 -15.66
O2 EDO R . 3.37 -6.69 -16.11
C1 EDO S . -0.58 -29.34 -8.94
O1 EDO S . -1.07 -30.60 -8.52
C2 EDO S . -1.73 -28.47 -9.40
O2 EDO S . -1.28 -27.13 -9.51
C1 EDO T . -17.87 11.04 3.77
O1 EDO T . -17.22 11.10 5.02
C2 EDO T . -17.67 12.32 3.01
O2 EDO T . -16.30 12.46 2.68
C1 EDO U . -25.00 2.41 -41.98
O1 EDO U . -23.69 1.91 -41.78
C2 EDO U . -26.06 1.53 -41.35
O2 EDO U . -26.27 0.28 -41.98
C1 EDO V . -29.17 -13.95 -41.34
O1 EDO V . -29.50 -12.59 -41.60
C2 EDO V . -27.78 -14.05 -40.74
O2 EDO V . -26.85 -13.40 -41.59
C1 EDO W . -21.42 -12.01 -46.90
O1 EDO W . -21.87 -10.70 -46.71
C2 EDO W . -20.13 -11.99 -47.69
O2 EDO W . -19.08 -11.53 -46.85
C1 EDO X . 7.75 -11.83 -17.24
O1 EDO X . 7.00 -12.96 -17.65
C2 EDO X . 9.04 -12.25 -16.56
O2 EDO X . 9.00 -11.96 -15.18
C1 EDO Y . -3.28 9.94 -20.37
O1 EDO Y . -4.63 9.65 -20.76
C2 EDO Y . -2.77 8.97 -19.32
O2 EDO Y . -1.61 8.22 -19.68
C1 EDO Z . -18.08 -11.74 -6.57
O1 EDO Z . -17.68 -11.82 -5.22
C2 EDO Z . -16.92 -11.38 -7.47
O2 EDO Z . -17.16 -11.73 -8.83
C1 EDO AA . 0.02 7.72 -3.55
O1 EDO AA . -0.42 7.78 -2.20
C2 EDO AA . -1.04 8.32 -4.46
O2 EDO AA . -0.66 9.62 -4.86
C1 EDO BA . -28.69 4.54 -3.08
O1 EDO BA . -30.03 4.83 -2.78
C2 EDO BA . -28.13 3.59 -2.04
O2 EDO BA . -27.97 4.24 -0.79
C1 EDO CA . 0.84 16.08 -10.32
O1 EDO CA . 1.38 17.38 -10.31
C2 EDO CA . -0.44 16.04 -11.12
O2 EDO CA . -0.20 16.41 -12.46
C1 EDO DA . -9.31 -26.29 -2.32
O1 EDO DA . -10.05 -27.05 -3.24
C2 EDO DA . -7.83 -26.43 -2.56
O2 EDO DA . -7.42 -27.78 -2.60
C1 EDO EA . -1.20 -33.72 -27.21
O1 EDO EA . -2.02 -34.86 -27.42
C2 EDO EA . -0.12 -33.64 -28.26
O2 EDO EA . -0.69 -33.52 -29.55
C1 EDO FA . -13.51 3.08 -27.01
O1 EDO FA . -13.75 4.00 -28.06
C2 EDO FA . -12.40 2.11 -27.32
O2 EDO FA . -12.74 1.39 -28.49
C1 EDO GA . -12.85 4.19 -35.41
O1 EDO GA . -12.85 4.61 -36.77
C2 EDO GA . -12.93 2.69 -35.28
O2 EDO GA . -12.72 2.34 -33.93
C1 EDO HA . -24.23 9.64 -13.73
O1 EDO HA . -23.18 10.12 -14.54
C2 EDO HA . -25.54 10.11 -14.30
O2 EDO HA . -25.77 9.49 -15.54
C1 EDO IA . 1.10 2.70 -23.18
O1 EDO IA . -0.07 2.23 -22.53
C2 EDO IA . 1.72 3.83 -22.40
O2 EDO IA . 2.60 3.39 -21.38
C1 EDO JA . 9.88 -18.82 -8.58
O1 EDO JA . 9.54 -18.60 -7.23
C2 EDO JA . 9.01 -17.98 -9.48
O2 EDO JA . 9.54 -17.97 -10.78
C1 EDO KA . -15.68 10.42 10.21
O1 EDO KA . -16.98 9.89 10.05
C2 EDO KA . -14.99 10.47 8.87
O2 EDO KA . -15.59 11.46 8.08
C1 EDO LA . -8.49 -8.74 0.53
O1 EDO LA . -7.19 -8.88 1.09
C2 EDO LA . -9.37 -9.97 0.62
O2 EDO LA . -10.69 -9.75 1.12
C1 EDO MA . -8.86 -4.63 4.18
O1 EDO MA . -7.56 -4.58 3.63
C2 EDO MA . -9.81 -5.01 3.10
O2 EDO MA . -9.94 -6.42 3.04
C1 EDO NA . 0.51 -6.27 -8.17
O1 EDO NA . 1.06 -5.06 -8.62
C2 EDO NA . -0.38 -5.91 -7.03
O2 EDO NA . 0.02 -4.64 -6.57
C1 EDO OA . -6.93 22.40 -10.02
O1 EDO OA . -6.32 21.88 -8.86
C2 EDO OA . -8.31 22.91 -9.75
O2 EDO OA . -9.24 21.89 -10.07
C1 EDO PA . 3.13 -1.79 -34.13
O1 EDO PA . 2.42 -0.67 -33.66
C2 EDO PA . 3.25 -1.79 -35.63
O2 EDO PA . 3.58 -3.07 -36.16
C1 EDO QA . 6.99 -15.13 -28.17
O1 EDO QA . 6.93 -15.40 -26.78
C2 EDO QA . 7.17 -13.65 -28.36
O2 EDO QA . 5.92 -13.03 -28.23
C1 EDO RA . -7.08 -13.02 -39.98
O1 EDO RA . -6.35 -14.08 -39.37
C2 EDO RA . -6.65 -11.68 -39.42
O2 EDO RA . -7.72 -10.80 -39.15
C1 PEG SA . 48.56 -12.02 1.27
O1 PEG SA . 49.77 -12.03 0.54
C2 PEG SA . 47.41 -11.50 0.45
O2 PEG SA . 47.38 -10.10 0.34
C3 PEG SA . 47.30 -9.66 -1.00
C4 PEG SA . 45.91 -9.14 -1.30
O4 PEG SA . 45.67 -8.03 -0.46
C1 PEG TA . 43.48 -26.01 20.38
O1 PEG TA . 42.23 -25.34 20.43
C2 PEG TA . 43.55 -26.94 19.20
O2 PEG TA . 44.51 -27.95 19.39
C3 PEG TA . 45.60 -27.91 18.49
C4 PEG TA . 46.48 -29.12 18.68
O4 PEG TA . 45.88 -30.29 18.17
C1 PEG UA . 34.62 -5.76 11.33
O1 PEG UA . 33.31 -6.23 11.07
C2 PEG UA . 34.66 -4.28 11.64
O2 PEG UA . 34.93 -3.53 10.48
C3 PEG UA . 35.76 -2.42 10.68
C4 PEG UA . 37.17 -2.85 11.05
O4 PEG UA . 38.14 -1.96 10.54
C1 PEG VA . 32.53 -37.82 -17.59
O1 PEG VA . 31.17 -38.05 -17.35
C2 PEG VA . 33.06 -37.05 -16.40
O2 PEG VA . 34.42 -36.75 -16.55
C3 PEG VA . 34.66 -35.44 -17.00
C4 PEG VA . 33.89 -34.43 -16.17
O4 PEG VA . 34.09 -34.69 -14.80
C1 EDO WA . 22.36 -9.98 -11.98
O1 EDO WA . 21.91 -8.84 -11.27
C2 EDO WA . 22.88 -9.51 -13.30
O2 EDO WA . 23.47 -8.24 -13.09
C1 EDO XA . 41.12 -27.47 -13.91
O1 EDO XA . 40.41 -26.32 -14.30
C2 EDO XA . 41.11 -27.53 -12.40
O2 EDO XA . 39.87 -27.03 -11.94
C1 EDO YA . 26.47 -5.71 1.64
O1 EDO YA . 26.08 -6.90 1.00
C2 EDO YA . 25.40 -5.24 2.60
O2 EDO YA . 24.23 -4.90 1.89
C1 EDO ZA . 15.71 -29.01 -20.67
O1 EDO ZA . 15.49 -27.61 -20.77
C2 EDO ZA . 15.10 -29.73 -21.84
O2 EDO ZA . 13.72 -29.47 -21.89
C1 EDO AB . 14.52 -21.64 -23.42
O1 EDO AB . 15.54 -22.61 -23.62
C2 EDO AB . 14.44 -20.76 -24.65
O2 EDO AB . 13.13 -20.24 -24.78
C1 EDO BB . 43.40 -13.34 2.94
O1 EDO BB . 43.48 -14.68 3.37
C2 EDO BB . 44.27 -13.10 1.72
O2 EDO BB . 45.65 -13.31 1.97
C1 EDO CB . 32.53 -15.06 0.35
O1 EDO CB . 31.69 -16.05 0.91
C2 EDO CB . 33.10 -15.43 -0.99
O2 EDO CB . 34.37 -14.83 -1.13
C1 EDO DB . 19.54 -12.01 -4.95
O1 EDO DB . 18.40 -12.84 -5.03
C2 EDO DB . 19.49 -10.88 -5.96
O2 EDO DB . 18.52 -9.90 -5.60
C1 EDO EB . 54.44 -24.00 -9.49
O1 EDO EB . 55.56 -23.37 -10.07
C2 EDO EB . 54.86 -24.99 -8.42
O2 EDO EB . 55.30 -24.31 -7.27
C1 EDO FB . 26.13 -17.73 3.33
O1 EDO FB . 25.10 -18.39 4.07
C2 EDO FB . 26.79 -16.67 4.17
O2 EDO FB . 28.16 -16.59 3.86
C1 EDO GB . 12.87 -16.85 -19.12
O1 EDO GB . 11.52 -16.73 -19.49
C2 EDO GB . 13.09 -18.22 -18.52
O2 EDO GB . 13.32 -19.15 -19.55
C1 EDO HB . 31.68 13.65 3.81
O1 EDO HB . 31.71 12.70 2.77
C2 EDO HB . 32.97 13.60 4.60
O2 EDO HB . 34.06 13.88 3.75
C1 EDO IB . 31.20 6.05 1.11
O1 EDO IB . 30.36 5.99 2.25
C2 EDO IB . 30.83 7.18 0.19
O2 EDO IB . 30.72 6.68 -1.13
C1 EDO JB . 46.67 2.23 -16.17
O1 EDO JB . 47.19 2.89 -15.04
C2 EDO JB . 46.52 3.25 -17.28
O2 EDO JB . 46.18 2.61 -18.48
C1 EDO KB . 45.30 -8.68 4.61
O1 EDO KB . 45.81 -7.42 4.24
C2 EDO KB . 45.68 -9.70 3.55
O2 EDO KB . 47.02 -9.51 3.16
C1 EDO LB . 45.43 -9.17 3.63
O1 EDO LB . 45.67 -8.56 2.37
C2 EDO LB . 46.73 -9.27 4.37
O2 EDO LB . 47.59 -10.16 3.68
C1 EDO MB . 37.11 -15.94 8.60
O1 EDO MB . 36.68 -16.07 9.94
C2 EDO MB . 36.46 -17.00 7.73
O2 EDO MB . 35.28 -16.46 7.15
C1 EDO NB . 59.32 -18.63 -4.32
O1 EDO NB . 60.48 -18.31 -3.60
C2 EDO NB . 58.17 -18.88 -3.38
O2 EDO NB . 57.81 -17.70 -2.69
C1 EDO OB . 51.45 -13.91 4.94
O1 EDO OB . 50.90 -13.00 4.00
C2 EDO OB . 52.68 -14.54 4.36
O2 EDO OB . 53.57 -14.93 5.38
C1 EDO PB . 50.44 -12.50 9.20
O1 EDO PB . 51.47 -13.07 8.42
C2 EDO PB . 49.76 -13.63 9.92
O2 EDO PB . 48.71 -13.19 10.75
C1 EDO QB . 23.88 -29.27 17.59
O1 EDO QB . 23.56 -30.20 16.57
C2 EDO QB . 25.02 -28.40 17.12
O2 EDO QB . 24.65 -27.74 15.93
C1 EDO RB . 45.58 -36.54 13.16
O1 EDO RB . 44.65 -36.43 14.22
C2 EDO RB . 45.51 -37.93 12.55
O2 EDO RB . 46.36 -38.02 11.43
C1 EDO SB . 34.70 -39.53 19.00
O1 EDO SB . 34.06 -39.24 17.78
C2 EDO SB . 35.96 -40.34 18.77
O2 EDO SB . 36.58 -39.94 17.56
C1 EDO TB . 24.13 -45.97 6.94
O1 EDO TB . 22.96 -46.32 6.23
C2 EDO TB . 23.75 -45.75 8.39
O2 EDO TB . 24.84 -45.31 9.15
C1 EDO UB . 7.92 -21.07 -10.74
O1 EDO UB . 7.22 -20.58 -9.61
C2 EDO UB . 8.73 -22.26 -10.33
O2 EDO UB . 8.08 -23.45 -10.71
C1 EDO VB . 11.39 -16.51 -6.00
O1 EDO VB . 11.56 -15.17 -6.39
C2 EDO VB . 12.68 -17.19 -5.65
O2 EDO VB . 12.43 -18.22 -4.70
C1 EDO WB . 7.83 -25.18 -17.48
O1 EDO WB . 8.34 -26.23 -18.28
C2 EDO WB . 8.09 -25.46 -16.02
O2 EDO WB . 9.47 -25.47 -15.80
C1 EDO XB . 27.68 -19.02 12.38
O1 EDO XB . 28.43 -20.11 12.87
C2 EDO XB . 28.27 -18.52 11.08
O2 EDO XB . 29.57 -18.03 11.29
C1 EDO YB . 37.45 -34.31 -13.63
O1 EDO YB . 36.29 -35.04 -13.34
C2 EDO YB . 38.09 -33.82 -12.35
O2 EDO YB . 37.17 -33.23 -11.46
C1 EDO ZB . 18.95 -14.86 -1.42
O1 EDO ZB . 19.34 -14.19 -2.62
C2 EDO ZB . 20.00 -15.87 -1.04
O2 EDO ZB . 19.81 -16.30 0.30
C1 EDO AC . 41.79 -36.19 -6.71
O1 EDO AC . 42.63 -35.14 -6.26
C2 EDO AC . 41.88 -36.33 -8.21
O2 EDO AC . 40.71 -36.93 -8.72
C1 EDO BC . 29.14 -10.48 -21.14
O1 EDO BC . 28.76 -10.39 -22.49
C2 EDO BC . 30.00 -9.30 -20.70
O2 EDO BC . 31.39 -9.47 -20.86
C1 EDO CC . 32.24 -6.48 6.07
O1 EDO CC . 31.91 -7.49 7.01
C2 EDO CC . 32.11 -5.07 6.58
O2 EDO CC . 31.34 -4.29 5.67
C1 EDO DC . 60.01 -15.56 -6.17
O1 EDO DC . 59.29 -14.89 -5.16
C2 EDO DC . 59.07 -16.00 -7.27
O2 EDO DC . 59.68 -15.82 -8.53
C1 EDO EC . 11.08 -22.48 2.93
O1 EDO EC . 12.48 -22.39 3.07
C2 EDO EC . 10.72 -23.79 2.28
O2 EDO EC . 10.96 -23.72 0.89
C1 PEG FC . 6.27 -3.09 24.02
O1 PEG FC . 7.58 -2.61 23.85
C2 PEG FC . 5.35 -2.47 23.01
O2 PEG FC . 4.24 -3.32 22.79
C3 PEG FC . 4.06 -3.70 21.44
C4 PEG FC . 4.24 -5.18 21.28
O4 PEG FC . 5.26 -5.43 20.34
C1 PEG GC . 5.28 -4.41 26.33
O1 PEG GC . 6.47 -4.66 27.03
C2 PEG GC . 5.40 -4.78 24.88
O2 PEG GC . 4.15 -4.80 24.21
C3 PEG GC . 4.31 -4.42 22.86
C4 PEG GC . 3.49 -5.25 21.91
O4 PEG GC . 4.30 -6.30 21.41
C1 EDO HC . 5.71 -18.49 -5.92
O1 EDO HC . 6.91 -19.19 -5.74
C2 EDO HC . 4.89 -19.13 -7.01
O2 EDO HC . 4.31 -20.34 -6.55
C1 EDO IC . 26.61 -0.18 2.41
O1 EDO IC . 26.28 -1.55 2.50
C2 EDO IC . 25.60 0.63 3.18
O2 EDO IC . 24.35 0.58 2.52
C1 EDO JC . -2.19 4.45 8.68
O1 EDO JC . -3.32 4.87 9.40
C2 EDO JC . -2.58 3.43 7.65
O2 EDO JC . -3.58 2.65 8.24
C1 EDO KC . -25.03 6.45 16.37
O1 EDO KC . -25.22 7.85 16.36
C2 EDO KC . -23.74 6.10 17.09
O2 EDO KC . -22.66 6.76 16.46
C1 EDO LC . 11.20 4.74 15.25
O1 EDO LC . 10.52 5.85 14.72
C2 EDO LC . 10.35 3.48 15.12
O2 EDO LC . 9.05 3.70 15.63
C1 EDO MC . 17.95 0.83 5.51
O1 EDO MC . 17.16 -0.14 4.86
C2 EDO MC . 18.88 0.16 6.48
O2 EDO MC . 19.26 1.09 7.48
C1 EDO NC . 10.74 -14.49 22.91
O1 EDO NC . 10.03 -15.68 23.02
C2 EDO NC . 9.85 -13.34 23.29
O2 EDO NC . 9.78 -13.25 24.69
C1 EDO OC . 5.32 2.19 25.41
O1 EDO OC . 6.72 2.10 25.22
C2 EDO OC . 4.83 3.58 25.08
O2 EDO OC . 3.42 3.60 25.07
C1 EDO PC . -2.47 -27.82 25.28
O1 EDO PC . -1.23 -28.22 25.84
C2 EDO PC . -3.32 -29.03 24.99
O2 EDO PC . -4.17 -29.32 26.09
C1 EDO QC . -10.26 -15.92 23.57
O1 EDO QC . -10.07 -14.53 23.44
C2 EDO QC . -11.37 -16.32 22.63
O2 EDO QC . -11.18 -15.62 21.41
C1 EDO RC . -9.20 -19.85 25.56
O1 EDO RC . -8.64 -18.62 26.02
C2 EDO RC . -8.28 -20.59 24.61
O2 EDO RC . -7.23 -21.26 25.30
C1 EDO SC . 12.02 5.63 7.32
O1 EDO SC . 10.87 6.20 7.90
C2 EDO SC . 12.20 4.21 7.84
O2 EDO SC . 11.99 3.24 6.83
C1 EDO TC . -21.30 -10.57 27.17
O1 EDO TC . -22.22 -9.53 27.44
C2 EDO TC . -20.05 -10.05 26.50
O2 EDO TC . -19.13 -11.10 26.32
C1 EDO UC . -10.94 -20.97 6.24
O1 EDO UC . -10.00 -21.76 6.94
C2 EDO UC . -10.37 -19.61 6.03
O2 EDO UC . -11.38 -18.71 5.61
C1 EDO VC . -0.16 8.16 15.04
O1 EDO VC . -1.12 9.06 15.55
C2 EDO VC . -0.25 8.06 13.53
O2 EDO VC . 0.35 9.21 12.95
C1 EDO WC . -5.88 15.24 15.38
O1 EDO WC . -5.78 14.77 14.04
C2 EDO WC . -5.43 14.19 16.36
O2 EDO WC . -6.28 14.14 17.49
C1 EDO XC . 11.80 -19.90 21.99
O1 EDO XC . 11.80 -20.75 20.86
C2 EDO XC . 10.67 -18.91 21.93
O2 EDO XC . 11.14 -17.63 21.51
C1 EDO YC . 1.49 -28.41 9.05
O1 EDO YC . 0.77 -27.24 8.74
C2 EDO YC . 2.70 -28.06 9.87
O2 EDO YC . 2.26 -27.36 11.02
C1 EDO ZC . -11.02 -12.96 41.31
O1 EDO ZC . -9.75 -12.33 41.14
C2 EDO ZC . -12.11 -12.14 40.66
O2 EDO ZC . -12.25 -10.88 41.30
C1 EDO AD . 1.36 -3.18 52.39
O1 EDO AD . 2.74 -2.94 52.45
C2 EDO AD . 1.09 -4.66 52.21
O2 EDO AD . 2.29 -5.38 52.42
C1 EDO BD . -9.91 -15.81 -4.43
O1 EDO BD . -9.57 -14.74 -3.57
C2 EDO BD . -8.96 -16.98 -4.26
O2 EDO BD . -8.10 -17.12 -5.38
C1 EDO CD . 16.71 -11.56 43.23
O1 EDO CD . 17.76 -10.83 42.64
C2 EDO CD . 15.37 -10.97 42.87
O2 EDO CD . 14.89 -10.10 43.88
C1 EDO DD . 12.17 -13.31 46.17
O1 EDO DD . 10.75 -13.46 46.21
C2 EDO DD . 12.64 -12.71 44.87
O2 EDO DD . 12.47 -11.32 44.87
C1 EDO ED . -12.11 4.04 49.97
O1 EDO ED . -10.73 3.76 49.83
C2 EDO ED . -12.76 4.10 48.61
O2 EDO ED . -13.96 4.84 48.66
C1 EDO FD . -15.45 1.04 47.61
O1 EDO FD . -14.41 0.36 46.92
C2 EDO FD . -15.68 2.42 47.04
O2 EDO FD . -16.98 2.53 46.50
C1 EDO GD . 2.09 -7.30 -4.44
O1 EDO GD . 3.24 -7.13 -5.25
C2 EDO GD . 1.97 -6.08 -3.56
O2 EDO GD . 0.78 -6.12 -2.81
C1 EDO HD . 18.01 -18.33 14.58
O1 EDO HD . 17.37 -19.61 14.70
C2 EDO HD . 18.68 -18.09 13.24
O2 EDO HD . 19.36 -16.84 13.20
C1 EDO ID . -3.21 -15.96 39.04
O1 EDO ID . -1.95 -16.56 39.33
C2 EDO ID . -4.08 -16.86 38.20
O2 EDO ID . -4.29 -18.09 38.85
C1 EDO JD . 14.57 1.31 12.92
O1 EDO JD . 13.29 1.52 13.53
C2 EDO JD . 15.04 -0.11 12.81
O2 EDO JD . 15.84 -0.54 13.92
C1 EDO KD . 14.34 0.77 16.37
O1 EDO KD . 13.84 2.10 16.43
C2 EDO KD . 15.41 0.42 17.38
O2 EDO KD . 15.16 -0.83 18.06
C1 EDO LD . 15.26 5.30 11.09
O1 EDO LD . 14.67 6.58 10.99
C2 EDO LD . 14.19 4.30 11.44
O2 EDO LD . 13.90 4.34 12.83
C1 EDO MD . -10.61 -8.60 11.60
O1 EDO MD . -9.67 -8.31 10.57
C2 EDO MD . -11.80 -7.66 11.51
O2 EDO MD . -11.41 -6.43 10.94
C1 EDO ND . 8.76 12.84 31.29
O1 EDO ND . 9.74 12.06 30.61
C2 EDO ND . 9.35 13.67 32.40
O2 EDO ND . 8.39 14.08 33.37
C1 EDO OD . -3.59 17.15 27.31
O1 EDO OD . -3.01 15.87 27.42
C2 EDO OD . -5.05 17.07 27.69
O2 EDO OD . -5.85 17.09 26.51
C1 EDO PD . -0.01 5.96 41.07
O1 EDO PD . 1.36 5.70 40.89
C2 EDO PD . -0.31 6.99 42.15
O2 EDO PD . -1.53 7.65 41.82
C1 PEG QD . -27.39 41.68 16.13
O1 PEG QD . -27.41 41.55 17.54
C2 PEG QD . -26.16 42.45 15.72
O2 PEG QD . -26.02 42.47 14.32
C3 PEG QD . -24.67 42.58 13.95
C4 PEG QD . -24.57 43.46 12.73
O4 PEG QD . -24.92 44.76 13.12
C1 PEG RD . -5.19 44.16 -14.87
O1 PEG RD . -5.69 45.27 -15.57
C2 PEG RD . -5.06 44.46 -13.39
O2 PEG RD . -4.03 45.36 -13.08
C3 PEG RD . -3.29 45.05 -11.90
C4 PEG RD . -4.06 45.37 -10.64
O4 PEG RD . -4.02 46.77 -10.41
C1 EDO SD . -8.70 44.02 -12.66
O1 EDO SD . -8.94 45.31 -12.14
C2 EDO SD . -9.65 43.03 -12.07
O2 EDO SD . -10.92 43.17 -12.67
C1 EDO TD . -10.91 36.11 -5.45
O1 EDO TD . -9.58 35.71 -5.71
C2 EDO TD . -11.73 34.87 -5.66
O2 EDO TD . -10.83 33.82 -5.39
C1 EDO UD . -27.94 43.77 -23.33
O1 EDO UD . -28.35 42.41 -23.31
C2 EDO UD . -29.13 44.69 -23.49
O2 EDO UD . -30.01 44.63 -22.38
C1 EDO VD . 8.95 29.16 -0.35
O1 EDO VD . 10.01 29.98 0.11
C2 EDO VD . 8.03 29.91 -1.29
O2 EDO VD . 8.63 30.04 -2.56
C1 EDO WD . -2.48 26.97 7.56
O1 EDO WD . -1.59 27.44 6.57
C2 EDO WD . -3.16 25.81 6.94
O2 EDO WD . -2.83 25.86 5.56
C1 EDO XD . -11.12 48.42 -20.70
O1 EDO XD . -11.36 47.01 -20.69
C2 EDO XD . -10.23 48.88 -19.59
O2 EDO XD . -9.36 49.91 -20.05
C1 EDO YD . -0.91 35.80 14.43
O1 EDO YD . 0.31 36.34 14.89
C2 EDO YD . -0.56 34.55 13.67
O2 EDO YD . 0.30 34.88 12.62
C1 EDO ZD . -7.73 22.17 1.52
O1 EDO ZD . -8.58 21.21 2.14
C2 EDO ZD . -6.40 22.25 2.22
O2 EDO ZD . -5.80 20.98 2.24
C1 EDO AE . -21.03 14.04 -0.23
O1 EDO AE . -20.96 15.36 -0.73
C2 EDO AE . -20.66 14.04 1.23
O2 EDO AE . -21.76 14.50 1.99
C1 EDO BE . -39.99 35.62 -16.05
O1 EDO BE . -40.14 35.13 -17.36
C2 EDO BE . -40.46 37.05 -15.95
O2 EDO BE . -39.77 37.85 -16.88
C1 EDO CE . -10.01 20.90 17.60
O1 EDO CE . -10.68 21.51 18.70
C2 EDO CE . -8.60 20.60 17.98
O2 EDO CE . -8.51 19.32 18.55
C1 EDO DE . -20.69 30.02 -17.98
O1 EDO DE . -19.63 30.92 -17.77
C2 EDO DE . -21.81 30.72 -18.69
O2 EDO DE . -21.25 31.55 -19.69
C1 EDO EE . -10.33 57.22 5.88
O1 EDO EE . -9.64 58.15 5.08
C2 EDO EE . -9.56 55.93 5.96
O2 EDO EE . -10.06 55.14 7.01
C1 EDO FE . -3.34 24.51 -8.93
O1 EDO FE . -3.08 23.44 -8.03
C2 EDO FE . -3.35 25.86 -8.24
O2 EDO FE . -4.34 25.91 -7.22
C1 EDO GE . 7.99 28.03 -12.49
O1 EDO GE . 7.84 27.40 -13.74
C2 EDO GE . 9.44 28.10 -12.07
O2 EDO GE . 9.49 28.34 -10.67
C1 EDO HE . -9.72 59.52 -10.85
O1 EDO HE . -9.89 58.12 -10.85
C2 EDO HE . -10.38 60.11 -9.62
O2 EDO HE . -10.02 61.47 -9.48
C1 EDO IE . -43.59 28.96 -2.86
O1 EDO IE . -43.47 30.00 -3.79
C2 EDO IE . -43.36 29.44 -1.45
O2 EDO IE . -43.56 28.37 -0.56
C1 EDO JE . -12.80 16.24 6.58
O1 EDO JE . -11.42 16.10 6.33
C2 EDO JE . -13.48 16.87 5.39
O2 EDO JE . -14.82 16.41 5.26
C1 EDO KE . -23.75 39.85 19.57
O1 EDO KE . -23.90 38.73 20.40
C2 EDO KE . -23.83 39.43 18.12
O2 EDO KE . -23.91 40.58 17.30
C1 EDO LE . 5.29 28.37 -17.94
O1 EDO LE . 5.69 29.67 -17.55
C2 EDO LE . 4.35 27.76 -16.91
O2 EDO LE . 3.08 28.36 -16.97
C1 EDO ME . -18.30 41.92 7.91
O1 EDO ME . -17.60 41.21 8.90
C2 EDO ME . -17.39 42.32 6.78
O2 EDO ME . -18.06 43.33 6.06
C1 EDO NE . -34.75 47.85 -15.56
O1 EDO NE . -35.39 47.41 -14.38
C2 EDO NE . -34.49 46.66 -16.46
O2 EDO NE . -35.64 46.32 -17.20
C1 EDO OE . -2.23 50.78 12.62
O1 EDO OE . -2.42 52.15 12.91
C2 EDO OE . -1.35 50.13 13.67
O2 EDO OE . -2.09 49.20 14.42
C1 EDO PE . -19.31 17.53 -14.08
O1 EDO PE . -18.14 18.12 -13.53
C2 EDO PE . -20.08 16.71 -13.08
O2 EDO PE . -21.33 16.26 -13.61
#